data_6DXH
# 
_entry.id   6DXH 
# 
_audit_conform.dict_name       mmcif_pdbx.dic 
_audit_conform.dict_version    5.397 
_audit_conform.dict_location   http://mmcif.pdb.org/dictionaries/ascii/mmcif_pdbx.dic 
# 
loop_
_database_2.database_id 
_database_2.database_code 
_database_2.pdbx_database_accession 
_database_2.pdbx_DOI 
PDB   6DXH         pdb_00006dxh 10.2210/pdb6dxh/pdb 
WWPDB D_1000235370 ?            ?                   
# 
loop_
_pdbx_audit_revision_history.ordinal 
_pdbx_audit_revision_history.data_content_type 
_pdbx_audit_revision_history.major_revision 
_pdbx_audit_revision_history.minor_revision 
_pdbx_audit_revision_history.revision_date 
1 'Structure model' 1 0 2018-07-18 
2 'Structure model' 1 1 2021-06-09 
3 'Structure model' 1 2 2023-10-11 
4 'Structure model' 1 3 2024-10-23 
# 
_pdbx_audit_revision_details.ordinal             1 
_pdbx_audit_revision_details.revision_ordinal    1 
_pdbx_audit_revision_details.data_content_type   'Structure model' 
_pdbx_audit_revision_details.provider            repository 
_pdbx_audit_revision_details.type                'Initial release' 
_pdbx_audit_revision_details.description         ? 
_pdbx_audit_revision_details.details             ? 
# 
loop_
_pdbx_audit_revision_group.ordinal 
_pdbx_audit_revision_group.revision_ordinal 
_pdbx_audit_revision_group.data_content_type 
_pdbx_audit_revision_group.group 
1 2 'Structure model' 'Database references'    
2 3 'Structure model' 'Data collection'        
3 3 'Structure model' 'Database references'    
4 3 'Structure model' 'Refinement description' 
5 4 'Structure model' 'Structure summary'      
# 
loop_
_pdbx_audit_revision_category.ordinal 
_pdbx_audit_revision_category.revision_ordinal 
_pdbx_audit_revision_category.data_content_type 
_pdbx_audit_revision_category.category 
1 2 'Structure model' citation                      
2 2 'Structure model' citation_author               
3 3 'Structure model' chem_comp_atom                
4 3 'Structure model' chem_comp_bond                
5 3 'Structure model' database_2                    
6 3 'Structure model' pdbx_initial_refinement_model 
7 4 'Structure model' pdbx_entry_details            
8 4 'Structure model' pdbx_modification_feature     
# 
loop_
_pdbx_audit_revision_item.ordinal 
_pdbx_audit_revision_item.revision_ordinal 
_pdbx_audit_revision_item.data_content_type 
_pdbx_audit_revision_item.item 
1  2 'Structure model' '_citation.country'                   
2  2 'Structure model' '_citation.journal_abbrev'            
3  2 'Structure model' '_citation.journal_id_ASTM'           
4  2 'Structure model' '_citation.journal_id_CSD'            
5  2 'Structure model' '_citation.journal_id_ISSN'           
6  2 'Structure model' '_citation.journal_volume'            
7  2 'Structure model' '_citation.page_first'                
8  2 'Structure model' '_citation.page_last'                 
9  2 'Structure model' '_citation.pdbx_database_id_DOI'      
10 2 'Structure model' '_citation.pdbx_database_id_PubMed'   
11 2 'Structure model' '_citation.title'                     
12 2 'Structure model' '_citation.year'                      
13 2 'Structure model' '_citation_author.identifier_ORCID'   
14 2 'Structure model' '_citation_author.name'               
15 3 'Structure model' '_database_2.pdbx_DOI'                
16 3 'Structure model' '_database_2.pdbx_database_accession' 
# 
_pdbx_database_status.status_code                     REL 
_pdbx_database_status.status_code_sf                  REL 
_pdbx_database_status.status_code_mr                  ? 
_pdbx_database_status.entry_id                        6DXH 
_pdbx_database_status.recvd_initial_deposition_date   2018-06-28 
_pdbx_database_status.SG_entry                        Y 
_pdbx_database_status.deposit_site                    RCSB 
_pdbx_database_status.process_site                    RCSB 
_pdbx_database_status.status_code_cs                  ? 
_pdbx_database_status.methods_development_category    ? 
_pdbx_database_status.pdb_format_compatible           Y 
_pdbx_database_status.status_code_nmr_data            ? 
# 
loop_
_audit_author.name 
_audit_author.pdbx_ordinal 
_audit_author.identifier_ORCID 
'Harding, R.J.'                        1  ? 
'Mann, M.K.'                           2  ? 
'Ravichandran, M.'                     3  ? 
'Ferreira de Freitas, R.'              4  ? 
'Franzoni, I.'                         5  ? 
'Bountra, C.'                          6  ? 
'Edwards, A.M.'                        7  ? 
'Arrowsmith, C.H.'                     8  ? 
'Schapira, M.'                         9  ? 
'Structural Genomics Consortium (SGC)' 10 ? 
# 
_citation.abstract                  ? 
_citation.abstract_id_CAS           ? 
_citation.book_id_ISBN              ? 
_citation.book_publisher            ? 
_citation.book_publisher_city       ? 
_citation.book_title                ? 
_citation.coordinate_linkage        ? 
_citation.country                   US 
_citation.database_id_Medline       ? 
_citation.details                   ? 
_citation.id                        primary 
_citation.journal_abbrev            J.Med.Chem. 
_citation.journal_id_ASTM           JMCMAR 
_citation.journal_id_CSD            0151 
_citation.journal_id_ISSN           0022-2623 
_citation.journal_full              ? 
_citation.journal_issue             ? 
_citation.journal_volume            62 
_citation.language                  ? 
_citation.page_first                10144 
_citation.page_last                 10155 
_citation.title                     'Discovery of Small Molecule Antagonists of the USP5 Zinc Finger Ubiquitin-Binding Domain.' 
_citation.year                      2019 
_citation.database_id_CSD           ? 
_citation.pdbx_database_id_DOI      10.1021/acs.jmedchem.9b00988 
_citation.pdbx_database_id_PubMed   31663737 
_citation.unpublished_flag          ? 
# 
loop_
_citation_author.citation_id 
_citation_author.name 
_citation_author.ordinal 
_citation_author.identifier_ORCID 
primary 'Mann, M.K.'       1  0000-0002-8252-6107 
primary 'Franzoni, I.'     2  0000-0001-8110-6218 
primary 'de Freitas, R.F.' 3  ?                   
primary 'Tempel, W.'       4  ?                   
primary 'Houliston, S.'    5  ?                   
primary 'Smith, L.'        6  ?                   
primary 'Vedadi, M.'       7  ?                   
primary 'Arrowsmith, C.H.' 8  0000-0002-4971-3250 
primary 'Harding, R.J.'    9  0000-0002-1134-391X 
primary 'Schapira, M.'     10 0000-0002-1047-3309 
# 
loop_
_entity.id 
_entity.type 
_entity.src_method 
_entity.pdbx_description 
_entity.formula_weight 
_entity.pdbx_number_of_molecules 
_entity.pdbx_ec 
_entity.pdbx_mutation 
_entity.pdbx_fragment 
_entity.details 
1 polymer     man 'Ubiquitin carboxyl-terminal hydrolase 5'   13535.199 1  3.4.19.12 ? 'UNP residues 171-290' ? 
2 non-polymer syn 'UNKNOWN ATOM OR ION'                       ?         7  ?         ? ?                      ? 
3 non-polymer syn 'ZINC ION'                                  65.409    1  ?         ? ?                      ? 
4 non-polymer syn '4-(4-tert-butylphenyl)-4-oxobutanoic acid' 234.291   1  ?         ? ?                      ? 
5 water       nat water                                       18.015    54 ?         ? ?                      ? 
# 
_entity_name_com.entity_id   1 
_entity_name_com.name        
'Deubiquitinating enzyme 5,Isopeptidase T,Ubiquitin thioesterase 5,Ubiquitin-specific-processing protease 5' 
# 
_entity_poly.entity_id                      1 
_entity_poly.type                           'polypeptide(L)' 
_entity_poly.nstd_linkage                   no 
_entity_poly.nstd_monomer                   no 
_entity_poly.pdbx_seq_one_letter_code       
;GGEVRQVSKHAFSLKQLDNPARIPPCGWKCSKCDMRENLWLNLTDGSILCGRRYFDGSGGNNHAVEHYRETGYPLAVKLG
TITPDGADVYSYDEDDMVLDPSLAEHLSHFGIDMLKMQKTD
;
_entity_poly.pdbx_seq_one_letter_code_can   
;GGEVRQVSKHAFSLKQLDNPARIPPCGWKCSKCDMRENLWLNLTDGSILCGRRYFDGSGGNNHAVEHYRETGYPLAVKLG
TITPDGADVYSYDEDDMVLDPSLAEHLSHFGIDMLKMQKTD
;
_entity_poly.pdbx_strand_id                 A 
_entity_poly.pdbx_target_identifier         ? 
# 
loop_
_pdbx_entity_nonpoly.entity_id 
_pdbx_entity_nonpoly.name 
_pdbx_entity_nonpoly.comp_id 
2 'UNKNOWN ATOM OR ION'                       UNX 
3 'ZINC ION'                                  ZN  
4 '4-(4-tert-butylphenyl)-4-oxobutanoic acid' HH4 
5 water                                       HOH 
# 
loop_
_entity_poly_seq.entity_id 
_entity_poly_seq.num 
_entity_poly_seq.mon_id 
_entity_poly_seq.hetero 
1 1   GLY n 
1 2   GLY n 
1 3   GLU n 
1 4   VAL n 
1 5   ARG n 
1 6   GLN n 
1 7   VAL n 
1 8   SER n 
1 9   LYS n 
1 10  HIS n 
1 11  ALA n 
1 12  PHE n 
1 13  SER n 
1 14  LEU n 
1 15  LYS n 
1 16  GLN n 
1 17  LEU n 
1 18  ASP n 
1 19  ASN n 
1 20  PRO n 
1 21  ALA n 
1 22  ARG n 
1 23  ILE n 
1 24  PRO n 
1 25  PRO n 
1 26  CYS n 
1 27  GLY n 
1 28  TRP n 
1 29  LYS n 
1 30  CYS n 
1 31  SER n 
1 32  LYS n 
1 33  CYS n 
1 34  ASP n 
1 35  MET n 
1 36  ARG n 
1 37  GLU n 
1 38  ASN n 
1 39  LEU n 
1 40  TRP n 
1 41  LEU n 
1 42  ASN n 
1 43  LEU n 
1 44  THR n 
1 45  ASP n 
1 46  GLY n 
1 47  SER n 
1 48  ILE n 
1 49  LEU n 
1 50  CYS n 
1 51  GLY n 
1 52  ARG n 
1 53  ARG n 
1 54  TYR n 
1 55  PHE n 
1 56  ASP n 
1 57  GLY n 
1 58  SER n 
1 59  GLY n 
1 60  GLY n 
1 61  ASN n 
1 62  ASN n 
1 63  HIS n 
1 64  ALA n 
1 65  VAL n 
1 66  GLU n 
1 67  HIS n 
1 68  TYR n 
1 69  ARG n 
1 70  GLU n 
1 71  THR n 
1 72  GLY n 
1 73  TYR n 
1 74  PRO n 
1 75  LEU n 
1 76  ALA n 
1 77  VAL n 
1 78  LYS n 
1 79  LEU n 
1 80  GLY n 
1 81  THR n 
1 82  ILE n 
1 83  THR n 
1 84  PRO n 
1 85  ASP n 
1 86  GLY n 
1 87  ALA n 
1 88  ASP n 
1 89  VAL n 
1 90  TYR n 
1 91  SER n 
1 92  TYR n 
1 93  ASP n 
1 94  GLU n 
1 95  ASP n 
1 96  ASP n 
1 97  MET n 
1 98  VAL n 
1 99  LEU n 
1 100 ASP n 
1 101 PRO n 
1 102 SER n 
1 103 LEU n 
1 104 ALA n 
1 105 GLU n 
1 106 HIS n 
1 107 LEU n 
1 108 SER n 
1 109 HIS n 
1 110 PHE n 
1 111 GLY n 
1 112 ILE n 
1 113 ASP n 
1 114 MET n 
1 115 LEU n 
1 116 LYS n 
1 117 MET n 
1 118 GLN n 
1 119 LYS n 
1 120 THR n 
1 121 ASP n 
# 
_entity_src_gen.entity_id                          1 
_entity_src_gen.pdbx_src_id                        1 
_entity_src_gen.pdbx_alt_source_flag               sample 
_entity_src_gen.pdbx_seq_type                      'Biological sequence' 
_entity_src_gen.pdbx_beg_seq_num                   1 
_entity_src_gen.pdbx_end_seq_num                   121 
_entity_src_gen.gene_src_common_name               Human 
_entity_src_gen.gene_src_genus                     ? 
_entity_src_gen.pdbx_gene_src_gene                 'USP5, ISOT' 
_entity_src_gen.gene_src_species                   ? 
_entity_src_gen.gene_src_strain                    ? 
_entity_src_gen.gene_src_tissue                    ? 
_entity_src_gen.gene_src_tissue_fraction           ? 
_entity_src_gen.gene_src_details                   ? 
_entity_src_gen.pdbx_gene_src_fragment             ? 
_entity_src_gen.pdbx_gene_src_scientific_name      'Homo sapiens' 
_entity_src_gen.pdbx_gene_src_ncbi_taxonomy_id     9606 
_entity_src_gen.pdbx_gene_src_variant              ? 
_entity_src_gen.pdbx_gene_src_cell_line            ? 
_entity_src_gen.pdbx_gene_src_atcc                 ? 
_entity_src_gen.pdbx_gene_src_organ                ? 
_entity_src_gen.pdbx_gene_src_organelle            ? 
_entity_src_gen.pdbx_gene_src_cell                 ? 
_entity_src_gen.pdbx_gene_src_cellular_location    ? 
_entity_src_gen.host_org_common_name               ? 
_entity_src_gen.pdbx_host_org_scientific_name      'Escherichia coli' 
_entity_src_gen.pdbx_host_org_ncbi_taxonomy_id     562 
_entity_src_gen.host_org_genus                     ? 
_entity_src_gen.pdbx_host_org_gene                 ? 
_entity_src_gen.pdbx_host_org_organ                ? 
_entity_src_gen.host_org_species                   ? 
_entity_src_gen.pdbx_host_org_tissue               ? 
_entity_src_gen.pdbx_host_org_tissue_fraction      ? 
_entity_src_gen.pdbx_host_org_strain               'BL21 (DE3) codon plus' 
_entity_src_gen.pdbx_host_org_variant              ? 
_entity_src_gen.pdbx_host_org_cell_line            ? 
_entity_src_gen.pdbx_host_org_atcc                 ? 
_entity_src_gen.pdbx_host_org_culture_collection   ? 
_entity_src_gen.pdbx_host_org_cell                 ? 
_entity_src_gen.pdbx_host_org_organelle            ? 
_entity_src_gen.pdbx_host_org_cellular_location    ? 
_entity_src_gen.pdbx_host_org_vector_type          ? 
_entity_src_gen.pdbx_host_org_vector               ? 
_entity_src_gen.host_org_details                   ? 
_entity_src_gen.expression_system_id               ? 
_entity_src_gen.plasmid_name                       pET28-mhl 
_entity_src_gen.plasmid_details                    ? 
_entity_src_gen.pdbx_description                   ? 
# 
loop_
_chem_comp.id 
_chem_comp.type 
_chem_comp.mon_nstd_flag 
_chem_comp.name 
_chem_comp.pdbx_synonyms 
_chem_comp.formula 
_chem_comp.formula_weight 
ALA 'L-peptide linking' y ALANINE                                     ? 'C3 H7 N O2'     89.093  
ARG 'L-peptide linking' y ARGININE                                    ? 'C6 H15 N4 O2 1' 175.209 
ASN 'L-peptide linking' y ASPARAGINE                                  ? 'C4 H8 N2 O3'    132.118 
ASP 'L-peptide linking' y 'ASPARTIC ACID'                             ? 'C4 H7 N O4'     133.103 
CYS 'L-peptide linking' y CYSTEINE                                    ? 'C3 H7 N O2 S'   121.158 
GLN 'L-peptide linking' y GLUTAMINE                                   ? 'C5 H10 N2 O3'   146.144 
GLU 'L-peptide linking' y 'GLUTAMIC ACID'                             ? 'C5 H9 N O4'     147.129 
GLY 'peptide linking'   y GLYCINE                                     ? 'C2 H5 N O2'     75.067  
HH4 non-polymer         . '4-(4-tert-butylphenyl)-4-oxobutanoic acid' ? 'C14 H18 O3'     234.291 
HIS 'L-peptide linking' y HISTIDINE                                   ? 'C6 H10 N3 O2 1' 156.162 
HOH non-polymer         . WATER                                       ? 'H2 O'           18.015  
ILE 'L-peptide linking' y ISOLEUCINE                                  ? 'C6 H13 N O2'    131.173 
LEU 'L-peptide linking' y LEUCINE                                     ? 'C6 H13 N O2'    131.173 
LYS 'L-peptide linking' y LYSINE                                      ? 'C6 H15 N2 O2 1' 147.195 
MET 'L-peptide linking' y METHIONINE                                  ? 'C5 H11 N O2 S'  149.211 
PHE 'L-peptide linking' y PHENYLALANINE                               ? 'C9 H11 N O2'    165.189 
PRO 'L-peptide linking' y PROLINE                                     ? 'C5 H9 N O2'     115.130 
SER 'L-peptide linking' y SERINE                                      ? 'C3 H7 N O3'     105.093 
THR 'L-peptide linking' y THREONINE                                   ? 'C4 H9 N O3'     119.119 
TRP 'L-peptide linking' y TRYPTOPHAN                                  ? 'C11 H12 N2 O2'  204.225 
TYR 'L-peptide linking' y TYROSINE                                    ? 'C9 H11 N O3'    181.189 
UNX non-polymer         . 'UNKNOWN ATOM OR ION'                       ? ?                ?       
VAL 'L-peptide linking' y VALINE                                      ? 'C5 H11 N O2'    117.146 
ZN  non-polymer         . 'ZINC ION'                                  ? 'Zn 2'           65.409  
# 
loop_
_pdbx_poly_seq_scheme.asym_id 
_pdbx_poly_seq_scheme.entity_id 
_pdbx_poly_seq_scheme.seq_id 
_pdbx_poly_seq_scheme.mon_id 
_pdbx_poly_seq_scheme.ndb_seq_num 
_pdbx_poly_seq_scheme.pdb_seq_num 
_pdbx_poly_seq_scheme.auth_seq_num 
_pdbx_poly_seq_scheme.pdb_mon_id 
_pdbx_poly_seq_scheme.auth_mon_id 
_pdbx_poly_seq_scheme.pdb_strand_id 
_pdbx_poly_seq_scheme.pdb_ins_code 
_pdbx_poly_seq_scheme.hetero 
A 1 1   GLY 1   170 ?   ?   ?   A . n 
A 1 2   GLY 2   171 ?   ?   ?   A . n 
A 1 3   GLU 3   172 ?   ?   ?   A . n 
A 1 4   VAL 4   173 173 VAL VAL A . n 
A 1 5   ARG 5   174 174 ARG ARG A . n 
A 1 6   GLN 6   175 175 GLN GLN A . n 
A 1 7   VAL 7   176 176 VAL VAL A . n 
A 1 8   SER 8   177 177 SER SER A . n 
A 1 9   LYS 9   178 178 LYS LYS A . n 
A 1 10  HIS 10  179 179 HIS HIS A . n 
A 1 11  ALA 11  180 180 ALA ALA A . n 
A 1 12  PHE 12  181 181 PHE PHE A . n 
A 1 13  SER 13  182 182 SER SER A . n 
A 1 14  LEU 14  183 183 LEU LEU A . n 
A 1 15  LYS 15  184 184 LYS LYS A . n 
A 1 16  GLN 16  185 185 GLN GLN A . n 
A 1 17  LEU 17  186 186 LEU LEU A . n 
A 1 18  ASP 18  187 187 ASP ASP A . n 
A 1 19  ASN 19  188 188 ASN ASN A . n 
A 1 20  PRO 20  189 189 PRO PRO A . n 
A 1 21  ALA 21  190 190 ALA ALA A . n 
A 1 22  ARG 22  191 191 ARG ARG A . n 
A 1 23  ILE 23  192 192 ILE ILE A . n 
A 1 24  PRO 24  193 193 PRO PRO A . n 
A 1 25  PRO 25  194 194 PRO PRO A . n 
A 1 26  CYS 26  195 195 CYS CYS A . n 
A 1 27  GLY 27  196 196 GLY GLY A . n 
A 1 28  TRP 28  197 197 TRP TRP A . n 
A 1 29  LYS 29  198 198 LYS LYS A . n 
A 1 30  CYS 30  199 199 CYS CYS A . n 
A 1 31  SER 31  200 200 SER SER A . n 
A 1 32  LYS 32  201 201 LYS LYS A . n 
A 1 33  CYS 33  202 202 CYS CYS A . n 
A 1 34  ASP 34  203 203 ASP ASP A . n 
A 1 35  MET 35  204 204 MET MET A . n 
A 1 36  ARG 36  205 205 ARG ARG A . n 
A 1 37  GLU 37  206 206 GLU GLU A . n 
A 1 38  ASN 38  207 207 ASN ASN A . n 
A 1 39  LEU 39  208 208 LEU LEU A . n 
A 1 40  TRP 40  209 209 TRP TRP A . n 
A 1 41  LEU 41  210 210 LEU LEU A . n 
A 1 42  ASN 42  211 211 ASN ASN A . n 
A 1 43  LEU 43  212 212 LEU LEU A . n 
A 1 44  THR 44  213 213 THR THR A . n 
A 1 45  ASP 45  214 214 ASP ASP A . n 
A 1 46  GLY 46  215 215 GLY GLY A . n 
A 1 47  SER 47  216 216 SER SER A . n 
A 1 48  ILE 48  217 217 ILE ILE A . n 
A 1 49  LEU 49  218 218 LEU LEU A . n 
A 1 50  CYS 50  219 219 CYS CYS A . n 
A 1 51  GLY 51  220 220 GLY GLY A . n 
A 1 52  ARG 52  221 221 ARG ARG A . n 
A 1 53  ARG 53  222 222 ARG ARG A . n 
A 1 54  TYR 54  223 223 TYR TYR A . n 
A 1 55  PHE 55  224 224 PHE PHE A . n 
A 1 56  ASP 56  225 225 ASP ASP A . n 
A 1 57  GLY 57  226 226 GLY GLY A . n 
A 1 58  SER 58  227 227 SER SER A . n 
A 1 59  GLY 59  228 228 GLY GLY A . n 
A 1 60  GLY 60  229 229 GLY GLY A . n 
A 1 61  ASN 61  230 230 ASN ASN A . n 
A 1 62  ASN 62  231 231 ASN ASN A . n 
A 1 63  HIS 63  232 232 HIS HIS A . n 
A 1 64  ALA 64  233 233 ALA ALA A . n 
A 1 65  VAL 65  234 234 VAL VAL A . n 
A 1 66  GLU 66  235 235 GLU GLU A . n 
A 1 67  HIS 67  236 236 HIS HIS A . n 
A 1 68  TYR 68  237 237 TYR TYR A . n 
A 1 69  ARG 69  238 238 ARG ARG A . n 
A 1 70  GLU 70  239 239 GLU GLU A . n 
A 1 71  THR 71  240 240 THR THR A . n 
A 1 72  GLY 72  241 241 GLY GLY A . n 
A 1 73  TYR 73  242 242 TYR TYR A . n 
A 1 74  PRO 74  243 243 PRO PRO A . n 
A 1 75  LEU 75  244 244 LEU LEU A . n 
A 1 76  ALA 76  245 245 ALA ALA A . n 
A 1 77  VAL 77  246 246 VAL VAL A . n 
A 1 78  LYS 78  247 247 LYS LYS A . n 
A 1 79  LEU 79  248 248 LEU LEU A . n 
A 1 80  GLY 80  249 249 GLY GLY A . n 
A 1 81  THR 81  250 250 THR THR A . n 
A 1 82  ILE 82  251 251 ILE ILE A . n 
A 1 83  THR 83  252 252 THR THR A . n 
A 1 84  PRO 84  253 253 PRO PRO A . n 
A 1 85  ASP 85  254 254 ASP ASP A . n 
A 1 86  GLY 86  255 255 GLY GLY A . n 
A 1 87  ALA 87  256 256 ALA ALA A . n 
A 1 88  ASP 88  257 257 ASP ASP A . n 
A 1 89  VAL 89  258 258 VAL VAL A . n 
A 1 90  TYR 90  259 259 TYR TYR A . n 
A 1 91  SER 91  260 260 SER SER A . n 
A 1 92  TYR 92  261 261 TYR TYR A . n 
A 1 93  ASP 93  262 262 ASP ASP A . n 
A 1 94  GLU 94  263 263 GLU GLU A . n 
A 1 95  ASP 95  264 264 ASP ASP A . n 
A 1 96  ASP 96  265 265 ASP ASP A . n 
A 1 97  MET 97  266 266 MET MET A . n 
A 1 98  VAL 98  267 267 VAL VAL A . n 
A 1 99  LEU 99  268 268 LEU LEU A . n 
A 1 100 ASP 100 269 269 ASP ASP A . n 
A 1 101 PRO 101 270 270 PRO PRO A . n 
A 1 102 SER 102 271 271 SER SER A . n 
A 1 103 LEU 103 272 272 LEU LEU A . n 
A 1 104 ALA 104 273 273 ALA ALA A . n 
A 1 105 GLU 105 274 274 GLU GLU A . n 
A 1 106 HIS 106 275 275 HIS HIS A . n 
A 1 107 LEU 107 276 276 LEU LEU A . n 
A 1 108 SER 108 277 277 SER SER A . n 
A 1 109 HIS 109 278 278 HIS HIS A . n 
A 1 110 PHE 110 279 279 PHE PHE A . n 
A 1 111 GLY 111 280 280 GLY GLY A . n 
A 1 112 ILE 112 281 281 ILE ILE A . n 
A 1 113 ASP 113 282 282 ASP ASP A . n 
A 1 114 MET 114 283 283 MET MET A . n 
A 1 115 LEU 115 284 284 LEU LEU A . n 
A 1 116 LYS 116 285 285 LYS LYS A . n 
A 1 117 MET 117 286 286 MET MET A . n 
A 1 118 GLN 118 287 287 GLN GLN A . n 
A 1 119 LYS 119 288 288 LYS LYS A . n 
A 1 120 THR 120 289 289 THR THR A . n 
A 1 121 ASP 121 290 ?   ?   ?   A . n 
# 
_pdbx_entity_instance_feature.ordinal        1 
_pdbx_entity_instance_feature.comp_id        HH4 
_pdbx_entity_instance_feature.asym_id        ? 
_pdbx_entity_instance_feature.seq_num        ? 
_pdbx_entity_instance_feature.auth_comp_id   HH4 
_pdbx_entity_instance_feature.auth_asym_id   ? 
_pdbx_entity_instance_feature.auth_seq_num   ? 
_pdbx_entity_instance_feature.feature_type   'SUBJECT OF INVESTIGATION' 
_pdbx_entity_instance_feature.details        ? 
# 
loop_
_pdbx_nonpoly_scheme.asym_id 
_pdbx_nonpoly_scheme.entity_id 
_pdbx_nonpoly_scheme.mon_id 
_pdbx_nonpoly_scheme.ndb_seq_num 
_pdbx_nonpoly_scheme.pdb_seq_num 
_pdbx_nonpoly_scheme.auth_seq_num 
_pdbx_nonpoly_scheme.pdb_mon_id 
_pdbx_nonpoly_scheme.auth_mon_id 
_pdbx_nonpoly_scheme.pdb_strand_id 
_pdbx_nonpoly_scheme.pdb_ins_code 
B 2 UNX 1  301 301 UNX UNX A . 
C 2 UNX 1  302 401 UNX UNX A . 
D 2 UNX 1  303 501 UNX UNX A . 
E 2 UNX 1  304 601 UNX UNX A . 
F 2 UNX 1  305 701 UNX UNX A . 
G 2 UNX 1  306 801 UNX UNX A . 
H 2 UNX 1  307 901 UNX UNX A . 
I 3 ZN  1  308 1   ZN  ZN  A . 
J 4 HH4 1  309 2   HH4 201 A . 
K 5 HOH 1  401 30  HOH HOH A . 
K 5 HOH 2  402 28  HOH HOH A . 
K 5 HOH 3  403 27  HOH HOH A . 
K 5 HOH 4  404 10  HOH HOH A . 
K 5 HOH 5  405 21  HOH HOH A . 
K 5 HOH 6  406 18  HOH HOH A . 
K 5 HOH 7  407 14  HOH HOH A . 
K 5 HOH 8  408 23  HOH HOH A . 
K 5 HOH 9  409 65  HOH HOH A . 
K 5 HOH 10 410 24  HOH HOH A . 
K 5 HOH 11 411 60  HOH HOH A . 
K 5 HOH 12 412 6   HOH HOH A . 
K 5 HOH 13 413 26  HOH HOH A . 
K 5 HOH 14 414 57  HOH HOH A . 
K 5 HOH 15 415 1   HOH HOH A . 
K 5 HOH 16 416 63  HOH HOH A . 
K 5 HOH 17 417 69  HOH HOH A . 
K 5 HOH 18 418 50  HOH HOH A . 
K 5 HOH 19 419 31  HOH HOH A . 
K 5 HOH 20 420 12  HOH HOH A . 
K 5 HOH 21 421 19  HOH HOH A . 
K 5 HOH 22 422 8   HOH HOH A . 
K 5 HOH 23 423 22  HOH HOH A . 
K 5 HOH 24 424 59  HOH HOH A . 
K 5 HOH 25 425 13  HOH HOH A . 
K 5 HOH 26 426 9   HOH HOH A . 
K 5 HOH 27 427 61  HOH HOH A . 
K 5 HOH 28 428 2   HOH HOH A . 
K 5 HOH 29 429 5   HOH HOH A . 
K 5 HOH 30 430 39  HOH HOH A . 
K 5 HOH 31 431 34  HOH HOH A . 
K 5 HOH 32 432 25  HOH HOH A . 
K 5 HOH 33 433 29  HOH HOH A . 
K 5 HOH 34 434 37  HOH HOH A . 
K 5 HOH 35 435 52  HOH HOH A . 
K 5 HOH 36 436 67  HOH HOH A . 
K 5 HOH 37 437 47  HOH HOH A . 
K 5 HOH 38 438 68  HOH HOH A . 
K 5 HOH 39 439 70  HOH HOH A . 
K 5 HOH 40 440 11  HOH HOH A . 
K 5 HOH 41 441 58  HOH HOH A . 
K 5 HOH 42 442 20  HOH HOH A . 
K 5 HOH 43 443 33  HOH HOH A . 
K 5 HOH 44 444 4   HOH HOH A . 
K 5 HOH 45 445 45  HOH HOH A . 
K 5 HOH 46 446 44  HOH HOH A . 
K 5 HOH 47 447 55  HOH HOH A . 
K 5 HOH 48 448 3   HOH HOH A . 
K 5 HOH 49 449 53  HOH HOH A . 
K 5 HOH 50 450 43  HOH HOH A . 
K 5 HOH 51 451 56  HOH HOH A . 
K 5 HOH 52 452 15  HOH HOH A . 
K 5 HOH 53 453 62  HOH HOH A . 
K 5 HOH 54 454 66  HOH HOH A . 
# 
loop_
_pdbx_unobs_or_zero_occ_atoms.id 
_pdbx_unobs_or_zero_occ_atoms.PDB_model_num 
_pdbx_unobs_or_zero_occ_atoms.polymer_flag 
_pdbx_unobs_or_zero_occ_atoms.occupancy_flag 
_pdbx_unobs_or_zero_occ_atoms.auth_asym_id 
_pdbx_unobs_or_zero_occ_atoms.auth_comp_id 
_pdbx_unobs_or_zero_occ_atoms.auth_seq_id 
_pdbx_unobs_or_zero_occ_atoms.PDB_ins_code 
_pdbx_unobs_or_zero_occ_atoms.auth_atom_id 
_pdbx_unobs_or_zero_occ_atoms.label_alt_id 
_pdbx_unobs_or_zero_occ_atoms.label_asym_id 
_pdbx_unobs_or_zero_occ_atoms.label_comp_id 
_pdbx_unobs_or_zero_occ_atoms.label_seq_id 
_pdbx_unobs_or_zero_occ_atoms.label_atom_id 
1  1 Y 1 A VAL 173 ? CG1 ? A VAL 4   CG1 
2  1 Y 1 A VAL 173 ? CG2 ? A VAL 4   CG2 
3  1 Y 1 A LYS 184 ? CE  ? A LYS 15  CE  
4  1 Y 1 A LYS 184 ? NZ  ? A LYS 15  NZ  
5  1 Y 1 A ARG 191 ? CG  ? A ARG 22  CG  
6  1 Y 1 A ARG 191 ? CD  ? A ARG 22  CD  
7  1 Y 1 A ARG 191 ? NE  ? A ARG 22  NE  
8  1 Y 1 A ARG 191 ? CZ  ? A ARG 22  CZ  
9  1 Y 1 A ARG 191 ? NH1 ? A ARG 22  NH1 
10 1 Y 1 A ARG 191 ? NH2 ? A ARG 22  NH2 
11 1 Y 1 A ASP 203 ? CG  ? A ASP 34  CG  
12 1 Y 1 A ASP 203 ? OD1 ? A ASP 34  OD1 
13 1 Y 1 A ASP 203 ? OD2 ? A ASP 34  OD2 
14 1 Y 1 A GLU 206 ? CG  ? A GLU 37  CG  
15 1 Y 1 A GLU 206 ? CD  ? A GLU 37  CD  
16 1 Y 1 A GLU 206 ? OE1 ? A GLU 37  OE1 
17 1 Y 1 A GLU 206 ? OE2 ? A GLU 37  OE2 
18 1 Y 1 A GLU 274 ? CD  ? A GLU 105 CD  
19 1 Y 1 A GLU 274 ? OE1 ? A GLU 105 OE1 
20 1 Y 1 A GLU 274 ? OE2 ? A GLU 105 OE2 
21 1 Y 1 A LYS 285 ? CE  ? A LYS 116 CE  
22 1 Y 1 A LYS 285 ? NZ  ? A LYS 116 NZ  
23 1 Y 1 A GLN 287 ? CG  ? A GLN 118 CG  
24 1 Y 1 A GLN 287 ? CD  ? A GLN 118 CD  
25 1 Y 1 A GLN 287 ? OE1 ? A GLN 118 OE1 
26 1 Y 1 A GLN 287 ? NE2 ? A GLN 118 NE2 
27 1 Y 1 A LYS 288 ? NZ  ? A LYS 119 NZ  
# 
loop_
_software.citation_id 
_software.classification 
_software.compiler_name 
_software.compiler_version 
_software.contact_author 
_software.contact_author_email 
_software.date 
_software.description 
_software.dependencies 
_software.hardware 
_software.language 
_software.location 
_software.mods 
_software.name 
_software.os 
_software.os_version 
_software.type 
_software.version 
_software.pdbx_ordinal 
? refinement        ? ? ? ? ? ? ? ? ? ? ? REFMAC      ? ? ? 5.8.0230 1 
? 'data scaling'    ? ? ? ? ? ? ? ? ? ? ? Aimless     ? ? ? 0.7.1    2 
? 'data extraction' ? ? ? ? ? ? ? ? ? ? ? PDB_EXTRACT ? ? ? 3.24     3 
? 'data reduction'  ? ? ? ? ? ? ? ? ? ? ? xia2        ? ? ? .        4 
? phasing           ? ? ? ? ? ? ? ? ? ? ? PHASER      ? ? ? .        5 
# 
_cell.angle_alpha                  90.000 
_cell.angle_alpha_esd              ? 
_cell.angle_beta                   90.000 
_cell.angle_beta_esd               ? 
_cell.angle_gamma                  90.000 
_cell.angle_gamma_esd              ? 
_cell.entry_id                     6DXH 
_cell.details                      ? 
_cell.formula_units_Z              ? 
_cell.length_a                     47.690 
_cell.length_a_esd                 ? 
_cell.length_b                     81.500 
_cell.length_b_esd                 ? 
_cell.length_c                     99.660 
_cell.length_c_esd                 ? 
_cell.volume                       ? 
_cell.volume_esd                   ? 
_cell.Z_PDB                        8 
_cell.reciprocal_angle_alpha       ? 
_cell.reciprocal_angle_beta        ? 
_cell.reciprocal_angle_gamma       ? 
_cell.reciprocal_angle_alpha_esd   ? 
_cell.reciprocal_angle_beta_esd    ? 
_cell.reciprocal_angle_gamma_esd   ? 
_cell.reciprocal_length_a          ? 
_cell.reciprocal_length_b          ? 
_cell.reciprocal_length_c          ? 
_cell.reciprocal_length_a_esd      ? 
_cell.reciprocal_length_b_esd      ? 
_cell.reciprocal_length_c_esd      ? 
_cell.pdbx_unique_axis             ? 
# 
_symmetry.entry_id                         6DXH 
_symmetry.cell_setting                     ? 
_symmetry.Int_Tables_number                23 
_symmetry.space_group_name_Hall            ? 
_symmetry.space_group_name_H-M             'I 2 2 2' 
_symmetry.pdbx_full_space_group_name_H-M   ? 
# 
_exptl.absorpt_coefficient_mu     ? 
_exptl.absorpt_correction_T_max   ? 
_exptl.absorpt_correction_T_min   ? 
_exptl.absorpt_correction_type    ? 
_exptl.absorpt_process_details    ? 
_exptl.entry_id                   6DXH 
_exptl.crystals_number            1 
_exptl.details                    ? 
_exptl.method                     'X-RAY DIFFRACTION' 
_exptl.method_details             ? 
# 
_exptl_crystal.colour                      ? 
_exptl_crystal.density_diffrn              ? 
_exptl_crystal.density_Matthews            3.58 
_exptl_crystal.density_method              ? 
_exptl_crystal.density_percent_sol         65.62 
_exptl_crystal.description                 ? 
_exptl_crystal.F_000                       ? 
_exptl_crystal.id                          1 
_exptl_crystal.preparation                 ? 
_exptl_crystal.size_max                    ? 
_exptl_crystal.size_mid                    ? 
_exptl_crystal.size_min                    ? 
_exptl_crystal.size_rad                    ? 
_exptl_crystal.colour_lustre               ? 
_exptl_crystal.colour_modifier             ? 
_exptl_crystal.colour_primary              ? 
_exptl_crystal.density_meas                ? 
_exptl_crystal.density_meas_esd            ? 
_exptl_crystal.density_meas_gt             ? 
_exptl_crystal.density_meas_lt             ? 
_exptl_crystal.density_meas_temp           ? 
_exptl_crystal.density_meas_temp_esd       ? 
_exptl_crystal.density_meas_temp_gt        ? 
_exptl_crystal.density_meas_temp_lt        ? 
_exptl_crystal.pdbx_crystal_image_url      ? 
_exptl_crystal.pdbx_crystal_image_format   ? 
_exptl_crystal.pdbx_mosaicity              0.000 
_exptl_crystal.pdbx_mosaicity_esd          ? 
# 
_exptl_crystal_grow.apparatus       ? 
_exptl_crystal_grow.atmosphere      ? 
_exptl_crystal_grow.crystal_id      1 
_exptl_crystal_grow.details         ? 
_exptl_crystal_grow.method          'VAPOR DIFFUSION, SITTING DROP' 
_exptl_crystal_grow.method_ref      ? 
_exptl_crystal_grow.pH              7.0 
_exptl_crystal_grow.pressure        ? 
_exptl_crystal_grow.pressure_esd    ? 
_exptl_crystal_grow.seeding         ? 
_exptl_crystal_grow.seeding_ref     ? 
_exptl_crystal_grow.temp            291 
_exptl_crystal_grow.temp_details    ? 
_exptl_crystal_grow.temp_esd        ? 
_exptl_crystal_grow.time            ? 
_exptl_crystal_grow.pdbx_details    '1.5 M ammonium sulfate, 0.1 M bis-tris pH 7.0, 25% ethylene glycol (v/v), 2.25% DMSO (v/v)' 
_exptl_crystal_grow.pdbx_pH_range   ? 
# 
_diffrn.ambient_environment    ? 
_diffrn.ambient_temp           100 
_diffrn.ambient_temp_details   ? 
_diffrn.ambient_temp_esd       ? 
_diffrn.crystal_id             1 
_diffrn.crystal_support        ? 
_diffrn.crystal_treatment      ? 
_diffrn.details                ? 
_diffrn.id                     1 
_diffrn.ambient_pressure       ? 
_diffrn.ambient_pressure_esd   ? 
_diffrn.ambient_pressure_gt    ? 
_diffrn.ambient_pressure_lt    ? 
_diffrn.ambient_temp_gt        ? 
_diffrn.ambient_temp_lt        ? 
# 
_diffrn_detector.details                      ? 
_diffrn_detector.detector                     CCD 
_diffrn_detector.diffrn_id                    1 
_diffrn_detector.type                         'RIGAKU SATURN A200' 
_diffrn_detector.area_resol_mean              ? 
_diffrn_detector.dtime                        ? 
_diffrn_detector.pdbx_frames_total            ? 
_diffrn_detector.pdbx_collection_time_total   ? 
_diffrn_detector.pdbx_collection_date         2018-05-23 
# 
_diffrn_radiation.collimation                      ? 
_diffrn_radiation.diffrn_id                        1 
_diffrn_radiation.filter_edge                      ? 
_diffrn_radiation.inhomogeneity                    ? 
_diffrn_radiation.monochromator                    ? 
_diffrn_radiation.polarisn_norm                    ? 
_diffrn_radiation.polarisn_ratio                   ? 
_diffrn_radiation.probe                            ? 
_diffrn_radiation.type                             ? 
_diffrn_radiation.xray_symbol                      ? 
_diffrn_radiation.wavelength_id                    1 
_diffrn_radiation.pdbx_monochromatic_or_laue_m_l   M 
_diffrn_radiation.pdbx_wavelength_list             ? 
_diffrn_radiation.pdbx_wavelength                  ? 
_diffrn_radiation.pdbx_diffrn_protocol             'SINGLE WAVELENGTH' 
_diffrn_radiation.pdbx_analyzer                    ? 
_diffrn_radiation.pdbx_scattering_type             x-ray 
# 
_diffrn_radiation_wavelength.id           1 
_diffrn_radiation_wavelength.wavelength   1.54178 
_diffrn_radiation_wavelength.wt           1.0 
# 
_diffrn_source.current                     ? 
_diffrn_source.details                     ? 
_diffrn_source.diffrn_id                   1 
_diffrn_source.power                       ? 
_diffrn_source.size                        ? 
_diffrn_source.source                      'ROTATING ANODE' 
_diffrn_source.target                      ? 
_diffrn_source.type                        'RIGAKU FR-E SUPERBRIGHT' 
_diffrn_source.voltage                     ? 
_diffrn_source.take-off_angle              ? 
_diffrn_source.pdbx_wavelength_list        1.54178 
_diffrn_source.pdbx_wavelength             ? 
_diffrn_source.pdbx_synchrotron_beamline   ? 
_diffrn_source.pdbx_synchrotron_site       ? 
# 
_reflns.B_iso_Wilson_estimate            ? 
_reflns.entry_id                         6DXH 
_reflns.data_reduction_details           ? 
_reflns.data_reduction_method            ? 
_reflns.d_resolution_high                2.000 
_reflns.d_resolution_low                 31.540 
_reflns.details                          ? 
_reflns.limit_h_max                      ? 
_reflns.limit_h_min                      ? 
_reflns.limit_k_max                      ? 
_reflns.limit_k_min                      ? 
_reflns.limit_l_max                      ? 
_reflns.limit_l_min                      ? 
_reflns.number_all                       ? 
_reflns.number_obs                       13422 
_reflns.observed_criterion               ? 
_reflns.observed_criterion_F_max         ? 
_reflns.observed_criterion_F_min         ? 
_reflns.observed_criterion_I_max         ? 
_reflns.observed_criterion_I_min         ? 
_reflns.observed_criterion_sigma_F       ? 
_reflns.observed_criterion_sigma_I       ? 
_reflns.percent_possible_obs             99.400 
_reflns.R_free_details                   ? 
_reflns.Rmerge_F_all                     ? 
_reflns.Rmerge_F_obs                     ? 
_reflns.Friedel_coverage                 ? 
_reflns.number_gt                        ? 
_reflns.threshold_expression             ? 
_reflns.pdbx_redundancy                  7.000 
_reflns.pdbx_Rmerge_I_obs                0.054 
_reflns.pdbx_Rmerge_I_all                ? 
_reflns.pdbx_Rsym_value                  ? 
_reflns.pdbx_netI_over_av_sigmaI         ? 
_reflns.pdbx_netI_over_sigmaI            23.000 
_reflns.pdbx_res_netI_over_av_sigmaI_2   ? 
_reflns.pdbx_res_netI_over_sigmaI_2      ? 
_reflns.pdbx_chi_squared                 ? 
_reflns.pdbx_scaling_rejects             ? 
_reflns.pdbx_d_res_high_opt              ? 
_reflns.pdbx_d_res_low_opt               ? 
_reflns.pdbx_d_res_opt_method            ? 
_reflns.phase_calculation_details        ? 
_reflns.pdbx_Rrim_I_all                  0.059 
_reflns.pdbx_Rpim_I_all                  0.022 
_reflns.pdbx_d_opt                       ? 
_reflns.pdbx_number_measured_all         93762 
_reflns.pdbx_diffrn_id                   1 
_reflns.pdbx_ordinal                     1 
_reflns.pdbx_CC_half                     1.000 
_reflns.pdbx_R_split                     ? 
# 
loop_
_reflns_shell.d_res_high 
_reflns_shell.d_res_low 
_reflns_shell.meanI_over_sigI_all 
_reflns_shell.meanI_over_sigI_obs 
_reflns_shell.number_measured_all 
_reflns_shell.number_measured_obs 
_reflns_shell.number_possible 
_reflns_shell.number_unique_all 
_reflns_shell.number_unique_obs 
_reflns_shell.percent_possible_all 
_reflns_shell.percent_possible_obs 
_reflns_shell.Rmerge_F_all 
_reflns_shell.Rmerge_F_obs 
_reflns_shell.Rmerge_I_all 
_reflns_shell.Rmerge_I_obs 
_reflns_shell.meanI_over_sigI_gt 
_reflns_shell.meanI_over_uI_all 
_reflns_shell.meanI_over_uI_gt 
_reflns_shell.number_measured_gt 
_reflns_shell.number_unique_gt 
_reflns_shell.percent_possible_gt 
_reflns_shell.Rmerge_F_gt 
_reflns_shell.Rmerge_I_gt 
_reflns_shell.pdbx_redundancy 
_reflns_shell.pdbx_Rsym_value 
_reflns_shell.pdbx_chi_squared 
_reflns_shell.pdbx_netI_over_sigmaI_all 
_reflns_shell.pdbx_netI_over_sigmaI_obs 
_reflns_shell.pdbx_Rrim_I_all 
_reflns_shell.pdbx_Rpim_I_all 
_reflns_shell.pdbx_rejects 
_reflns_shell.pdbx_ordinal 
_reflns_shell.pdbx_diffrn_id 
_reflns_shell.pdbx_CC_half 
_reflns_shell.pdbx_R_split 
2.000 2.050  ? ? 6663 ? ? ? 957 98.300 ? ? ? ? 0.451 ? ? ? ? ? ? ? ? 7.000 ? ? ? 4.400  0.487 0.183 ? 1 1 0.963 ? 
8.950 31.540 ? ? 998  ? ? ? 180 97.500 ? ? ? ? 0.024 ? ? ? ? ? ? ? ? 5.500 ? ? ? 60.400 0.026 0.011 ? 2 1 0.999 ? 
# 
_refine.aniso_B[1][1]                            -3.6500 
_refine.aniso_B[1][2]                            0.0000 
_refine.aniso_B[1][3]                            0.0000 
_refine.aniso_B[2][2]                            6.2800 
_refine.aniso_B[2][3]                            0.0000 
_refine.aniso_B[3][3]                            -2.6300 
_refine.B_iso_max                                77.430 
_refine.B_iso_mean                               34.1540 
_refine.B_iso_min                                12.710 
_refine.correlation_coeff_Fo_to_Fc               0.9500 
_refine.correlation_coeff_Fo_to_Fc_free          0.9310 
_refine.details                                  'Users of this crystal structure: verify our intepretion of the electron density.' 
_refine.diff_density_max                         ? 
_refine.diff_density_max_esd                     ? 
_refine.diff_density_min                         ? 
_refine.diff_density_min_esd                     ? 
_refine.diff_density_rms                         ? 
_refine.diff_density_rms_esd                     ? 
_refine.entry_id                                 6DXH 
_refine.pdbx_refine_id                           'X-RAY DIFFRACTION' 
_refine.ls_abs_structure_details                 ? 
_refine.ls_abs_structure_Flack                   ? 
_refine.ls_abs_structure_Flack_esd               ? 
_refine.ls_abs_structure_Rogers                  ? 
_refine.ls_abs_structure_Rogers_esd              ? 
_refine.ls_d_res_high                            2.0000 
_refine.ls_d_res_low                             31.5600 
_refine.ls_extinction_coef                       ? 
_refine.ls_extinction_coef_esd                   ? 
_refine.ls_extinction_expression                 ? 
_refine.ls_extinction_method                     ? 
_refine.ls_goodness_of_fit_all                   ? 
_refine.ls_goodness_of_fit_all_esd               ? 
_refine.ls_goodness_of_fit_obs                   ? 
_refine.ls_goodness_of_fit_obs_esd               ? 
_refine.ls_hydrogen_treatment                    ? 
_refine.ls_matrix_type                           ? 
_refine.ls_number_constraints                    ? 
_refine.ls_number_parameters                     ? 
_refine.ls_number_reflns_all                     ? 
_refine.ls_number_reflns_obs                     12742 
_refine.ls_number_reflns_R_free                  679 
_refine.ls_number_reflns_R_work                  ? 
_refine.ls_number_restraints                     ? 
_refine.ls_percent_reflns_obs                    99.4000 
_refine.ls_percent_reflns_R_free                 5.1000 
_refine.ls_R_factor_all                          ? 
_refine.ls_R_factor_obs                          0.2156 
_refine.ls_R_factor_R_free                       0.2512 
_refine.ls_R_factor_R_free_error                 ? 
_refine.ls_R_factor_R_free_error_details         ? 
_refine.ls_R_factor_R_work                       0.2138 
_refine.ls_R_Fsqd_factor_obs                     ? 
_refine.ls_R_I_factor_obs                        ? 
_refine.ls_redundancy_reflns_all                 ? 
_refine.ls_redundancy_reflns_obs                 ? 
_refine.ls_restrained_S_all                      ? 
_refine.ls_restrained_S_obs                      ? 
_refine.ls_shift_over_esd_max                    ? 
_refine.ls_shift_over_esd_mean                   ? 
_refine.ls_structure_factor_coef                 ? 
_refine.ls_weighting_details                     ? 
_refine.ls_weighting_scheme                      ? 
_refine.ls_wR_factor_all                         ? 
_refine.ls_wR_factor_obs                         ? 
_refine.ls_wR_factor_R_free                      ? 
_refine.ls_wR_factor_R_work                      ? 
_refine.occupancy_max                            ? 
_refine.occupancy_min                            ? 
_refine.solvent_model_details                    MASK 
_refine.solvent_model_param_bsol                 ? 
_refine.solvent_model_param_ksol                 ? 
_refine.ls_R_factor_gt                           ? 
_refine.ls_goodness_of_fit_gt                    ? 
_refine.ls_goodness_of_fit_ref                   ? 
_refine.ls_shift_over_su_max                     ? 
_refine.ls_shift_over_su_max_lt                  ? 
_refine.ls_shift_over_su_mean                    ? 
_refine.ls_shift_over_su_mean_lt                 ? 
_refine.pdbx_ls_sigma_I                          ? 
_refine.pdbx_ls_sigma_F                          0.000 
_refine.pdbx_ls_sigma_Fsqd                       ? 
_refine.pdbx_data_cutoff_high_absF               ? 
_refine.pdbx_data_cutoff_high_rms_absF           ? 
_refine.pdbx_data_cutoff_low_absF                ? 
_refine.pdbx_isotropic_thermal_model             ? 
_refine.pdbx_ls_cross_valid_method               THROUGHOUT 
_refine.pdbx_method_to_determine_struct          'MOLECULAR REPLACEMENT' 
_refine.pdbx_starting_model                      'pdbid 2G43' 
_refine.pdbx_stereochemistry_target_values       'MAXIMUM LIKELIHOOD' 
_refine.pdbx_R_Free_selection_details            RANDOM 
_refine.pdbx_stereochem_target_val_spec_case     ? 
_refine.pdbx_overall_ESU_R                       0.1450 
_refine.pdbx_overall_ESU_R_Free                  0.1420 
_refine.pdbx_solvent_vdw_probe_radii             1.2000 
_refine.pdbx_solvent_ion_probe_radii             0.8000 
_refine.pdbx_solvent_shrinkage_radii             0.8000 
_refine.pdbx_real_space_R                        ? 
_refine.pdbx_density_correlation                 ? 
_refine.pdbx_pd_number_of_powder_patterns        ? 
_refine.pdbx_pd_number_of_points                 ? 
_refine.pdbx_pd_meas_number_of_points            ? 
_refine.pdbx_pd_proc_ls_prof_R_factor            ? 
_refine.pdbx_pd_proc_ls_prof_wR_factor           ? 
_refine.pdbx_pd_Marquardt_correlation_coeff      ? 
_refine.pdbx_pd_Fsqrd_R_factor                   ? 
_refine.pdbx_pd_ls_matrix_band_width             ? 
_refine.pdbx_overall_phase_error                 ? 
_refine.pdbx_overall_SU_R_free_Cruickshank_DPI   ? 
_refine.pdbx_overall_SU_R_free_Blow_DPI          ? 
_refine.pdbx_overall_SU_R_Blow_DPI               ? 
_refine.pdbx_TLS_residual_ADP_flag               ? 
_refine.pdbx_diffrn_id                           1 
_refine.overall_SU_B                             4.6110 
_refine.overall_SU_ML                            0.1210 
_refine.overall_SU_R_Cruickshank_DPI             ? 
_refine.overall_SU_R_free                        ? 
_refine.overall_FOM_free_R_set                   ? 
_refine.overall_FOM_work_R_set                   ? 
_refine.pdbx_average_fsc_overall                 ? 
_refine.pdbx_average_fsc_work                    ? 
_refine.pdbx_average_fsc_free                    ? 
# 
_refine_hist.cycle_id                         final 
_refine_hist.pdbx_refine_id                   'X-RAY DIFFRACTION' 
_refine_hist.d_res_high                       2.0000 
_refine_hist.d_res_low                        31.5600 
_refine_hist.pdbx_number_atoms_ligand         25 
_refine_hist.number_atoms_solvent             54 
_refine_hist.number_atoms_total               973 
_refine_hist.pdbx_number_residues_total       117 
_refine_hist.pdbx_B_iso_mean_ligand           34.58 
_refine_hist.pdbx_B_iso_mean_solvent          41.20 
_refine_hist.pdbx_number_atoms_protein        894 
_refine_hist.pdbx_number_atoms_nucleic_acid   0 
# 
loop_
_refine_ls_restr.pdbx_refine_id 
_refine_ls_restr.criterion 
_refine_ls_restr.dev_ideal 
_refine_ls_restr.dev_ideal_target 
_refine_ls_restr.number 
_refine_ls_restr.rejects 
_refine_ls_restr.type 
_refine_ls_restr.weight 
_refine_ls_restr.pdbx_restraint_function 
'X-RAY DIFFRACTION' ? 0.012  0.014  944  ? r_bond_refined_d       ? ? 
'X-RAY DIFFRACTION' ? 0.001  0.017  807  ? r_bond_other_d         ? ? 
'X-RAY DIFFRACTION' ? 1.560  1.649  1283 ? r_angle_refined_deg    ? ? 
'X-RAY DIFFRACTION' ? 0.977  1.675  1886 ? r_angle_other_deg      ? ? 
'X-RAY DIFFRACTION' ? 6.623  5.000  118  ? r_dihedral_angle_1_deg ? ? 
'X-RAY DIFFRACTION' ? 35.856 22.391 46   ? r_dihedral_angle_2_deg ? ? 
'X-RAY DIFFRACTION' ? 13.858 15.000 146  ? r_dihedral_angle_3_deg ? ? 
'X-RAY DIFFRACTION' ? 26.938 15.000 5    ? r_dihedral_angle_4_deg ? ? 
'X-RAY DIFFRACTION' ? 0.076  0.200  118  ? r_chiral_restr         ? ? 
'X-RAY DIFFRACTION' ? 0.008  0.020  1118 ? r_gen_planes_refined   ? ? 
'X-RAY DIFFRACTION' ? 0.001  0.020  178  ? r_gen_planes_other     ? ? 
# 
_refine_ls_shell.pdbx_refine_id                   'X-RAY DIFFRACTION' 
_refine_ls_shell.d_res_high                       2.0000 
_refine_ls_shell.d_res_low                        2.0520 
_refine_ls_shell.number_reflns_all                954 
_refine_ls_shell.number_reflns_obs                ? 
_refine_ls_shell.number_reflns_R_free             49 
_refine_ls_shell.number_reflns_R_work             905 
_refine_ls_shell.percent_reflns_obs               98.3500 
_refine_ls_shell.percent_reflns_R_free            ? 
_refine_ls_shell.R_factor_all                     ? 
_refine_ls_shell.R_factor_obs                     ? 
_refine_ls_shell.R_factor_R_free                  0.2940 
_refine_ls_shell.R_factor_R_free_error            0.0000 
_refine_ls_shell.R_factor_R_work                  0.3080 
_refine_ls_shell.redundancy_reflns_all            ? 
_refine_ls_shell.redundancy_reflns_obs            ? 
_refine_ls_shell.wR_factor_all                    ? 
_refine_ls_shell.wR_factor_obs                    ? 
_refine_ls_shell.wR_factor_R_free                 ? 
_refine_ls_shell.wR_factor_R_work                 ? 
_refine_ls_shell.pdbx_total_number_of_bins_used   20 
_refine_ls_shell.pdbx_phase_error                 ? 
_refine_ls_shell.pdbx_fsc_work                    ? 
_refine_ls_shell.pdbx_fsc_free                    ? 
# 
_struct.entry_id                     6DXH 
_struct.title                        
'Structure of USP5 zinc-finger ubiquitin binding domain co-crystallized with 4-(4-tert-butylphenyl)-4-oxobutanoate' 
_struct.pdbx_model_details           ? 
_struct.pdbx_formula_weight          ? 
_struct.pdbx_formula_weight_method   ? 
_struct.pdbx_model_type_details      ? 
_struct.pdbx_CASP_flag               N 
# 
_struct_keywords.entry_id        6DXH 
_struct_keywords.text            'DEUBIQUITINASE, USP5, UBIQUITIN, STRUCTURAL GENOMICS CONSORTIUM, SGC, HYDROLASE' 
_struct_keywords.pdbx_keywords   HYDROLASE 
# 
loop_
_struct_asym.id 
_struct_asym.pdbx_blank_PDB_chainid_flag 
_struct_asym.pdbx_modified 
_struct_asym.entity_id 
_struct_asym.details 
A N N 1 ? 
B N N 2 ? 
C N N 2 ? 
D N N 2 ? 
E N N 2 ? 
F N N 2 ? 
G N N 2 ? 
H N N 2 ? 
I N N 3 ? 
J N N 4 ? 
K N N 5 ? 
# 
_struct_ref.id                         1 
_struct_ref.db_name                    UNP 
_struct_ref.db_code                    UBP5_HUMAN 
_struct_ref.pdbx_db_accession          P45974 
_struct_ref.pdbx_db_isoform            ? 
_struct_ref.entity_id                  1 
_struct_ref.pdbx_seq_one_letter_code   
;GEVRQVSKHAFSLKQLDNPARIPPCGWKCSKCDMRENLWLNLTDGSILCGRRYFDGSGGNNHAVEHYRETGYPLAVKLGT
ITPDGADVYSYDEDDMVLDPSLAEHLSHFGIDMLKMQKTD
;
_struct_ref.pdbx_align_begin           171 
# 
_struct_ref_seq.align_id                      1 
_struct_ref_seq.ref_id                        1 
_struct_ref_seq.pdbx_PDB_id_code              6DXH 
_struct_ref_seq.pdbx_strand_id                A 
_struct_ref_seq.seq_align_beg                 2 
_struct_ref_seq.pdbx_seq_align_beg_ins_code   ? 
_struct_ref_seq.seq_align_end                 121 
_struct_ref_seq.pdbx_seq_align_end_ins_code   ? 
_struct_ref_seq.pdbx_db_accession             P45974 
_struct_ref_seq.db_align_beg                  171 
_struct_ref_seq.pdbx_db_align_beg_ins_code    ? 
_struct_ref_seq.db_align_end                  290 
_struct_ref_seq.pdbx_db_align_end_ins_code    ? 
_struct_ref_seq.pdbx_auth_seq_align_beg       171 
_struct_ref_seq.pdbx_auth_seq_align_end       290 
# 
_struct_ref_seq_dif.align_id                     1 
_struct_ref_seq_dif.pdbx_pdb_id_code             6DXH 
_struct_ref_seq_dif.mon_id                       GLY 
_struct_ref_seq_dif.pdbx_pdb_strand_id           A 
_struct_ref_seq_dif.seq_num                      1 
_struct_ref_seq_dif.pdbx_pdb_ins_code            ? 
_struct_ref_seq_dif.pdbx_seq_db_name             UNP 
_struct_ref_seq_dif.pdbx_seq_db_accession_code   P45974 
_struct_ref_seq_dif.db_mon_id                    ? 
_struct_ref_seq_dif.pdbx_seq_db_seq_num          ? 
_struct_ref_seq_dif.details                      'expression tag' 
_struct_ref_seq_dif.pdbx_auth_seq_num            170 
_struct_ref_seq_dif.pdbx_ordinal                 1 
# 
_pdbx_struct_assembly.id                   1 
_pdbx_struct_assembly.details              author_and_software_defined_assembly 
_pdbx_struct_assembly.method_details       PISA 
_pdbx_struct_assembly.oligomeric_details   monomeric 
_pdbx_struct_assembly.oligomeric_count     1 
# 
_pdbx_struct_assembly_gen.assembly_id       1 
_pdbx_struct_assembly_gen.oper_expression   1 
_pdbx_struct_assembly_gen.asym_id_list      A,B,C,D,E,F,G,H,I,J,K 
# 
loop_
_pdbx_struct_assembly_auth_evidence.id 
_pdbx_struct_assembly_auth_evidence.assembly_id 
_pdbx_struct_assembly_auth_evidence.experimental_support 
_pdbx_struct_assembly_auth_evidence.details 
1 1 'gel filtration'   ? 
2 1 'light scattering' ? 
# 
_pdbx_struct_oper_list.id                   1 
_pdbx_struct_oper_list.type                 'identity operation' 
_pdbx_struct_oper_list.name                 1_555 
_pdbx_struct_oper_list.symmetry_operation   x,y,z 
_pdbx_struct_oper_list.matrix[1][1]         1.0000000000 
_pdbx_struct_oper_list.matrix[1][2]         0.0000000000 
_pdbx_struct_oper_list.matrix[1][3]         0.0000000000 
_pdbx_struct_oper_list.vector[1]            0.0000000000 
_pdbx_struct_oper_list.matrix[2][1]         0.0000000000 
_pdbx_struct_oper_list.matrix[2][2]         1.0000000000 
_pdbx_struct_oper_list.matrix[2][3]         0.0000000000 
_pdbx_struct_oper_list.vector[2]            0.0000000000 
_pdbx_struct_oper_list.matrix[3][1]         0.0000000000 
_pdbx_struct_oper_list.matrix[3][2]         0.0000000000 
_pdbx_struct_oper_list.matrix[3][3]         1.0000000000 
_pdbx_struct_oper_list.vector[3]            0.0000000000 
# 
loop_
_struct_conf.conf_type_id 
_struct_conf.id 
_struct_conf.pdbx_PDB_helix_id 
_struct_conf.beg_label_comp_id 
_struct_conf.beg_label_asym_id 
_struct_conf.beg_label_seq_id 
_struct_conf.pdbx_beg_PDB_ins_code 
_struct_conf.end_label_comp_id 
_struct_conf.end_label_asym_id 
_struct_conf.end_label_seq_id 
_struct_conf.pdbx_end_PDB_ins_code 
_struct_conf.beg_auth_comp_id 
_struct_conf.beg_auth_asym_id 
_struct_conf.beg_auth_seq_id 
_struct_conf.end_auth_comp_id 
_struct_conf.end_auth_asym_id 
_struct_conf.end_auth_seq_id 
_struct_conf.pdbx_PDB_helix_class 
_struct_conf.details 
_struct_conf.pdbx_PDB_helix_length 
HELX_P HELX_P1 AA1 ASN A 62  ? GLY A 72  ? ASN A 231 GLY A 241 1 ? 11 
HELX_P HELX_P2 AA2 SER A 102 ? HIS A 109 ? SER A 271 HIS A 278 1 ? 8  
# 
_struct_conf_type.id          HELX_P 
_struct_conf_type.criteria    ? 
_struct_conf_type.reference   ? 
# 
loop_
_struct_conn.id 
_struct_conn.conn_type_id 
_struct_conn.pdbx_leaving_atom_flag 
_struct_conn.pdbx_PDB_id 
_struct_conn.ptnr1_label_asym_id 
_struct_conn.ptnr1_label_comp_id 
_struct_conn.ptnr1_label_seq_id 
_struct_conn.ptnr1_label_atom_id 
_struct_conn.pdbx_ptnr1_label_alt_id 
_struct_conn.pdbx_ptnr1_PDB_ins_code 
_struct_conn.pdbx_ptnr1_standard_comp_id 
_struct_conn.ptnr1_symmetry 
_struct_conn.ptnr2_label_asym_id 
_struct_conn.ptnr2_label_comp_id 
_struct_conn.ptnr2_label_seq_id 
_struct_conn.ptnr2_label_atom_id 
_struct_conn.pdbx_ptnr2_label_alt_id 
_struct_conn.pdbx_ptnr2_PDB_ins_code 
_struct_conn.ptnr1_auth_asym_id 
_struct_conn.ptnr1_auth_comp_id 
_struct_conn.ptnr1_auth_seq_id 
_struct_conn.ptnr2_auth_asym_id 
_struct_conn.ptnr2_auth_comp_id 
_struct_conn.ptnr2_auth_seq_id 
_struct_conn.ptnr2_symmetry 
_struct_conn.pdbx_ptnr3_label_atom_id 
_struct_conn.pdbx_ptnr3_label_seq_id 
_struct_conn.pdbx_ptnr3_label_comp_id 
_struct_conn.pdbx_ptnr3_label_asym_id 
_struct_conn.pdbx_ptnr3_label_alt_id 
_struct_conn.pdbx_ptnr3_PDB_ins_code 
_struct_conn.details 
_struct_conn.pdbx_dist_value 
_struct_conn.pdbx_value_order 
_struct_conn.pdbx_role 
disulf1 disulf ? ? A CYS 26 SG  ? ? ? 1_555 A CYS 26 SG ? ? A CYS 195 A CYS 195 2_555 ? ? ? ? ? ? ? 1.977 ? ? 
metalc1 metalc ? ? A CYS 30 SG  ? ? ? 1_555 I ZN  .  ZN ? ? A CYS 199 A ZN  308 1_555 ? ? ? ? ? ? ? 2.310 ? ? 
metalc2 metalc ? ? A CYS 33 SG  ? ? ? 1_555 I ZN  .  ZN ? ? A CYS 202 A ZN  308 1_555 ? ? ? ? ? ? ? 2.363 ? ? 
metalc3 metalc ? ? A CYS 50 SG  ? ? ? 1_555 I ZN  .  ZN ? ? A CYS 219 A ZN  308 1_555 ? ? ? ? ? ? ? 2.254 ? ? 
metalc4 metalc ? ? A HIS 63 ND1 ? ? ? 1_555 I ZN  .  ZN ? ? A HIS 232 A ZN  308 1_555 ? ? ? ? ? ? ? 2.106 ? ? 
# 
loop_
_struct_conn_type.id 
_struct_conn_type.criteria 
_struct_conn_type.reference 
disulf ? ? 
metalc ? ? 
# 
loop_
_pdbx_struct_conn_angle.id 
_pdbx_struct_conn_angle.ptnr1_label_atom_id 
_pdbx_struct_conn_angle.ptnr1_label_alt_id 
_pdbx_struct_conn_angle.ptnr1_label_asym_id 
_pdbx_struct_conn_angle.ptnr1_label_comp_id 
_pdbx_struct_conn_angle.ptnr1_label_seq_id 
_pdbx_struct_conn_angle.ptnr1_auth_atom_id 
_pdbx_struct_conn_angle.ptnr1_auth_asym_id 
_pdbx_struct_conn_angle.ptnr1_auth_comp_id 
_pdbx_struct_conn_angle.ptnr1_auth_seq_id 
_pdbx_struct_conn_angle.ptnr1_PDB_ins_code 
_pdbx_struct_conn_angle.ptnr1_symmetry 
_pdbx_struct_conn_angle.ptnr2_label_atom_id 
_pdbx_struct_conn_angle.ptnr2_label_alt_id 
_pdbx_struct_conn_angle.ptnr2_label_asym_id 
_pdbx_struct_conn_angle.ptnr2_label_comp_id 
_pdbx_struct_conn_angle.ptnr2_label_seq_id 
_pdbx_struct_conn_angle.ptnr2_auth_atom_id 
_pdbx_struct_conn_angle.ptnr2_auth_asym_id 
_pdbx_struct_conn_angle.ptnr2_auth_comp_id 
_pdbx_struct_conn_angle.ptnr2_auth_seq_id 
_pdbx_struct_conn_angle.ptnr2_PDB_ins_code 
_pdbx_struct_conn_angle.ptnr2_symmetry 
_pdbx_struct_conn_angle.ptnr3_label_atom_id 
_pdbx_struct_conn_angle.ptnr3_label_alt_id 
_pdbx_struct_conn_angle.ptnr3_label_asym_id 
_pdbx_struct_conn_angle.ptnr3_label_comp_id 
_pdbx_struct_conn_angle.ptnr3_label_seq_id 
_pdbx_struct_conn_angle.ptnr3_auth_atom_id 
_pdbx_struct_conn_angle.ptnr3_auth_asym_id 
_pdbx_struct_conn_angle.ptnr3_auth_comp_id 
_pdbx_struct_conn_angle.ptnr3_auth_seq_id 
_pdbx_struct_conn_angle.ptnr3_PDB_ins_code 
_pdbx_struct_conn_angle.ptnr3_symmetry 
_pdbx_struct_conn_angle.value 
_pdbx_struct_conn_angle.value_esd 
1 SG ? A CYS 30 ? A CYS 199 ? 1_555 ZN ? I ZN . ? A ZN 308 ? 1_555 SG  ? A CYS 33 ? A CYS 202 ? 1_555 114.5 ? 
2 SG ? A CYS 30 ? A CYS 199 ? 1_555 ZN ? I ZN . ? A ZN 308 ? 1_555 SG  ? A CYS 50 ? A CYS 219 ? 1_555 113.0 ? 
3 SG ? A CYS 33 ? A CYS 202 ? 1_555 ZN ? I ZN . ? A ZN 308 ? 1_555 SG  ? A CYS 50 ? A CYS 219 ? 1_555 108.2 ? 
4 SG ? A CYS 30 ? A CYS 199 ? 1_555 ZN ? I ZN . ? A ZN 308 ? 1_555 ND1 ? A HIS 63 ? A HIS 232 ? 1_555 110.8 ? 
5 SG ? A CYS 33 ? A CYS 202 ? 1_555 ZN ? I ZN . ? A ZN 308 ? 1_555 ND1 ? A HIS 63 ? A HIS 232 ? 1_555 111.7 ? 
6 SG ? A CYS 50 ? A CYS 219 ? 1_555 ZN ? I ZN . ? A ZN 308 ? 1_555 ND1 ? A HIS 63 ? A HIS 232 ? 1_555 97.4  ? 
# 
_pdbx_modification_feature.ordinal                            1 
_pdbx_modification_feature.label_comp_id                      CYS 
_pdbx_modification_feature.label_asym_id                      A 
_pdbx_modification_feature.label_seq_id                       26 
_pdbx_modification_feature.label_alt_id                       ? 
_pdbx_modification_feature.modified_residue_label_comp_id     CYS 
_pdbx_modification_feature.modified_residue_label_asym_id     A 
_pdbx_modification_feature.modified_residue_label_seq_id      26 
_pdbx_modification_feature.modified_residue_label_alt_id      ? 
_pdbx_modification_feature.auth_comp_id                       CYS 
_pdbx_modification_feature.auth_asym_id                       A 
_pdbx_modification_feature.auth_seq_id                        195 
_pdbx_modification_feature.PDB_ins_code                       ? 
_pdbx_modification_feature.symmetry                           1_555 
_pdbx_modification_feature.modified_residue_auth_comp_id      CYS 
_pdbx_modification_feature.modified_residue_auth_asym_id      A 
_pdbx_modification_feature.modified_residue_auth_seq_id       195 
_pdbx_modification_feature.modified_residue_PDB_ins_code      ? 
_pdbx_modification_feature.modified_residue_symmetry          2_555 
_pdbx_modification_feature.comp_id_linking_atom               SG 
_pdbx_modification_feature.modified_residue_id_linking_atom   SG 
_pdbx_modification_feature.modified_residue_id                . 
_pdbx_modification_feature.ref_pcm_id                         . 
_pdbx_modification_feature.ref_comp_id                        . 
_pdbx_modification_feature.type                               None 
_pdbx_modification_feature.category                           'Disulfide bridge' 
# 
_struct_sheet.id               AA1 
_struct_sheet.type             ? 
_struct_sheet.number_strands   5 
_struct_sheet.details          ? 
# 
loop_
_struct_sheet_order.sheet_id 
_struct_sheet_order.range_id_1 
_struct_sheet_order.range_id_2 
_struct_sheet_order.offset 
_struct_sheet_order.sense 
AA1 1 2 ? anti-parallel 
AA1 2 3 ? anti-parallel 
AA1 3 4 ? anti-parallel 
AA1 4 5 ? anti-parallel 
# 
loop_
_struct_sheet_range.sheet_id 
_struct_sheet_range.id 
_struct_sheet_range.beg_label_comp_id 
_struct_sheet_range.beg_label_asym_id 
_struct_sheet_range.beg_label_seq_id 
_struct_sheet_range.pdbx_beg_PDB_ins_code 
_struct_sheet_range.end_label_comp_id 
_struct_sheet_range.end_label_asym_id 
_struct_sheet_range.end_label_seq_id 
_struct_sheet_range.pdbx_end_PDB_ins_code 
_struct_sheet_range.beg_auth_comp_id 
_struct_sheet_range.beg_auth_asym_id 
_struct_sheet_range.beg_auth_seq_id 
_struct_sheet_range.end_auth_comp_id 
_struct_sheet_range.end_auth_asym_id 
_struct_sheet_range.end_auth_seq_id 
AA1 1 ILE A 48 ? CYS A 50 ? ILE A 217 CYS A 219 
AA1 2 LEU A 39 ? ASN A 42 ? LEU A 208 ASN A 211 
AA1 3 LEU A 75 ? LYS A 78 ? LEU A 244 LYS A 247 
AA1 4 VAL A 89 ? SER A 91 ? VAL A 258 SER A 260 
AA1 5 ASP A 96 ? VAL A 98 ? ASP A 265 VAL A 267 
# 
loop_
_pdbx_struct_sheet_hbond.sheet_id 
_pdbx_struct_sheet_hbond.range_id_1 
_pdbx_struct_sheet_hbond.range_id_2 
_pdbx_struct_sheet_hbond.range_1_label_atom_id 
_pdbx_struct_sheet_hbond.range_1_label_comp_id 
_pdbx_struct_sheet_hbond.range_1_label_asym_id 
_pdbx_struct_sheet_hbond.range_1_label_seq_id 
_pdbx_struct_sheet_hbond.range_1_PDB_ins_code 
_pdbx_struct_sheet_hbond.range_1_auth_atom_id 
_pdbx_struct_sheet_hbond.range_1_auth_comp_id 
_pdbx_struct_sheet_hbond.range_1_auth_asym_id 
_pdbx_struct_sheet_hbond.range_1_auth_seq_id 
_pdbx_struct_sheet_hbond.range_2_label_atom_id 
_pdbx_struct_sheet_hbond.range_2_label_comp_id 
_pdbx_struct_sheet_hbond.range_2_label_asym_id 
_pdbx_struct_sheet_hbond.range_2_label_seq_id 
_pdbx_struct_sheet_hbond.range_2_PDB_ins_code 
_pdbx_struct_sheet_hbond.range_2_auth_atom_id 
_pdbx_struct_sheet_hbond.range_2_auth_comp_id 
_pdbx_struct_sheet_hbond.range_2_auth_asym_id 
_pdbx_struct_sheet_hbond.range_2_auth_seq_id 
AA1 1 2 O LEU A 49 ? O LEU A 218 N TRP A 40 ? N TRP A 209 
AA1 2 3 N LEU A 41 ? N LEU A 210 O VAL A 77 ? O VAL A 246 
AA1 3 4 N ALA A 76 ? N ALA A 245 O TYR A 90 ? O TYR A 259 
AA1 4 5 N VAL A 89 ? N VAL A 258 O VAL A 98 ? O VAL A 267 
# 
loop_
_struct_site.id 
_struct_site.pdbx_evidence_code 
_struct_site.pdbx_auth_asym_id 
_struct_site.pdbx_auth_comp_id 
_struct_site.pdbx_auth_seq_id 
_struct_site.pdbx_auth_ins_code 
_struct_site.pdbx_num_residues 
_struct_site.details 
AC1 Software A ZN  308 ? 4 'binding site for residue ZN A 308'  
AC2 Software A HH4 309 ? 8 'binding site for residue HH4 A 309' 
# 
loop_
_struct_site_gen.id 
_struct_site_gen.site_id 
_struct_site_gen.pdbx_num_res 
_struct_site_gen.label_comp_id 
_struct_site_gen.label_asym_id 
_struct_site_gen.label_seq_id 
_struct_site_gen.pdbx_auth_ins_code 
_struct_site_gen.auth_comp_id 
_struct_site_gen.auth_asym_id 
_struct_site_gen.auth_seq_id 
_struct_site_gen.label_atom_id 
_struct_site_gen.label_alt_id 
_struct_site_gen.symmetry 
_struct_site_gen.details 
1  AC1 4 CYS A 30 ? CYS A 199 . ? 1_555 ? 
2  AC1 4 CYS A 33 ? CYS A 202 . ? 1_555 ? 
3  AC1 4 CYS A 50 ? CYS A 219 . ? 1_555 ? 
4  AC1 4 HIS A 63 ? HIS A 232 . ? 1_555 ? 
5  AC2 8 TRP A 40 ? TRP A 209 . ? 1_555 ? 
6  AC2 8 GLY A 51 ? GLY A 220 . ? 1_555 ? 
7  AC2 8 ARG A 52 ? ARG A 221 . ? 1_555 ? 
8  AC2 8 PHE A 55 ? PHE A 224 . ? 3_555 ? 
9  AC2 8 TYR A 90 ? TYR A 259 . ? 1_555 ? 
10 AC2 8 TYR A 92 ? TYR A 261 . ? 1_555 ? 
11 AC2 8 HOH K .  ? HOH A 415 . ? 1_555 ? 
12 AC2 8 HOH K .  ? HOH A 425 . ? 1_555 ? 
# 
_pdbx_entry_details.entry_id                   6DXH 
_pdbx_entry_details.compound_details           ? 
_pdbx_entry_details.source_details             ? 
_pdbx_entry_details.nonpolymer_details         ? 
_pdbx_entry_details.sequence_details           ? 
_pdbx_entry_details.has_ligand_of_interest     ? 
_pdbx_entry_details.has_protein_modification   Y 
# 
_pdbx_SG_project.id                    1 
_pdbx_SG_project.project_name          ? 
_pdbx_SG_project.full_name_of_center   'Structural Genomics Consortium' 
_pdbx_SG_project.initial_of_center     SGC 
# 
_pdbx_struct_special_symmetry.id              1 
_pdbx_struct_special_symmetry.PDB_model_num   1 
_pdbx_struct_special_symmetry.auth_asym_id    A 
_pdbx_struct_special_symmetry.auth_comp_id    UNX 
_pdbx_struct_special_symmetry.auth_seq_id     302 
_pdbx_struct_special_symmetry.PDB_ins_code    ? 
_pdbx_struct_special_symmetry.label_asym_id   C 
_pdbx_struct_special_symmetry.label_comp_id   UNX 
_pdbx_struct_special_symmetry.label_seq_id    . 
# 
loop_
_pdbx_unobs_or_zero_occ_residues.id 
_pdbx_unobs_or_zero_occ_residues.PDB_model_num 
_pdbx_unobs_or_zero_occ_residues.polymer_flag 
_pdbx_unobs_or_zero_occ_residues.occupancy_flag 
_pdbx_unobs_or_zero_occ_residues.auth_asym_id 
_pdbx_unobs_or_zero_occ_residues.auth_comp_id 
_pdbx_unobs_or_zero_occ_residues.auth_seq_id 
_pdbx_unobs_or_zero_occ_residues.PDB_ins_code 
_pdbx_unobs_or_zero_occ_residues.label_asym_id 
_pdbx_unobs_or_zero_occ_residues.label_comp_id 
_pdbx_unobs_or_zero_occ_residues.label_seq_id 
1 1 Y 1 A GLY 170 ? A GLY 1   
2 1 Y 1 A GLY 171 ? A GLY 2   
3 1 Y 1 A GLU 172 ? A GLU 3   
4 1 Y 1 A ASP 290 ? A ASP 121 
# 
loop_
_chem_comp_atom.comp_id 
_chem_comp_atom.atom_id 
_chem_comp_atom.type_symbol 
_chem_comp_atom.pdbx_aromatic_flag 
_chem_comp_atom.pdbx_stereo_config 
_chem_comp_atom.pdbx_ordinal 
ALA N    N  N N 1   
ALA CA   C  N S 2   
ALA C    C  N N 3   
ALA O    O  N N 4   
ALA CB   C  N N 5   
ALA OXT  O  N N 6   
ALA H    H  N N 7   
ALA H2   H  N N 8   
ALA HA   H  N N 9   
ALA HB1  H  N N 10  
ALA HB2  H  N N 11  
ALA HB3  H  N N 12  
ALA HXT  H  N N 13  
ARG N    N  N N 14  
ARG CA   C  N S 15  
ARG C    C  N N 16  
ARG O    O  N N 17  
ARG CB   C  N N 18  
ARG CG   C  N N 19  
ARG CD   C  N N 20  
ARG NE   N  N N 21  
ARG CZ   C  N N 22  
ARG NH1  N  N N 23  
ARG NH2  N  N N 24  
ARG OXT  O  N N 25  
ARG H    H  N N 26  
ARG H2   H  N N 27  
ARG HA   H  N N 28  
ARG HB2  H  N N 29  
ARG HB3  H  N N 30  
ARG HG2  H  N N 31  
ARG HG3  H  N N 32  
ARG HD2  H  N N 33  
ARG HD3  H  N N 34  
ARG HE   H  N N 35  
ARG HH11 H  N N 36  
ARG HH12 H  N N 37  
ARG HH21 H  N N 38  
ARG HH22 H  N N 39  
ARG HXT  H  N N 40  
ASN N    N  N N 41  
ASN CA   C  N S 42  
ASN C    C  N N 43  
ASN O    O  N N 44  
ASN CB   C  N N 45  
ASN CG   C  N N 46  
ASN OD1  O  N N 47  
ASN ND2  N  N N 48  
ASN OXT  O  N N 49  
ASN H    H  N N 50  
ASN H2   H  N N 51  
ASN HA   H  N N 52  
ASN HB2  H  N N 53  
ASN HB3  H  N N 54  
ASN HD21 H  N N 55  
ASN HD22 H  N N 56  
ASN HXT  H  N N 57  
ASP N    N  N N 58  
ASP CA   C  N S 59  
ASP C    C  N N 60  
ASP O    O  N N 61  
ASP CB   C  N N 62  
ASP CG   C  N N 63  
ASP OD1  O  N N 64  
ASP OD2  O  N N 65  
ASP OXT  O  N N 66  
ASP H    H  N N 67  
ASP H2   H  N N 68  
ASP HA   H  N N 69  
ASP HB2  H  N N 70  
ASP HB3  H  N N 71  
ASP HD2  H  N N 72  
ASP HXT  H  N N 73  
CYS N    N  N N 74  
CYS CA   C  N R 75  
CYS C    C  N N 76  
CYS O    O  N N 77  
CYS CB   C  N N 78  
CYS SG   S  N N 79  
CYS OXT  O  N N 80  
CYS H    H  N N 81  
CYS H2   H  N N 82  
CYS HA   H  N N 83  
CYS HB2  H  N N 84  
CYS HB3  H  N N 85  
CYS HG   H  N N 86  
CYS HXT  H  N N 87  
GLN N    N  N N 88  
GLN CA   C  N S 89  
GLN C    C  N N 90  
GLN O    O  N N 91  
GLN CB   C  N N 92  
GLN CG   C  N N 93  
GLN CD   C  N N 94  
GLN OE1  O  N N 95  
GLN NE2  N  N N 96  
GLN OXT  O  N N 97  
GLN H    H  N N 98  
GLN H2   H  N N 99  
GLN HA   H  N N 100 
GLN HB2  H  N N 101 
GLN HB3  H  N N 102 
GLN HG2  H  N N 103 
GLN HG3  H  N N 104 
GLN HE21 H  N N 105 
GLN HE22 H  N N 106 
GLN HXT  H  N N 107 
GLU N    N  N N 108 
GLU CA   C  N S 109 
GLU C    C  N N 110 
GLU O    O  N N 111 
GLU CB   C  N N 112 
GLU CG   C  N N 113 
GLU CD   C  N N 114 
GLU OE1  O  N N 115 
GLU OE2  O  N N 116 
GLU OXT  O  N N 117 
GLU H    H  N N 118 
GLU H2   H  N N 119 
GLU HA   H  N N 120 
GLU HB2  H  N N 121 
GLU HB3  H  N N 122 
GLU HG2  H  N N 123 
GLU HG3  H  N N 124 
GLU HE2  H  N N 125 
GLU HXT  H  N N 126 
GLY N    N  N N 127 
GLY CA   C  N N 128 
GLY C    C  N N 129 
GLY O    O  N N 130 
GLY OXT  O  N N 131 
GLY H    H  N N 132 
GLY H2   H  N N 133 
GLY HA2  H  N N 134 
GLY HA3  H  N N 135 
GLY HXT  H  N N 136 
HH4 C4   C  Y N 137 
HH4 C2   C  N N 138 
HH4 C3   C  N N 139 
HH4 C1   C  N N 140 
HH4 C7   C  Y N 141 
HH4 C6   C  Y N 142 
HH4 C8   C  Y N 143 
HH4 C12  C  N N 144 
HH4 C13  C  N N 145 
HH4 C9   C  Y N 146 
HH4 C5   C  Y N 147 
HH4 C11  C  N N 148 
HH4 O1   O  N N 149 
HH4 O2   O  N N 150 
HH4 C10  C  N N 151 
HH4 O    O  N N 152 
HH4 C    C  N N 153 
HH4 H1   H  N N 154 
HH4 H2   H  N N 155 
HH4 H3   H  N N 156 
HH4 H4   H  N N 157 
HH4 H5   H  N N 158 
HH4 H6   H  N N 159 
HH4 H7   H  N N 160 
HH4 H8   H  N N 161 
HH4 H9   H  N N 162 
HH4 H10  H  N N 163 
HH4 H11  H  N N 164 
HH4 H12  H  N N 165 
HH4 H13  H  N N 166 
HH4 H14  H  N N 167 
HH4 H15  H  N N 168 
HH4 H16  H  N N 169 
HH4 H17  H  N N 170 
HH4 H18  H  N N 171 
HIS N    N  N N 172 
HIS CA   C  N S 173 
HIS C    C  N N 174 
HIS O    O  N N 175 
HIS CB   C  N N 176 
HIS CG   C  Y N 177 
HIS ND1  N  Y N 178 
HIS CD2  C  Y N 179 
HIS CE1  C  Y N 180 
HIS NE2  N  Y N 181 
HIS OXT  O  N N 182 
HIS H    H  N N 183 
HIS H2   H  N N 184 
HIS HA   H  N N 185 
HIS HB2  H  N N 186 
HIS HB3  H  N N 187 
HIS HD1  H  N N 188 
HIS HD2  H  N N 189 
HIS HE1  H  N N 190 
HIS HE2  H  N N 191 
HIS HXT  H  N N 192 
HOH O    O  N N 193 
HOH H1   H  N N 194 
HOH H2   H  N N 195 
ILE N    N  N N 196 
ILE CA   C  N S 197 
ILE C    C  N N 198 
ILE O    O  N N 199 
ILE CB   C  N S 200 
ILE CG1  C  N N 201 
ILE CG2  C  N N 202 
ILE CD1  C  N N 203 
ILE OXT  O  N N 204 
ILE H    H  N N 205 
ILE H2   H  N N 206 
ILE HA   H  N N 207 
ILE HB   H  N N 208 
ILE HG12 H  N N 209 
ILE HG13 H  N N 210 
ILE HG21 H  N N 211 
ILE HG22 H  N N 212 
ILE HG23 H  N N 213 
ILE HD11 H  N N 214 
ILE HD12 H  N N 215 
ILE HD13 H  N N 216 
ILE HXT  H  N N 217 
LEU N    N  N N 218 
LEU CA   C  N S 219 
LEU C    C  N N 220 
LEU O    O  N N 221 
LEU CB   C  N N 222 
LEU CG   C  N N 223 
LEU CD1  C  N N 224 
LEU CD2  C  N N 225 
LEU OXT  O  N N 226 
LEU H    H  N N 227 
LEU H2   H  N N 228 
LEU HA   H  N N 229 
LEU HB2  H  N N 230 
LEU HB3  H  N N 231 
LEU HG   H  N N 232 
LEU HD11 H  N N 233 
LEU HD12 H  N N 234 
LEU HD13 H  N N 235 
LEU HD21 H  N N 236 
LEU HD22 H  N N 237 
LEU HD23 H  N N 238 
LEU HXT  H  N N 239 
LYS N    N  N N 240 
LYS CA   C  N S 241 
LYS C    C  N N 242 
LYS O    O  N N 243 
LYS CB   C  N N 244 
LYS CG   C  N N 245 
LYS CD   C  N N 246 
LYS CE   C  N N 247 
LYS NZ   N  N N 248 
LYS OXT  O  N N 249 
LYS H    H  N N 250 
LYS H2   H  N N 251 
LYS HA   H  N N 252 
LYS HB2  H  N N 253 
LYS HB3  H  N N 254 
LYS HG2  H  N N 255 
LYS HG3  H  N N 256 
LYS HD2  H  N N 257 
LYS HD3  H  N N 258 
LYS HE2  H  N N 259 
LYS HE3  H  N N 260 
LYS HZ1  H  N N 261 
LYS HZ2  H  N N 262 
LYS HZ3  H  N N 263 
LYS HXT  H  N N 264 
MET N    N  N N 265 
MET CA   C  N S 266 
MET C    C  N N 267 
MET O    O  N N 268 
MET CB   C  N N 269 
MET CG   C  N N 270 
MET SD   S  N N 271 
MET CE   C  N N 272 
MET OXT  O  N N 273 
MET H    H  N N 274 
MET H2   H  N N 275 
MET HA   H  N N 276 
MET HB2  H  N N 277 
MET HB3  H  N N 278 
MET HG2  H  N N 279 
MET HG3  H  N N 280 
MET HE1  H  N N 281 
MET HE2  H  N N 282 
MET HE3  H  N N 283 
MET HXT  H  N N 284 
PHE N    N  N N 285 
PHE CA   C  N S 286 
PHE C    C  N N 287 
PHE O    O  N N 288 
PHE CB   C  N N 289 
PHE CG   C  Y N 290 
PHE CD1  C  Y N 291 
PHE CD2  C  Y N 292 
PHE CE1  C  Y N 293 
PHE CE2  C  Y N 294 
PHE CZ   C  Y N 295 
PHE OXT  O  N N 296 
PHE H    H  N N 297 
PHE H2   H  N N 298 
PHE HA   H  N N 299 
PHE HB2  H  N N 300 
PHE HB3  H  N N 301 
PHE HD1  H  N N 302 
PHE HD2  H  N N 303 
PHE HE1  H  N N 304 
PHE HE2  H  N N 305 
PHE HZ   H  N N 306 
PHE HXT  H  N N 307 
PRO N    N  N N 308 
PRO CA   C  N S 309 
PRO C    C  N N 310 
PRO O    O  N N 311 
PRO CB   C  N N 312 
PRO CG   C  N N 313 
PRO CD   C  N N 314 
PRO OXT  O  N N 315 
PRO H    H  N N 316 
PRO HA   H  N N 317 
PRO HB2  H  N N 318 
PRO HB3  H  N N 319 
PRO HG2  H  N N 320 
PRO HG3  H  N N 321 
PRO HD2  H  N N 322 
PRO HD3  H  N N 323 
PRO HXT  H  N N 324 
SER N    N  N N 325 
SER CA   C  N S 326 
SER C    C  N N 327 
SER O    O  N N 328 
SER CB   C  N N 329 
SER OG   O  N N 330 
SER OXT  O  N N 331 
SER H    H  N N 332 
SER H2   H  N N 333 
SER HA   H  N N 334 
SER HB2  H  N N 335 
SER HB3  H  N N 336 
SER HG   H  N N 337 
SER HXT  H  N N 338 
THR N    N  N N 339 
THR CA   C  N S 340 
THR C    C  N N 341 
THR O    O  N N 342 
THR CB   C  N R 343 
THR OG1  O  N N 344 
THR CG2  C  N N 345 
THR OXT  O  N N 346 
THR H    H  N N 347 
THR H2   H  N N 348 
THR HA   H  N N 349 
THR HB   H  N N 350 
THR HG1  H  N N 351 
THR HG21 H  N N 352 
THR HG22 H  N N 353 
THR HG23 H  N N 354 
THR HXT  H  N N 355 
TRP N    N  N N 356 
TRP CA   C  N S 357 
TRP C    C  N N 358 
TRP O    O  N N 359 
TRP CB   C  N N 360 
TRP CG   C  Y N 361 
TRP CD1  C  Y N 362 
TRP CD2  C  Y N 363 
TRP NE1  N  Y N 364 
TRP CE2  C  Y N 365 
TRP CE3  C  Y N 366 
TRP CZ2  C  Y N 367 
TRP CZ3  C  Y N 368 
TRP CH2  C  Y N 369 
TRP OXT  O  N N 370 
TRP H    H  N N 371 
TRP H2   H  N N 372 
TRP HA   H  N N 373 
TRP HB2  H  N N 374 
TRP HB3  H  N N 375 
TRP HD1  H  N N 376 
TRP HE1  H  N N 377 
TRP HE3  H  N N 378 
TRP HZ2  H  N N 379 
TRP HZ3  H  N N 380 
TRP HH2  H  N N 381 
TRP HXT  H  N N 382 
TYR N    N  N N 383 
TYR CA   C  N S 384 
TYR C    C  N N 385 
TYR O    O  N N 386 
TYR CB   C  N N 387 
TYR CG   C  Y N 388 
TYR CD1  C  Y N 389 
TYR CD2  C  Y N 390 
TYR CE1  C  Y N 391 
TYR CE2  C  Y N 392 
TYR CZ   C  Y N 393 
TYR OH   O  N N 394 
TYR OXT  O  N N 395 
TYR H    H  N N 396 
TYR H2   H  N N 397 
TYR HA   H  N N 398 
TYR HB2  H  N N 399 
TYR HB3  H  N N 400 
TYR HD1  H  N N 401 
TYR HD2  H  N N 402 
TYR HE1  H  N N 403 
TYR HE2  H  N N 404 
TYR HH   H  N N 405 
TYR HXT  H  N N 406 
VAL N    N  N N 407 
VAL CA   C  N S 408 
VAL C    C  N N 409 
VAL O    O  N N 410 
VAL CB   C  N N 411 
VAL CG1  C  N N 412 
VAL CG2  C  N N 413 
VAL OXT  O  N N 414 
VAL H    H  N N 415 
VAL H2   H  N N 416 
VAL HA   H  N N 417 
VAL HB   H  N N 418 
VAL HG11 H  N N 419 
VAL HG12 H  N N 420 
VAL HG13 H  N N 421 
VAL HG21 H  N N 422 
VAL HG22 H  N N 423 
VAL HG23 H  N N 424 
VAL HXT  H  N N 425 
ZN  ZN   ZN N N 426 
# 
loop_
_chem_comp_bond.comp_id 
_chem_comp_bond.atom_id_1 
_chem_comp_bond.atom_id_2 
_chem_comp_bond.value_order 
_chem_comp_bond.pdbx_aromatic_flag 
_chem_comp_bond.pdbx_stereo_config 
_chem_comp_bond.pdbx_ordinal 
ALA N   CA   sing N N 1   
ALA N   H    sing N N 2   
ALA N   H2   sing N N 3   
ALA CA  C    sing N N 4   
ALA CA  CB   sing N N 5   
ALA CA  HA   sing N N 6   
ALA C   O    doub N N 7   
ALA C   OXT  sing N N 8   
ALA CB  HB1  sing N N 9   
ALA CB  HB2  sing N N 10  
ALA CB  HB3  sing N N 11  
ALA OXT HXT  sing N N 12  
ARG N   CA   sing N N 13  
ARG N   H    sing N N 14  
ARG N   H2   sing N N 15  
ARG CA  C    sing N N 16  
ARG CA  CB   sing N N 17  
ARG CA  HA   sing N N 18  
ARG C   O    doub N N 19  
ARG C   OXT  sing N N 20  
ARG CB  CG   sing N N 21  
ARG CB  HB2  sing N N 22  
ARG CB  HB3  sing N N 23  
ARG CG  CD   sing N N 24  
ARG CG  HG2  sing N N 25  
ARG CG  HG3  sing N N 26  
ARG CD  NE   sing N N 27  
ARG CD  HD2  sing N N 28  
ARG CD  HD3  sing N N 29  
ARG NE  CZ   sing N N 30  
ARG NE  HE   sing N N 31  
ARG CZ  NH1  sing N N 32  
ARG CZ  NH2  doub N N 33  
ARG NH1 HH11 sing N N 34  
ARG NH1 HH12 sing N N 35  
ARG NH2 HH21 sing N N 36  
ARG NH2 HH22 sing N N 37  
ARG OXT HXT  sing N N 38  
ASN N   CA   sing N N 39  
ASN N   H    sing N N 40  
ASN N   H2   sing N N 41  
ASN CA  C    sing N N 42  
ASN CA  CB   sing N N 43  
ASN CA  HA   sing N N 44  
ASN C   O    doub N N 45  
ASN C   OXT  sing N N 46  
ASN CB  CG   sing N N 47  
ASN CB  HB2  sing N N 48  
ASN CB  HB3  sing N N 49  
ASN CG  OD1  doub N N 50  
ASN CG  ND2  sing N N 51  
ASN ND2 HD21 sing N N 52  
ASN ND2 HD22 sing N N 53  
ASN OXT HXT  sing N N 54  
ASP N   CA   sing N N 55  
ASP N   H    sing N N 56  
ASP N   H2   sing N N 57  
ASP CA  C    sing N N 58  
ASP CA  CB   sing N N 59  
ASP CA  HA   sing N N 60  
ASP C   O    doub N N 61  
ASP C   OXT  sing N N 62  
ASP CB  CG   sing N N 63  
ASP CB  HB2  sing N N 64  
ASP CB  HB3  sing N N 65  
ASP CG  OD1  doub N N 66  
ASP CG  OD2  sing N N 67  
ASP OD2 HD2  sing N N 68  
ASP OXT HXT  sing N N 69  
CYS N   CA   sing N N 70  
CYS N   H    sing N N 71  
CYS N   H2   sing N N 72  
CYS CA  C    sing N N 73  
CYS CA  CB   sing N N 74  
CYS CA  HA   sing N N 75  
CYS C   O    doub N N 76  
CYS C   OXT  sing N N 77  
CYS CB  SG   sing N N 78  
CYS CB  HB2  sing N N 79  
CYS CB  HB3  sing N N 80  
CYS SG  HG   sing N N 81  
CYS OXT HXT  sing N N 82  
GLN N   CA   sing N N 83  
GLN N   H    sing N N 84  
GLN N   H2   sing N N 85  
GLN CA  C    sing N N 86  
GLN CA  CB   sing N N 87  
GLN CA  HA   sing N N 88  
GLN C   O    doub N N 89  
GLN C   OXT  sing N N 90  
GLN CB  CG   sing N N 91  
GLN CB  HB2  sing N N 92  
GLN CB  HB3  sing N N 93  
GLN CG  CD   sing N N 94  
GLN CG  HG2  sing N N 95  
GLN CG  HG3  sing N N 96  
GLN CD  OE1  doub N N 97  
GLN CD  NE2  sing N N 98  
GLN NE2 HE21 sing N N 99  
GLN NE2 HE22 sing N N 100 
GLN OXT HXT  sing N N 101 
GLU N   CA   sing N N 102 
GLU N   H    sing N N 103 
GLU N   H2   sing N N 104 
GLU CA  C    sing N N 105 
GLU CA  CB   sing N N 106 
GLU CA  HA   sing N N 107 
GLU C   O    doub N N 108 
GLU C   OXT  sing N N 109 
GLU CB  CG   sing N N 110 
GLU CB  HB2  sing N N 111 
GLU CB  HB3  sing N N 112 
GLU CG  CD   sing N N 113 
GLU CG  HG2  sing N N 114 
GLU CG  HG3  sing N N 115 
GLU CD  OE1  doub N N 116 
GLU CD  OE2  sing N N 117 
GLU OE2 HE2  sing N N 118 
GLU OXT HXT  sing N N 119 
GLY N   CA   sing N N 120 
GLY N   H    sing N N 121 
GLY N   H2   sing N N 122 
GLY CA  C    sing N N 123 
GLY CA  HA2  sing N N 124 
GLY CA  HA3  sing N N 125 
GLY C   O    doub N N 126 
GLY C   OXT  sing N N 127 
GLY OXT HXT  sing N N 128 
HH4 C3  C1   sing N N 129 
HH4 C2  C1   sing N N 130 
HH4 C1  C4   sing N N 131 
HH4 C1  C    sing N N 132 
HH4 C4  C5   doub Y N 133 
HH4 C4  C9   sing Y N 134 
HH4 C5  C6   sing Y N 135 
HH4 C9  C8   doub Y N 136 
HH4 C6  C7   doub Y N 137 
HH4 C8  C7   sing Y N 138 
HH4 C7  C10  sing N N 139 
HH4 O1  C13  doub N N 140 
HH4 C10 O2   doub N N 141 
HH4 C10 C11  sing N N 142 
HH4 C11 C12  sing N N 143 
HH4 C13 O    sing N N 144 
HH4 C13 C12  sing N N 145 
HH4 C2  H1   sing N N 146 
HH4 C2  H2   sing N N 147 
HH4 C2  H3   sing N N 148 
HH4 C3  H4   sing N N 149 
HH4 C3  H5   sing N N 150 
HH4 C3  H6   sing N N 151 
HH4 C6  H7   sing N N 152 
HH4 C8  H8   sing N N 153 
HH4 C12 H9   sing N N 154 
HH4 C12 H10  sing N N 155 
HH4 C9  H11  sing N N 156 
HH4 C5  H12  sing N N 157 
HH4 C11 H13  sing N N 158 
HH4 C11 H14  sing N N 159 
HH4 O   H15  sing N N 160 
HH4 C   H16  sing N N 161 
HH4 C   H17  sing N N 162 
HH4 C   H18  sing N N 163 
HIS N   CA   sing N N 164 
HIS N   H    sing N N 165 
HIS N   H2   sing N N 166 
HIS CA  C    sing N N 167 
HIS CA  CB   sing N N 168 
HIS CA  HA   sing N N 169 
HIS C   O    doub N N 170 
HIS C   OXT  sing N N 171 
HIS CB  CG   sing N N 172 
HIS CB  HB2  sing N N 173 
HIS CB  HB3  sing N N 174 
HIS CG  ND1  sing Y N 175 
HIS CG  CD2  doub Y N 176 
HIS ND1 CE1  doub Y N 177 
HIS ND1 HD1  sing N N 178 
HIS CD2 NE2  sing Y N 179 
HIS CD2 HD2  sing N N 180 
HIS CE1 NE2  sing Y N 181 
HIS CE1 HE1  sing N N 182 
HIS NE2 HE2  sing N N 183 
HIS OXT HXT  sing N N 184 
HOH O   H1   sing N N 185 
HOH O   H2   sing N N 186 
ILE N   CA   sing N N 187 
ILE N   H    sing N N 188 
ILE N   H2   sing N N 189 
ILE CA  C    sing N N 190 
ILE CA  CB   sing N N 191 
ILE CA  HA   sing N N 192 
ILE C   O    doub N N 193 
ILE C   OXT  sing N N 194 
ILE CB  CG1  sing N N 195 
ILE CB  CG2  sing N N 196 
ILE CB  HB   sing N N 197 
ILE CG1 CD1  sing N N 198 
ILE CG1 HG12 sing N N 199 
ILE CG1 HG13 sing N N 200 
ILE CG2 HG21 sing N N 201 
ILE CG2 HG22 sing N N 202 
ILE CG2 HG23 sing N N 203 
ILE CD1 HD11 sing N N 204 
ILE CD1 HD12 sing N N 205 
ILE CD1 HD13 sing N N 206 
ILE OXT HXT  sing N N 207 
LEU N   CA   sing N N 208 
LEU N   H    sing N N 209 
LEU N   H2   sing N N 210 
LEU CA  C    sing N N 211 
LEU CA  CB   sing N N 212 
LEU CA  HA   sing N N 213 
LEU C   O    doub N N 214 
LEU C   OXT  sing N N 215 
LEU CB  CG   sing N N 216 
LEU CB  HB2  sing N N 217 
LEU CB  HB3  sing N N 218 
LEU CG  CD1  sing N N 219 
LEU CG  CD2  sing N N 220 
LEU CG  HG   sing N N 221 
LEU CD1 HD11 sing N N 222 
LEU CD1 HD12 sing N N 223 
LEU CD1 HD13 sing N N 224 
LEU CD2 HD21 sing N N 225 
LEU CD2 HD22 sing N N 226 
LEU CD2 HD23 sing N N 227 
LEU OXT HXT  sing N N 228 
LYS N   CA   sing N N 229 
LYS N   H    sing N N 230 
LYS N   H2   sing N N 231 
LYS CA  C    sing N N 232 
LYS CA  CB   sing N N 233 
LYS CA  HA   sing N N 234 
LYS C   O    doub N N 235 
LYS C   OXT  sing N N 236 
LYS CB  CG   sing N N 237 
LYS CB  HB2  sing N N 238 
LYS CB  HB3  sing N N 239 
LYS CG  CD   sing N N 240 
LYS CG  HG2  sing N N 241 
LYS CG  HG3  sing N N 242 
LYS CD  CE   sing N N 243 
LYS CD  HD2  sing N N 244 
LYS CD  HD3  sing N N 245 
LYS CE  NZ   sing N N 246 
LYS CE  HE2  sing N N 247 
LYS CE  HE3  sing N N 248 
LYS NZ  HZ1  sing N N 249 
LYS NZ  HZ2  sing N N 250 
LYS NZ  HZ3  sing N N 251 
LYS OXT HXT  sing N N 252 
MET N   CA   sing N N 253 
MET N   H    sing N N 254 
MET N   H2   sing N N 255 
MET CA  C    sing N N 256 
MET CA  CB   sing N N 257 
MET CA  HA   sing N N 258 
MET C   O    doub N N 259 
MET C   OXT  sing N N 260 
MET CB  CG   sing N N 261 
MET CB  HB2  sing N N 262 
MET CB  HB3  sing N N 263 
MET CG  SD   sing N N 264 
MET CG  HG2  sing N N 265 
MET CG  HG3  sing N N 266 
MET SD  CE   sing N N 267 
MET CE  HE1  sing N N 268 
MET CE  HE2  sing N N 269 
MET CE  HE3  sing N N 270 
MET OXT HXT  sing N N 271 
PHE N   CA   sing N N 272 
PHE N   H    sing N N 273 
PHE N   H2   sing N N 274 
PHE CA  C    sing N N 275 
PHE CA  CB   sing N N 276 
PHE CA  HA   sing N N 277 
PHE C   O    doub N N 278 
PHE C   OXT  sing N N 279 
PHE CB  CG   sing N N 280 
PHE CB  HB2  sing N N 281 
PHE CB  HB3  sing N N 282 
PHE CG  CD1  doub Y N 283 
PHE CG  CD2  sing Y N 284 
PHE CD1 CE1  sing Y N 285 
PHE CD1 HD1  sing N N 286 
PHE CD2 CE2  doub Y N 287 
PHE CD2 HD2  sing N N 288 
PHE CE1 CZ   doub Y N 289 
PHE CE1 HE1  sing N N 290 
PHE CE2 CZ   sing Y N 291 
PHE CE2 HE2  sing N N 292 
PHE CZ  HZ   sing N N 293 
PHE OXT HXT  sing N N 294 
PRO N   CA   sing N N 295 
PRO N   CD   sing N N 296 
PRO N   H    sing N N 297 
PRO CA  C    sing N N 298 
PRO CA  CB   sing N N 299 
PRO CA  HA   sing N N 300 
PRO C   O    doub N N 301 
PRO C   OXT  sing N N 302 
PRO CB  CG   sing N N 303 
PRO CB  HB2  sing N N 304 
PRO CB  HB3  sing N N 305 
PRO CG  CD   sing N N 306 
PRO CG  HG2  sing N N 307 
PRO CG  HG3  sing N N 308 
PRO CD  HD2  sing N N 309 
PRO CD  HD3  sing N N 310 
PRO OXT HXT  sing N N 311 
SER N   CA   sing N N 312 
SER N   H    sing N N 313 
SER N   H2   sing N N 314 
SER CA  C    sing N N 315 
SER CA  CB   sing N N 316 
SER CA  HA   sing N N 317 
SER C   O    doub N N 318 
SER C   OXT  sing N N 319 
SER CB  OG   sing N N 320 
SER CB  HB2  sing N N 321 
SER CB  HB3  sing N N 322 
SER OG  HG   sing N N 323 
SER OXT HXT  sing N N 324 
THR N   CA   sing N N 325 
THR N   H    sing N N 326 
THR N   H2   sing N N 327 
THR CA  C    sing N N 328 
THR CA  CB   sing N N 329 
THR CA  HA   sing N N 330 
THR C   O    doub N N 331 
THR C   OXT  sing N N 332 
THR CB  OG1  sing N N 333 
THR CB  CG2  sing N N 334 
THR CB  HB   sing N N 335 
THR OG1 HG1  sing N N 336 
THR CG2 HG21 sing N N 337 
THR CG2 HG22 sing N N 338 
THR CG2 HG23 sing N N 339 
THR OXT HXT  sing N N 340 
TRP N   CA   sing N N 341 
TRP N   H    sing N N 342 
TRP N   H2   sing N N 343 
TRP CA  C    sing N N 344 
TRP CA  CB   sing N N 345 
TRP CA  HA   sing N N 346 
TRP C   O    doub N N 347 
TRP C   OXT  sing N N 348 
TRP CB  CG   sing N N 349 
TRP CB  HB2  sing N N 350 
TRP CB  HB3  sing N N 351 
TRP CG  CD1  doub Y N 352 
TRP CG  CD2  sing Y N 353 
TRP CD1 NE1  sing Y N 354 
TRP CD1 HD1  sing N N 355 
TRP CD2 CE2  doub Y N 356 
TRP CD2 CE3  sing Y N 357 
TRP NE1 CE2  sing Y N 358 
TRP NE1 HE1  sing N N 359 
TRP CE2 CZ2  sing Y N 360 
TRP CE3 CZ3  doub Y N 361 
TRP CE3 HE3  sing N N 362 
TRP CZ2 CH2  doub Y N 363 
TRP CZ2 HZ2  sing N N 364 
TRP CZ3 CH2  sing Y N 365 
TRP CZ3 HZ3  sing N N 366 
TRP CH2 HH2  sing N N 367 
TRP OXT HXT  sing N N 368 
TYR N   CA   sing N N 369 
TYR N   H    sing N N 370 
TYR N   H2   sing N N 371 
TYR CA  C    sing N N 372 
TYR CA  CB   sing N N 373 
TYR CA  HA   sing N N 374 
TYR C   O    doub N N 375 
TYR C   OXT  sing N N 376 
TYR CB  CG   sing N N 377 
TYR CB  HB2  sing N N 378 
TYR CB  HB3  sing N N 379 
TYR CG  CD1  doub Y N 380 
TYR CG  CD2  sing Y N 381 
TYR CD1 CE1  sing Y N 382 
TYR CD1 HD1  sing N N 383 
TYR CD2 CE2  doub Y N 384 
TYR CD2 HD2  sing N N 385 
TYR CE1 CZ   doub Y N 386 
TYR CE1 HE1  sing N N 387 
TYR CE2 CZ   sing Y N 388 
TYR CE2 HE2  sing N N 389 
TYR CZ  OH   sing N N 390 
TYR OH  HH   sing N N 391 
TYR OXT HXT  sing N N 392 
VAL N   CA   sing N N 393 
VAL N   H    sing N N 394 
VAL N   H2   sing N N 395 
VAL CA  C    sing N N 396 
VAL CA  CB   sing N N 397 
VAL CA  HA   sing N N 398 
VAL C   O    doub N N 399 
VAL C   OXT  sing N N 400 
VAL CB  CG1  sing N N 401 
VAL CB  CG2  sing N N 402 
VAL CB  HB   sing N N 403 
VAL CG1 HG11 sing N N 404 
VAL CG1 HG12 sing N N 405 
VAL CG1 HG13 sing N N 406 
VAL CG2 HG21 sing N N 407 
VAL CG2 HG22 sing N N 408 
VAL CG2 HG23 sing N N 409 
VAL OXT HXT  sing N N 410 
# 
_pdbx_initial_refinement_model.id               1 
_pdbx_initial_refinement_model.entity_id_list   ? 
_pdbx_initial_refinement_model.type             'experimental model' 
_pdbx_initial_refinement_model.source_name      PDB 
_pdbx_initial_refinement_model.accession_code   2G43 
_pdbx_initial_refinement_model.details          'pdbid 2G43' 
# 
_atom_sites.entry_id                    6DXH 
_atom_sites.fract_transf_matrix[1][1]   -0.00100459 
_atom_sites.fract_transf_matrix[1][2]   0.01078975 
_atom_sites.fract_transf_matrix[1][3]   0.01795191 
_atom_sites.fract_transf_matrix[2][1]   0.01201358 
_atom_sites.fract_transf_matrix[2][2]   0.00237780 
_atom_sites.fract_transf_matrix[2][3]   -0.00075686 
_atom_sites.fract_transf_matrix[3][1]   -0.00198319 
_atom_sites.fract_transf_matrix[3][2]   0.00838110 
_atom_sites.fract_transf_matrix[3][3]   -0.00514832 
_atom_sites.fract_transf_vector[1]      0.069258 
_atom_sites.fract_transf_vector[2]      0.201880 
_atom_sites.fract_transf_vector[3]      0.177964 
# 
loop_
_atom_type.symbol 
C  
N  
O  
S  
X  
ZN 
# 
loop_
_atom_site.group_PDB 
_atom_site.id 
_atom_site.type_symbol 
_atom_site.label_atom_id 
_atom_site.label_alt_id 
_atom_site.label_comp_id 
_atom_site.label_asym_id 
_atom_site.label_entity_id 
_atom_site.label_seq_id 
_atom_site.pdbx_PDB_ins_code 
_atom_site.Cartn_x 
_atom_site.Cartn_y 
_atom_site.Cartn_z 
_atom_site.occupancy 
_atom_site.B_iso_or_equiv 
_atom_site.pdbx_formal_charge 
_atom_site.auth_seq_id 
_atom_site.auth_comp_id 
_atom_site.auth_asym_id 
_atom_site.auth_atom_id 
_atom_site.pdbx_PDB_model_num 
ATOM   1   N  N   . VAL A 1 4   ? 7.571   2.687   19.133  1.00 64.82 ? 173 VAL A N   1 
ATOM   2   C  CA  . VAL A 1 4   ? 6.626   3.614   18.459  1.00 57.09 ? 173 VAL A CA  1 
ATOM   3   C  C   . VAL A 1 4   ? 6.997   3.643   16.967  1.00 55.99 ? 173 VAL A C   1 
ATOM   4   O  O   . VAL A 1 4   ? 8.189   3.598   16.596  1.00 50.12 ? 173 VAL A O   1 
ATOM   5   C  CB  . VAL A 1 4   ? 6.657   5.027   19.079  1.00 52.74 ? 173 VAL A CB  1 
ATOM   6   N  N   . ARG A 1 5   ? 5.977   3.682   16.109  1.00 43.46 ? 174 ARG A N   1 
ATOM   7   C  CA  . ARG A 1 5   ? 6.184   3.995   14.677  1.00 43.06 ? 174 ARG A CA  1 
ATOM   8   C  C   . ARG A 1 5   ? 6.385   5.507   14.539  1.00 35.70 ? 174 ARG A C   1 
ATOM   9   O  O   . ARG A 1 5   ? 5.830   6.274   15.277  1.00 37.83 ? 174 ARG A O   1 
ATOM   10  C  CB  . ARG A 1 5   ? 4.996   3.511   13.839  1.00 41.30 ? 174 ARG A CB  1 
ATOM   11  C  CG  . ARG A 1 5   ? 4.942   2.002   13.667  1.00 40.09 ? 174 ARG A CG  1 
ATOM   12  C  CD  . ARG A 1 5   ? 3.635   1.515   13.067  1.00 40.07 ? 174 ARG A CD  1 
ATOM   13  N  NE  . ARG A 1 5   ? 3.515   0.062   13.232  1.00 41.62 ? 174 ARG A NE  1 
ATOM   14  C  CZ  . ARG A 1 5   ? 2.562   -0.698  12.705  1.00 39.72 ? 174 ARG A CZ  1 
ATOM   15  N  NH1 . ARG A 1 5   ? 1.726   -0.196  11.813  1.00 39.35 ? 174 ARG A NH1 1 
ATOM   16  N  NH2 . ARG A 1 5   ? 2.495   -1.981  13.025  1.00 39.84 ? 174 ARG A NH2 1 
ATOM   17  N  N   . GLN A 1 6   ? 7.229   5.906   13.598  1.00 33.20 ? 175 GLN A N   1 
ATOM   18  C  CA  . GLN A 1 6   ? 7.573   7.247   13.414  1.00 31.81 ? 175 GLN A CA  1 
ATOM   19  C  C   . GLN A 1 6   ? 7.104   7.723   12.036  1.00 33.32 ? 175 GLN A C   1 
ATOM   20  O  O   . GLN A 1 6   ? 6.998   6.965   11.100  1.00 31.36 ? 175 GLN A O   1 
ATOM   21  C  CB  . GLN A 1 6   ? 9.074   7.383   13.577  1.00 34.83 ? 175 GLN A CB  1 
ATOM   22  C  CG  . GLN A 1 6   ? 9.524   7.094   15.009  1.00 39.96 ? 175 GLN A CG  1 
ATOM   23  C  CD  . GLN A 1 6   ? 11.018  7.296   15.059  1.00 43.15 ? 175 GLN A CD  1 
ATOM   24  O  OE1 . GLN A 1 6   ? 11.773  6.481   14.551  1.00 44.80 ? 175 GLN A OE1 1 
ATOM   25  N  NE2 . GLN A 1 6   ? 11.448  8.430   15.581  1.00 45.13 ? 175 GLN A NE2 1 
ATOM   26  N  N   . VAL A 1 7   ? 6.828   9.026   11.955  1.00 31.24 ? 176 VAL A N   1 
ATOM   27  C  CA  . VAL A 1 7   ? 6.429   9.645   10.726  1.00 29.16 ? 176 VAL A CA  1 
ATOM   28  C  C   . VAL A 1 7   ? 7.501   9.399   9.656   1.00 30.27 ? 176 VAL A C   1 
ATOM   29  O  O   . VAL A 1 7   ? 8.662   9.791   9.804   1.00 26.24 ? 176 VAL A O   1 
ATOM   30  C  CB  . VAL A 1 7   ? 6.201   11.142  10.955  1.00 26.45 ? 176 VAL A CB  1 
ATOM   31  C  CG1 . VAL A 1 7   ? 5.961   11.899  9.649   1.00 27.47 ? 176 VAL A CG1 1 
ATOM   32  C  CG2 . VAL A 1 7   ? 5.059   11.352  11.934  1.00 29.30 ? 176 VAL A CG2 1 
ATOM   33  N  N   . SER A 1 8   ? 7.076   8.832   8.534   1.00 29.05 ? 177 SER A N   1 
ATOM   34  C  CA  . SER A 1 8   ? 7.992   8.639   7.395   1.00 31.68 ? 177 SER A CA  1 
ATOM   35  C  C   . SER A 1 8   ? 8.564   9.972   6.932   1.00 30.22 ? 177 SER A C   1 
ATOM   36  O  O   . SER A 1 8   ? 7.852   10.982  6.940   1.00 32.79 ? 177 SER A O   1 
ATOM   37  C  CB  . SER A 1 8   ? 7.294   7.975   6.220   1.00 30.82 ? 177 SER A CB  1 
ATOM   38  O  OG  . SER A 1 8   ? 8.163   7.916   5.106   1.00 27.84 ? 177 SER A OG  1 
ATOM   39  N  N   . LYS A 1 9   ? 9.810   9.958   6.440   1.00 31.36 ? 178 LYS A N   1 
ATOM   40  C  CA  . LYS A 1 9   ? 10.372  11.154  5.832   1.00 32.50 ? 178 LYS A CA  1 
ATOM   41  C  C   . LYS A 1 9   ? 9.689   11.496  4.496   1.00 31.12 ? 178 LYS A C   1 
ATOM   42  O  O   . LYS A 1 9   ? 9.904   12.569  3.978   1.00 31.41 ? 178 LYS A O   1 
ATOM   43  C  CB  . LYS A 1 9   ? 11.877  11.005  5.599   1.00 36.67 ? 178 LYS A CB  1 
ATOM   44  C  CG  . LYS A 1 9   ? 12.297  10.047  4.490   1.00 40.59 ? 178 LYS A CG  1 
ATOM   45  C  CD  . LYS A 1 9   ? 13.797  10.157  4.179   1.00 45.57 ? 178 LYS A CD  1 
ATOM   46  C  CE  . LYS A 1 9   ? 14.370  8.835   3.737   1.00 51.82 ? 178 LYS A CE  1 
ATOM   47  N  NZ  . LYS A 1 9   ? 15.830  8.900   3.484   1.00 58.04 ? 178 LYS A NZ  1 
ATOM   48  N  N   . HIS A 1 10  ? 8.871   10.594  3.943   1.00 29.08 ? 179 HIS A N   1 
ATOM   49  C  CA  . HIS A 1 10  ? 8.155   10.832  2.691   1.00 30.59 ? 179 HIS A CA  1 
ATOM   50  C  C   . HIS A 1 10  ? 6.697   11.270  2.897   1.00 29.73 ? 179 HIS A C   1 
ATOM   51  O  O   . HIS A 1 10  ? 6.001   11.535  1.919   1.00 25.99 ? 179 HIS A O   1 
ATOM   52  C  CB  . HIS A 1 10  ? 8.112   9.539   1.883   1.00 31.95 ? 179 HIS A CB  1 
ATOM   53  C  CG  . HIS A 1 10  ? 9.456   8.985   1.605   1.00 33.17 ? 179 HIS A CG  1 
ATOM   54  N  ND1 . HIS A 1 10  ? 10.332  9.605   0.739   1.00 40.25 ? 179 HIS A ND1 1 
ATOM   55  C  CD2 . HIS A 1 10  ? 10.066  7.868   2.052   1.00 33.71 ? 179 HIS A CD2 1 
ATOM   56  C  CE1 . HIS A 1 10  ? 11.442  8.893   0.678   1.00 38.39 ? 179 HIS A CE1 1 
ATOM   57  N  NE2 . HIS A 1 10  ? 11.301  7.840   1.483   1.00 37.66 ? 179 HIS A NE2 1 
ATOM   58  N  N   . ALA A 1 11  ? 6.224   11.315  4.136   1.00 26.55 ? 180 ALA A N   1 
ATOM   59  C  CA  . ALA A 1 11  ? 4.790   11.527  4.405   1.00 27.57 ? 180 ALA A CA  1 
ATOM   60  C  C   . ALA A 1 11  ? 4.249   12.842  3.804   1.00 27.60 ? 180 ALA A C   1 
ATOM   61  O  O   . ALA A 1 11  ? 3.098   12.903  3.336   1.00 27.78 ? 180 ALA A O   1 
ATOM   62  C  CB  . ALA A 1 11  ? 4.561   11.519  5.884   1.00 29.84 ? 180 ALA A CB  1 
ATOM   63  N  N   . PHE A 1 12  ? 5.030   13.916  3.864   1.00 26.48 ? 181 PHE A N   1 
ATOM   64  C  CA  . PHE A 1 12  ? 4.509   15.255  3.487   1.00 26.85 ? 181 PHE A CA  1 
ATOM   65  C  C   . PHE A 1 12  ? 4.977   15.663  2.101   1.00 26.41 ? 181 PHE A C   1 
ATOM   66  O  O   . PHE A 1 12  ? 4.383   16.521  1.523   1.00 31.18 ? 181 PHE A O   1 
ATOM   67  C  CB  . PHE A 1 12  ? 4.913   16.279  4.532   1.00 25.43 ? 181 PHE A CB  1 
ATOM   68  C  CG  . PHE A 1 12  ? 4.512   15.818  5.902   1.00 25.79 ? 181 PHE A CG  1 
ATOM   69  C  CD1 . PHE A 1 12  ? 3.197   15.446  6.162   1.00 26.69 ? 181 PHE A CD1 1 
ATOM   70  C  CD2 . PHE A 1 12  ? 5.440   15.749  6.920   1.00 26.52 ? 181 PHE A CD2 1 
ATOM   71  C  CE1 . PHE A 1 12  ? 2.838   14.980  7.421   1.00 27.08 ? 181 PHE A CE1 1 
ATOM   72  C  CE2 . PHE A 1 12  ? 5.089   15.294  8.177   1.00 24.29 ? 181 PHE A CE2 1 
ATOM   73  C  CZ  . PHE A 1 12  ? 3.782   14.923  8.427   1.00 27.12 ? 181 PHE A CZ  1 
ATOM   74  N  N   . SER A 1 13  ? 6.039   15.023  1.605   1.00 28.56 ? 182 SER A N   1 
ATOM   75  C  CA  . SER A 1 13  ? 6.673   15.344  0.301   1.00 29.84 ? 182 SER A CA  1 
ATOM   76  C  C   . SER A 1 13  ? 6.231   14.389  -0.804  1.00 30.06 ? 182 SER A C   1 
ATOM   77  O  O   . SER A 1 13  ? 6.551   14.634  -1.954  1.00 30.02 ? 182 SER A O   1 
ATOM   78  C  CB  . SER A 1 13  ? 8.172   15.271  0.414   1.00 30.35 ? 182 SER A CB  1 
ATOM   79  O  OG  . SER A 1 13  ? 8.579   13.981  0.911   1.00 28.77 ? 182 SER A OG  1 
ATOM   80  N  N   . LEU A 1 14  ? 5.554   13.281  -0.460  1.00 32.46 ? 183 LEU A N   1 
ATOM   81  C  CA  . LEU A 1 14  ? 5.247   12.247  -1.455  1.00 31.54 ? 183 LEU A CA  1 
ATOM   82  C  C   . LEU A 1 14  ? 4.490   12.866  -2.637  1.00 33.77 ? 183 LEU A C   1 
ATOM   83  O  O   . LEU A 1 14  ? 3.508   13.533  -2.422  1.00 33.45 ? 183 LEU A O   1 
ATOM   84  C  CB  . LEU A 1 14  ? 4.378   11.157  -0.843  1.00 33.32 ? 183 LEU A CB  1 
ATOM   85  C  CG  . LEU A 1 14  ? 4.311   9.893   -1.691  1.00 34.72 ? 183 LEU A CG  1 
ATOM   86  C  CD1 . LEU A 1 14  ? 5.653   9.207   -1.721  1.00 34.66 ? 183 LEU A CD1 1 
ATOM   87  C  CD2 . LEU A 1 14  ? 3.243   8.972   -1.206  1.00 35.25 ? 183 LEU A CD2 1 
ATOM   88  N  N   . LYS A 1 15  ? 4.976   12.632  -3.861  1.00 34.23 ? 184 LYS A N   1 
ATOM   89  C  CA  . LYS A 1 15  ? 4.335   13.099  -5.120  1.00 34.87 ? 184 LYS A CA  1 
ATOM   90  C  C   . LYS A 1 15  ? 3.542   11.904  -5.676  1.00 30.62 ? 184 LYS A C   1 
ATOM   91  O  O   . LYS A 1 15  ? 4.124   10.848  -5.838  1.00 34.08 ? 184 LYS A O   1 
ATOM   92  C  CB  . LYS A 1 15  ? 5.423   13.597  -6.100  1.00 40.72 ? 184 LYS A CB  1 
ATOM   93  C  CG  . LYS A 1 15  ? 6.049   14.965  -5.797  1.00 46.92 ? 184 LYS A CG  1 
ATOM   94  C  CD  . LYS A 1 15  ? 7.428   15.241  -6.417  1.00 45.06 ? 184 LYS A CD  1 
ATOM   95  N  N   . GLN A 1 16  ? 2.217   12.032  -5.833  1.00 26.09 ? 185 GLN A N   1 
ATOM   96  C  CA  . GLN A 1 16  ? 1.346   10.953  -6.252  1.00 27.19 ? 185 GLN A CA  1 
ATOM   97  C  C   . GLN A 1 16  ? 1.013   11.141  -7.737  1.00 32.43 ? 185 GLN A C   1 
ATOM   98  O  O   . GLN A 1 16  ? 0.894   12.285  -8.188  1.00 27.74 ? 185 GLN A O   1 
ATOM   99  C  CB  . GLN A 1 16  ? 0.058   10.944  -5.436  1.00 29.39 ? 185 GLN A CB  1 
ATOM   100 C  CG  . GLN A 1 16  ? 0.242   10.508  -3.987  1.00 29.44 ? 185 GLN A CG  1 
ATOM   101 C  CD  . GLN A 1 16  ? -1.093  10.318  -3.301  1.00 26.18 ? 185 GLN A CD  1 
ATOM   102 O  OE1 . GLN A 1 16  ? -1.738  11.283  -2.916  1.00 26.17 ? 185 GLN A OE1 1 
ATOM   103 N  NE2 . GLN A 1 16  ? -1.493  9.079   -3.090  1.00 24.75 ? 185 GLN A NE2 1 
ATOM   104 N  N   . LEU A 1 17  ? 0.885   10.038  -8.484  1.00 26.27 ? 186 LEU A N   1 
ATOM   105 C  CA  . LEU A 1 17  ? 0.466   10.109  -9.846  1.00 27.90 ? 186 LEU A CA  1 
ATOM   106 C  C   . LEU A 1 17  ? -1.056  10.001  -9.871  1.00 30.66 ? 186 LEU A C   1 
ATOM   107 O  O   . LEU A 1 17  ? -1.646  9.517   -8.937  1.00 27.80 ? 186 LEU A O   1 
ATOM   108 C  CB  . LEU A 1 17  ? 1.073   8.948   -10.642 1.00 29.19 ? 186 LEU A CB  1 
ATOM   109 C  CG  . LEU A 1 17  ? 2.587   8.799   -10.610 1.00 28.96 ? 186 LEU A CG  1 
ATOM   110 C  CD1 . LEU A 1 17  ? 2.958   7.557   -11.413 1.00 30.81 ? 186 LEU A CD1 1 
ATOM   111 C  CD2 . LEU A 1 17  ? 3.268   10.042  -11.166 1.00 29.11 ? 186 LEU A CD2 1 
ATOM   112 N  N   A ASP A 1 18  ? -1.648  10.444  -10.981 0.70 30.01 ? 187 ASP A N   1 
ATOM   113 N  N   B ASP A 1 18  ? -1.664  10.489  -10.954 0.30 28.62 ? 187 ASP A N   1 
ATOM   114 C  CA  A ASP A 1 18  ? -3.104  10.395  -11.242 0.70 33.66 ? 187 ASP A CA  1 
ATOM   115 C  CA  B ASP A 1 18  ? -3.113  10.423  -11.138 0.30 29.41 ? 187 ASP A CA  1 
ATOM   116 C  C   A ASP A 1 18  ? -3.448  9.007   -11.802 0.70 32.28 ? 187 ASP A C   1 
ATOM   117 C  C   B ASP A 1 18  ? -3.455  9.060   -11.766 0.30 30.00 ? 187 ASP A C   1 
ATOM   118 O  O   A ASP A 1 18  ? -3.056  8.643   -12.951 0.70 32.49 ? 187 ASP A O   1 
ATOM   119 O  O   B ASP A 1 18  ? -3.059  8.762   -12.913 0.30 30.60 ? 187 ASP A O   1 
ATOM   120 C  CB  A ASP A 1 18  ? -3.488  11.532  -12.200 0.70 34.88 ? 187 ASP A CB  1 
ATOM   121 C  CB  B ASP A 1 18  ? -3.613  11.622  -11.956 0.30 28.41 ? 187 ASP A CB  1 
ATOM   122 C  CG  A ASP A 1 18  ? -4.967  11.743  -12.510 0.70 37.56 ? 187 ASP A CG  1 
ATOM   123 C  CG  B ASP A 1 18  ? -3.320  12.991  -11.353 0.30 27.67 ? 187 ASP A CG  1 
ATOM   124 O  OD1 A ASP A 1 18  ? -5.785  10.801  -12.370 0.70 35.04 ? 187 ASP A OD1 1 
ATOM   125 O  OD1 B ASP A 1 18  ? -3.027  13.068  -10.137 0.30 25.22 ? 187 ASP A OD1 1 
ATOM   126 O  OD2 A ASP A 1 18  ? -5.277  12.864  -12.945 0.70 44.80 ? 187 ASP A OD2 1 
ATOM   127 O  OD2 B ASP A 1 18  ? -3.379  13.984  -12.119 0.30 30.17 ? 187 ASP A OD2 1 
ATOM   128 N  N   . ASN A 1 19  ? -4.161  8.232   -10.988 1.00 30.34 ? 188 ASN A N   1 
ATOM   129 C  CA  . ASN A 1 19  ? -4.580  6.931   -11.367 1.00 31.55 ? 188 ASN A CA  1 
ATOM   130 C  C   . ASN A 1 19  ? -6.079  6.804   -11.111 1.00 30.81 ? 188 ASN A C   1 
ATOM   131 O  O   . ASN A 1 19  ? -6.503  6.491   -10.007 1.00 30.79 ? 188 ASN A O   1 
ATOM   132 C  CB  . ASN A 1 19  ? -3.821  5.828   -10.634 1.00 27.90 ? 188 ASN A CB  1 
ATOM   133 C  CG  . ASN A 1 19  ? -4.178  4.450   -11.154 1.00 31.20 ? 188 ASN A CG  1 
ATOM   134 O  OD1 . ASN A 1 19  ? -5.159  4.296   -11.880 1.00 32.59 ? 188 ASN A OD1 1 
ATOM   135 N  ND2 . ASN A 1 19  ? -3.407  3.441   -10.765 1.00 26.60 ? 188 ASN A ND2 1 
ATOM   136 N  N   . PRO A 1 20  ? -6.899  6.918   -12.161 1.00 32.40 ? 189 PRO A N   1 
ATOM   137 C  CA  . PRO A 1 20  ? -8.353  6.848   -12.008 1.00 35.85 ? 189 PRO A CA  1 
ATOM   138 C  C   . PRO A 1 20  ? -8.995  5.484   -11.736 1.00 37.46 ? 189 PRO A C   1 
ATOM   139 O  O   . PRO A 1 20  ? -10.182 5.458   -11.494 1.00 39.83 ? 189 PRO A O   1 
ATOM   140 C  CB  . PRO A 1 20  ? -8.870  7.378   -13.357 1.00 37.87 ? 189 PRO A CB  1 
ATOM   141 C  CG  . PRO A 1 20  ? -7.728  7.119   -14.345 1.00 36.73 ? 189 PRO A CG  1 
ATOM   142 C  CD  . PRO A 1 20  ? -6.466  7.248   -13.525 1.00 34.67 ? 189 PRO A CD  1 
ATOM   143 N  N   . ALA A 1 21  ? -8.242  4.372   -11.720 1.00 32.74 ? 190 ALA A N   1 
ATOM   144 C  CA  . ALA A 1 21  ? -8.869  3.093   -11.510 1.00 33.69 ? 190 ALA A CA  1 
ATOM   145 C  C   . ALA A 1 21  ? -9.631  3.111   -10.172 1.00 37.09 ? 190 ALA A C   1 
ATOM   146 O  O   . ALA A 1 21  ? -9.197  3.754   -9.218  1.00 37.13 ? 190 ALA A O   1 
ATOM   147 C  CB  . ALA A 1 21  ? -7.842  1.980   -11.554 1.00 35.51 ? 190 ALA A CB  1 
ATOM   148 N  N   . ARG A 1 22  ? -10.767 2.397   -10.125 1.00 38.37 ? 191 ARG A N   1 
ATOM   149 C  CA  . ARG A 1 22  ? -11.625 2.296   -8.943  1.00 40.31 ? 191 ARG A CA  1 
ATOM   150 C  C   . ARG A 1 22  ? -11.054 1.197   -8.050  1.00 37.25 ? 191 ARG A C   1 
ATOM   151 O  O   . ARG A 1 22  ? -10.853 0.111   -8.493  1.00 40.31 ? 191 ARG A O   1 
ATOM   152 C  CB  . ARG A 1 22  ? -13.068 1.948   -9.333  1.00 40.98 ? 191 ARG A CB  1 
ATOM   153 N  N   . ILE A 1 23  ? -10.762 1.519   -6.797  1.00 37.28 ? 192 ILE A N   1 
ATOM   154 C  CA  . ILE A 1 23  ? -10.297 0.536   -5.860  1.00 38.91 ? 192 ILE A CA  1 
ATOM   155 C  C   . ILE A 1 23  ? -11.492 0.110   -5.001  1.00 40.99 ? 192 ILE A C   1 
ATOM   156 O  O   . ILE A 1 23  ? -12.078 0.940   -4.320  1.00 37.55 ? 192 ILE A O   1 
ATOM   157 C  CB  . ILE A 1 23  ? -9.123  1.129   -5.048  1.00 35.73 ? 192 ILE A CB  1 
ATOM   158 C  CG1 . ILE A 1 23  ? -7.919  1.393   -5.962  1.00 40.59 ? 192 ILE A CG1 1 
ATOM   159 C  CG2 . ILE A 1 23  ? -8.755  0.229   -3.872  1.00 33.63 ? 192 ILE A CG2 1 
ATOM   160 C  CD1 . ILE A 1 23  ? -6.829  2.260   -5.359  1.00 38.72 ? 192 ILE A CD1 1 
ATOM   161 N  N   . PRO A 1 24  ? -11.874 -1.187  -4.979  1.00 42.75 ? 193 PRO A N   1 
ATOM   162 C  CA  . PRO A 1 24  ? -13.013 -1.628  -4.187  1.00 42.46 ? 193 PRO A CA  1 
ATOM   163 C  C   . PRO A 1 24  ? -12.670 -1.645  -2.697  1.00 47.25 ? 193 PRO A C   1 
ATOM   164 O  O   . PRO A 1 24  ? -11.494 -1.520  -2.332  1.00 39.07 ? 193 PRO A O   1 
ATOM   165 C  CB  . PRO A 1 24  ? -13.288 -3.020  -4.768  1.00 40.80 ? 193 PRO A CB  1 
ATOM   166 C  CG  . PRO A 1 24  ? -11.903 -3.541  -5.098  1.00 42.82 ? 193 PRO A CG  1 
ATOM   167 C  CD  . PRO A 1 24  ? -11.198 -2.317  -5.643  1.00 40.09 ? 193 PRO A CD  1 
ATOM   168 N  N   . PRO A 1 25  ? -13.696 -1.764  -1.807  1.00 43.95 ? 194 PRO A N   1 
ATOM   169 C  CA  . PRO A 1 25  ? -13.496 -1.780  -0.359  1.00 40.90 ? 194 PRO A CA  1 
ATOM   170 C  C   . PRO A 1 25  ? -13.212 -3.158  0.242   1.00 39.20 ? 194 PRO A C   1 
ATOM   171 O  O   . PRO A 1 25  ? -13.121 -3.262  1.466   1.00 42.23 ? 194 PRO A O   1 
ATOM   172 C  CB  . PRO A 1 25  ? -14.840 -1.234  0.160   1.00 46.71 ? 194 PRO A CB  1 
ATOM   173 C  CG  . PRO A 1 25  ? -15.854 -1.791  -0.820  1.00 46.81 ? 194 PRO A CG  1 
ATOM   174 C  CD  . PRO A 1 25  ? -15.126 -1.823  -2.156  1.00 48.07 ? 194 PRO A CD  1 
ATOM   175 N  N   . CYS A 1 26  ? -13.053 -4.175  -0.620  1.00 35.78 ? 195 CYS A N   1 
ATOM   176 C  CA  . CYS A 1 26  ? -12.782 -5.543  -0.245  1.00 37.58 ? 195 CYS A CA  1 
ATOM   177 C  C   . CYS A 1 26  ? -12.510 -6.358  -1.519  1.00 36.48 ? 195 CYS A C   1 
ATOM   178 O  O   . CYS A 1 26  ? -12.777 -5.871  -2.630  1.00 36.58 ? 195 CYS A O   1 
ATOM   179 C  CB  . CYS A 1 26  ? -13.947 -6.144  0.548   1.00 44.12 ? 195 CYS A CB  1 
ATOM   180 S  SG  . CYS A 1 26  ? -15.555 -5.695  -0.161  1.00 42.84 ? 195 CYS A SG  1 
ATOM   181 N  N   . GLY A 1 27  ? -11.960 -7.567  -1.331  1.00 37.81 ? 196 GLY A N   1 
ATOM   182 C  CA  . GLY A 1 27  ? -11.789 -8.578  -2.374  1.00 39.36 ? 196 GLY A CA  1 
ATOM   183 C  C   . GLY A 1 27  ? -10.662 -8.254  -3.350  1.00 44.29 ? 196 GLY A C   1 
ATOM   184 O  O   . GLY A 1 27  ? -10.767 -8.512  -4.541  1.00 43.24 ? 196 GLY A O   1 
ATOM   185 N  N   . TRP A 1 28  ? -9.554  -7.708  -2.852  1.00 41.24 ? 197 TRP A N   1 
ATOM   186 C  CA  . TRP A 1 28  ? -8.481  -7.241  -3.757  1.00 41.27 ? 197 TRP A CA  1 
ATOM   187 C  C   . TRP A 1 28  ? -7.681  -8.429  -4.294  1.00 36.97 ? 197 TRP A C   1 
ATOM   188 O  O   . TRP A 1 28  ? -7.524  -9.453  -3.621  1.00 35.22 ? 197 TRP A O   1 
ATOM   189 C  CB  . TRP A 1 28  ? -7.564  -6.247  -3.037  1.00 38.74 ? 197 TRP A CB  1 
ATOM   190 C  CG  . TRP A 1 28  ? -8.299  -5.148  -2.339  1.00 33.73 ? 197 TRP A CG  1 
ATOM   191 C  CD1 . TRP A 1 28  ? -8.730  -3.994  -2.911  1.00 31.97 ? 197 TRP A CD1 1 
ATOM   192 C  CD2 . TRP A 1 28  ? -8.694  -5.104  -0.953  1.00 33.26 ? 197 TRP A CD2 1 
ATOM   193 N  NE1 . TRP A 1 28  ? -9.364  -3.231  -1.974  1.00 38.82 ? 197 TRP A NE1 1 
ATOM   194 C  CE2 . TRP A 1 28  ? -9.356  -3.878  -0.762  1.00 36.35 ? 197 TRP A CE2 1 
ATOM   195 C  CE3 . TRP A 1 28  ? -8.564  -5.975  0.138   1.00 32.83 ? 197 TRP A CE3 1 
ATOM   196 C  CZ2 . TRP A 1 28  ? -9.894  -3.498  0.469   1.00 32.57 ? 197 TRP A CZ2 1 
ATOM   197 C  CZ3 . TRP A 1 28  ? -9.069  -5.597  1.361   1.00 33.51 ? 197 TRP A CZ3 1 
ATOM   198 C  CH2 . TRP A 1 28  ? -9.724  -4.369  1.518   1.00 34.69 ? 197 TRP A CH2 1 
ATOM   199 N  N   . LYS A 1 29  ? -7.112  -8.247  -5.488  1.00 36.82 ? 198 LYS A N   1 
ATOM   200 C  CA  . LYS A 1 29  ? -6.178  -9.224  -6.080  1.00 36.43 ? 198 LYS A CA  1 
ATOM   201 C  C   . LYS A 1 29  ? -4.901  -8.494  -6.518  1.00 31.53 ? 198 LYS A C   1 
ATOM   202 O  O   . LYS A 1 29  ? -4.973  -7.315  -6.921  1.00 32.25 ? 198 LYS A O   1 
ATOM   203 C  CB  . LYS A 1 29  ? -6.843  -9.903  -7.281  1.00 39.38 ? 198 LYS A CB  1 
ATOM   204 C  CG  . LYS A 1 29  ? -6.131  -11.135 -7.835  1.00 44.47 ? 198 LYS A CG  1 
ATOM   205 C  CD  . LYS A 1 29  ? -6.728  -11.656 -9.142  1.00 47.25 ? 198 LYS A CD  1 
ATOM   206 C  CE  . LYS A 1 29  ? -6.342  -10.850 -10.366 1.00 49.30 ? 198 LYS A CE  1 
ATOM   207 N  NZ  . LYS A 1 29  ? -4.991  -11.226 -10.845 1.00 47.73 ? 198 LYS A NZ  1 
ATOM   208 N  N   . CYS A 1 30  ? -3.748  -9.177  -6.436  1.00 30.39 ? 199 CYS A N   1 
ATOM   209 C  CA  . CYS A 1 30  ? -2.549  -8.683  -7.078  1.00 28.15 ? 199 CYS A CA  1 
ATOM   210 C  C   . CYS A 1 30  ? -2.855  -8.368  -8.542  1.00 28.19 ? 199 CYS A C   1 
ATOM   211 O  O   . CYS A 1 30  ? -3.500  -9.164  -9.224  1.00 33.14 ? 199 CYS A O   1 
ATOM   212 C  CB  . CYS A 1 30  ? -1.427  -9.700  -7.030  1.00 27.83 ? 199 CYS A CB  1 
ATOM   213 S  SG  . CYS A 1 30  ? 0.155   -9.013  -7.597  1.00 28.65 ? 199 CYS A SG  1 
ATOM   214 N  N   . SER A 1 31  ? -2.419  -7.220  -9.051  1.00 27.05 ? 200 SER A N   1 
ATOM   215 C  CA  . SER A 1 31  ? -2.550  -6.954  -10.538 1.00 29.38 ? 200 SER A CA  1 
ATOM   216 C  C   . SER A 1 31  ? -1.835  -7.994  -11.409 1.00 28.44 ? 200 SER A C   1 
ATOM   217 O  O   . SER A 1 31  ? -2.142  -8.128  -12.578 1.00 29.43 ? 200 SER A O   1 
ATOM   218 C  CB  . SER A 1 31  ? -2.038  -5.597  -10.922 1.00 28.83 ? 200 SER A CB  1 
ATOM   219 O  OG  . SER A 1 31  ? -2.765  -4.595  -10.233 1.00 37.92 ? 200 SER A OG  1 
ATOM   220 N  N   . LYS A 1 32  ? -0.816  -8.658  -10.874 1.00 31.74 ? 201 LYS A N   1 
ATOM   221 C  CA  . LYS A 1 32  ? 0.081   -9.455  -11.660 1.00 34.24 ? 201 LYS A CA  1 
ATOM   222 C  C   . LYS A 1 32  ? -0.090  -10.953 -11.397 1.00 36.25 ? 201 LYS A C   1 
ATOM   223 O  O   . LYS A 1 32  ? 0.441   -11.728 -12.140 1.00 39.75 ? 201 LYS A O   1 
ATOM   224 C  CB  . LYS A 1 32  ? 1.528   -9.092  -11.321 1.00 35.94 ? 201 LYS A CB  1 
ATOM   225 C  CG  . LYS A 1 32  ? 2.033   -7.803  -11.938 1.00 39.92 ? 201 LYS A CG  1 
ATOM   226 C  CD  . LYS A 1 32  ? 3.531   -7.583  -11.712 1.00 42.63 ? 201 LYS A CD  1 
ATOM   227 C  CE  . LYS A 1 32  ? 3.971   -6.157  -11.979 1.00 46.30 ? 201 LYS A CE  1 
ATOM   228 N  NZ  . LYS A 1 32  ? 3.699   -5.740  -13.379 1.00 48.03 ? 201 LYS A NZ  1 
ATOM   229 N  N   . CYS A 1 33  ? -0.771  -11.363 -10.319 1.00 33.03 ? 202 CYS A N   1 
ATOM   230 C  CA  . CYS A 1 33  ? -0.923  -12.810 -10.028 1.00 33.15 ? 202 CYS A CA  1 
ATOM   231 C  C   . CYS A 1 33  ? -2.205  -13.000 -9.218  1.00 37.35 ? 202 CYS A C   1 
ATOM   232 O  O   . CYS A 1 33  ? -3.021  -12.053 -9.118  1.00 35.88 ? 202 CYS A O   1 
ATOM   233 C  CB  . CYS A 1 33  ? 0.303   -13.397 -9.335  1.00 29.20 ? 202 CYS A CB  1 
ATOM   234 S  SG  . CYS A 1 33  ? 0.450   -12.933 -7.580  1.00 32.16 ? 202 CYS A SG  1 
ATOM   235 N  N   . ASP A 1 34  ? -2.405  -14.223 -8.713  1.00 38.00 ? 203 ASP A N   1 
ATOM   236 C  CA  . ASP A 1 34  ? -3.671  -14.653 -8.142  1.00 40.54 ? 203 ASP A CA  1 
ATOM   237 C  C   . ASP A 1 34  ? -3.687  -14.311 -6.641  1.00 40.09 ? 203 ASP A C   1 
ATOM   238 O  O   . ASP A 1 34  ? -4.696  -14.546 -5.998  1.00 43.21 ? 203 ASP A O   1 
ATOM   239 C  CB  . ASP A 1 34  ? -3.922  -16.154 -8.367  1.00 40.70 ? 203 ASP A CB  1 
ATOM   240 N  N   . MET A 1 35  ? -2.572  -13.812 -6.075  1.00 39.57 ? 204 MET A N   1 
ATOM   241 C  CA  . MET A 1 35  ? -2.504  -13.581 -4.624  1.00 37.25 ? 204 MET A CA  1 
ATOM   242 C  C   . MET A 1 35  ? -3.647  -12.654 -4.183  1.00 40.81 ? 204 MET A C   1 
ATOM   243 O  O   . MET A 1 35  ? -3.993  -11.662 -4.880  1.00 35.17 ? 204 MET A O   1 
ATOM   244 C  CB  . MET A 1 35  ? -1.185  -12.950 -4.188  1.00 38.73 ? 204 MET A CB  1 
ATOM   245 C  CG  . MET A 1 35  ? -0.002  -13.882 -4.192  1.00 38.97 ? 204 MET A CG  1 
ATOM   246 S  SD  . MET A 1 35  ? -0.143  -15.308 -3.071  1.00 47.52 ? 204 MET A SD  1 
ATOM   247 C  CE  . MET A 1 35  ? -0.707  -14.515 -1.554  1.00 46.50 ? 204 MET A CE  1 
ATOM   248 N  N   . ARG A 1 36  ? -4.225  -12.985 -3.015  1.00 42.70 ? 205 ARG A N   1 
ATOM   249 C  CA  . ARG A 1 36  ? -5.314  -12.218 -2.393  1.00 42.89 ? 205 ARG A CA  1 
ATOM   250 C  C   . ARG A 1 36  ? -5.001  -11.847 -0.937  1.00 38.70 ? 205 ARG A C   1 
ATOM   251 O  O   . ARG A 1 36  ? -5.718  -11.092 -0.362  1.00 39.69 ? 205 ARG A O   1 
ATOM   252 C  CB  . ARG A 1 36  ? -6.602  -13.020 -2.533  1.00 47.04 ? 205 ARG A CB  1 
ATOM   253 C  CG  . ARG A 1 36  ? -7.120  -12.982 -3.961  1.00 54.47 ? 205 ARG A CG  1 
ATOM   254 C  CD  . ARG A 1 36  ? -7.967  -14.179 -4.319  1.00 62.18 ? 205 ARG A CD  1 
ATOM   255 N  NE  . ARG A 1 36  ? -8.453  -14.065 -5.692  1.00 68.90 ? 205 ARG A NE  1 
ATOM   256 C  CZ  . ARG A 1 36  ? -9.410  -13.233 -6.099  1.00 64.68 ? 205 ARG A CZ  1 
ATOM   257 N  NH1 . ARG A 1 36  ? -9.846  -13.308 -7.343  1.00 68.37 ? 205 ARG A NH1 1 
ATOM   258 N  NH2 . ARG A 1 36  ? -9.923  -12.333 -5.276  1.00 63.15 ? 205 ARG A NH2 1 
ATOM   259 N  N   . GLU A 1 37  ? -3.890  -12.328 -0.385  1.00 38.46 ? 206 GLU A N   1 
ATOM   260 C  CA  . GLU A 1 37  ? -3.455  -12.007 0.958   1.00 40.47 ? 206 GLU A CA  1 
ATOM   261 C  C   . GLU A 1 37  ? -2.141  -11.236 0.819   1.00 39.90 ? 206 GLU A C   1 
ATOM   262 O  O   . GLU A 1 37  ? -1.465  -11.374 -0.203  1.00 40.55 ? 206 GLU A O   1 
ATOM   263 C  CB  . GLU A 1 37  ? -3.285  -13.304 1.770   1.00 39.26 ? 206 GLU A CB  1 
ATOM   264 N  N   . ASN A 1 38  ? -1.810  -10.421 1.829   1.00 40.91 ? 207 ASN A N   1 
ATOM   265 C  CA  . ASN A 1 38  ? -0.545  -9.624  1.906   1.00 40.38 ? 207 ASN A CA  1 
ATOM   266 C  C   . ASN A 1 38  ? -0.396  -8.735  0.661   1.00 31.81 ? 207 ASN A C   1 
ATOM   267 O  O   . ASN A 1 38  ? 0.678   -8.680  0.056   1.00 36.40 ? 207 ASN A O   1 
ATOM   268 C  CB  . ASN A 1 38  ? 0.737   -10.463 2.014   1.00 44.04 ? 207 ASN A CB  1 
ATOM   269 C  CG  . ASN A 1 38  ? 0.886   -11.239 3.308   1.00 55.18 ? 207 ASN A CG  1 
ATOM   270 O  OD1 . ASN A 1 38  ? 1.610   -12.248 3.328   1.00 46.91 ? 207 ASN A OD1 1 
ATOM   271 N  ND2 . ASN A 1 38  ? 0.222   -10.787 4.370   1.00 47.89 ? 207 ASN A ND2 1 
ATOM   272 N  N   . LEU A 1 39  ? -1.462  -8.023  0.310   1.00 30.91 ? 208 LEU A N   1 
ATOM   273 C  CA  . LEU A 1 39  ? -1.464  -7.056  -0.819  1.00 31.49 ? 208 LEU A CA  1 
ATOM   274 C  C   . LEU A 1 39  ? -1.155  -5.628  -0.324  1.00 32.85 ? 208 LEU A C   1 
ATOM   275 O  O   . LEU A 1 39  ? -1.664  -5.182  0.712   1.00 32.16 ? 208 LEU A O   1 
ATOM   276 C  CB  . LEU A 1 39  ? -2.849  -7.113  -1.466  1.00 31.36 ? 208 LEU A CB  1 
ATOM   277 C  CG  . LEU A 1 39  ? -3.260  -8.477  -2.014  1.00 31.86 ? 208 LEU A CG  1 
ATOM   278 C  CD1 . LEU A 1 39  ? -4.535  -8.330  -2.827  1.00 31.02 ? 208 LEU A CD1 1 
ATOM   279 C  CD2 . LEU A 1 39  ? -2.142  -9.087  -2.861  1.00 33.13 ? 208 LEU A CD2 1 
ATOM   280 N  N   . TRP A 1 40  ? -0.381  -4.890  -1.120  1.00 28.66 ? 209 TRP A N   1 
ATOM   281 C  CA  . TRP A 1 40  ? 0.116   -3.610  -0.778  1.00 25.65 ? 209 TRP A CA  1 
ATOM   282 C  C   . TRP A 1 40  ? -0.183  -2.586  -1.879  1.00 26.82 ? 209 TRP A C   1 
ATOM   283 O  O   . TRP A 1 40  ? 0.122   -2.811  -3.083  1.00 25.80 ? 209 TRP A O   1 
ATOM   284 C  CB  . TRP A 1 40  ? 1.616   -3.728  -0.567  1.00 26.14 ? 209 TRP A CB  1 
ATOM   285 C  CG  . TRP A 1 40  ? 1.958   -4.568  0.602   1.00 24.78 ? 209 TRP A CG  1 
ATOM   286 C  CD1 . TRP A 1 40  ? 2.157   -5.916  0.606   1.00 28.54 ? 209 TRP A CD1 1 
ATOM   287 C  CD2 . TRP A 1 40  ? 2.156   -4.120  1.945   1.00 28.02 ? 209 TRP A CD2 1 
ATOM   288 N  NE1 . TRP A 1 40  ? 2.478   -6.331  1.872   1.00 29.15 ? 209 TRP A NE1 1 
ATOM   289 C  CE2 . TRP A 1 40  ? 2.492   -5.257  2.710   1.00 27.44 ? 209 TRP A CE2 1 
ATOM   290 C  CE3 . TRP A 1 40  ? 2.100   -2.878  2.574   1.00 29.65 ? 209 TRP A CE3 1 
ATOM   291 C  CZ2 . TRP A 1 40  ? 2.749   -5.191  4.068   1.00 30.78 ? 209 TRP A CZ2 1 
ATOM   292 C  CZ3 . TRP A 1 40  ? 2.367   -2.807  3.920   1.00 29.05 ? 209 TRP A CZ3 1 
ATOM   293 C  CH2 . TRP A 1 40  ? 2.696   -3.951  4.656   1.00 30.17 ? 209 TRP A CH2 1 
ATOM   294 N  N   . LEU A 1 41  ? -0.795  -1.472  -1.463  1.00 27.25 ? 210 LEU A N   1 
ATOM   295 C  CA  . LEU A 1 41  ? -1.171  -0.384  -2.357  1.00 24.55 ? 210 LEU A CA  1 
ATOM   296 C  C   . LEU A 1 41  ? -0.041  0.629   -2.285  1.00 23.11 ? 210 LEU A C   1 
ATOM   297 O  O   . LEU A 1 41  ? 0.186   1.194   -1.243  1.00 23.62 ? 210 LEU A O   1 
ATOM   298 C  CB  . LEU A 1 41  ? -2.493  0.240   -1.900  1.00 26.64 ? 210 LEU A CB  1 
ATOM   299 C  CG  . LEU A 1 41  ? -2.871  1.576   -2.546  1.00 28.61 ? 210 LEU A CG  1 
ATOM   300 C  CD1 . LEU A 1 41  ? -3.216  1.369   -4.005  1.00 29.84 ? 210 LEU A CD1 1 
ATOM   301 C  CD2 . LEU A 1 41  ? -4.066  2.225   -1.839  1.00 31.45 ? 210 LEU A CD2 1 
ATOM   302 N  N   . ASN A 1 42  ? 0.672   0.821   -3.389  1.00 24.16 ? 211 ASN A N   1 
ATOM   303 C  CA  . ASN A 1 42  ? 1.729   1.792   -3.398  1.00 24.18 ? 211 ASN A CA  1 
ATOM   304 C  C   . ASN A 1 42  ? 1.100   3.188   -3.534  1.00 23.00 ? 211 ASN A C   1 
ATOM   305 O  O   . ASN A 1 42  ? 0.382   3.471   -4.479  1.00 25.69 ? 211 ASN A O   1 
ATOM   306 C  CB  . ASN A 1 42  ? 2.758   1.506   -4.492  1.00 23.34 ? 211 ASN A CB  1 
ATOM   307 C  CG  . ASN A 1 42  ? 4.017   2.316   -4.275  1.00 25.24 ? 211 ASN A CG  1 
ATOM   308 O  OD1 . ASN A 1 42  ? 3.944   3.553   -4.270  1.00 25.15 ? 211 ASN A OD1 1 
ATOM   309 N  ND2 . ASN A 1 42  ? 5.125   1.632   -3.982  1.00 22.93 ? 211 ASN A ND2 1 
ATOM   310 N  N   . LEU A 1 43  ? 1.411   4.074   -2.600  1.00 24.30 ? 212 LEU A N   1 
ATOM   311 C  CA  . LEU A 1 43  ? 0.740   5.379   -2.522  1.00 27.43 ? 212 LEU A CA  1 
ATOM   312 C  C   . LEU A 1 43  ? 1.202   6.298   -3.657  1.00 27.81 ? 212 LEU A C   1 
ATOM   313 O  O   . LEU A 1 43  ? 0.625   7.397   -3.912  1.00 27.45 ? 212 LEU A O   1 
ATOM   314 C  CB  . LEU A 1 43  ? 1.017   6.025   -1.164  1.00 26.47 ? 212 LEU A CB  1 
ATOM   315 C  CG  . LEU A 1 43  ? 0.404   5.327   0.050   1.00 28.90 ? 212 LEU A CG  1 
ATOM   316 C  CD1 . LEU A 1 43  ? 0.739   6.074   1.345   1.00 28.89 ? 212 LEU A CD1 1 
ATOM   317 C  CD2 . LEU A 1 43  ? -1.111  5.169   -0.113  1.00 26.95 ? 212 LEU A CD2 1 
ATOM   318 N  N   . THR A 1 44  ? 2.313   5.958   -4.320  1.00 30.36 ? 213 THR A N   1 
ATOM   319 C  CA  . THR A 1 44  ? 2.722   6.837   -5.442  1.00 24.60 ? 213 THR A CA  1 
ATOM   320 C  C   . THR A 1 44  ? 1.809   6.647   -6.660  1.00 26.47 ? 213 THR A C   1 
ATOM   321 O  O   . THR A 1 44  ? 1.415   7.663   -7.244  1.00 28.21 ? 213 THR A O   1 
ATOM   322 C  CB  . THR A 1 44  ? 4.155   6.606   -5.926  1.00 23.89 ? 213 THR A CB  1 
ATOM   323 O  OG1 . THR A 1 44  ? 4.997   6.877   -4.815  1.00 21.42 ? 213 THR A OG1 1 
ATOM   324 C  CG2 . THR A 1 44  ? 4.513   7.533   -7.064  1.00 22.97 ? 213 THR A CG2 1 
ATOM   325 N  N   . ASP A 1 45  ? 1.510   5.375   -7.057  1.00 24.48 ? 214 ASP A N   1 
ATOM   326 C  CA  . ASP A 1 45  ? 0.944   5.114   -8.368  1.00 23.46 ? 214 ASP A CA  1 
ATOM   327 C  C   . ASP A 1 45  ? -0.392  4.384   -8.289  1.00 24.68 ? 214 ASP A C   1 
ATOM   328 O  O   . ASP A 1 45  ? -0.997  4.119   -9.318  1.00 27.26 ? 214 ASP A O   1 
ATOM   329 C  CB  . ASP A 1 45  ? 1.897   4.376   -9.284  1.00 25.37 ? 214 ASP A CB  1 
ATOM   330 C  CG  . ASP A 1 45  ? 2.422   3.037   -8.747  1.00 25.61 ? 214 ASP A CG  1 
ATOM   331 O  OD1 . ASP A 1 45  ? 1.937   2.583   -7.690  1.00 22.65 ? 214 ASP A OD1 1 
ATOM   332 O  OD2 . ASP A 1 45  ? 3.387   2.529   -9.362  1.00 21.98 ? 214 ASP A OD2 1 
ATOM   333 N  N   . GLY A 1 46  ? -0.829  4.011   -7.093  1.00 26.05 ? 215 GLY A N   1 
ATOM   334 C  CA  . GLY A 1 46  ? -2.061  3.261   -6.972  1.00 24.38 ? 215 GLY A CA  1 
ATOM   335 C  C   . GLY A 1 46  ? -1.903  1.787   -7.336  1.00 26.26 ? 215 GLY A C   1 
ATOM   336 O  O   . GLY A 1 46  ? -2.900  1.069   -7.432  1.00 25.69 ? 215 GLY A O   1 
ATOM   337 N  N   . SER A 1 47  ? -0.678  1.293   -7.525  1.00 24.39 ? 216 SER A N   1 
ATOM   338 C  CA  . SER A 1 47  ? -0.505  -0.139  -7.838  1.00 23.07 ? 216 SER A CA  1 
ATOM   339 C  C   . SER A 1 47  ? -0.905  -0.997  -6.642  1.00 24.65 ? 216 SER A C   1 
ATOM   340 O  O   . SER A 1 47  ? -0.566  -0.682  -5.511  1.00 24.27 ? 216 SER A O   1 
ATOM   341 C  CB  . SER A 1 47  ? 0.912   -0.460  -8.267  1.00 23.93 ? 216 SER A CB  1 
ATOM   342 O  OG  . SER A 1 47  ? 1.848   -0.094  -7.279  1.00 23.12 ? 216 SER A OG  1 
ATOM   343 N  N   . ILE A 1 48  ? -1.605  -2.102  -6.927  1.00 24.08 ? 217 ILE A N   1 
ATOM   344 C  CA  . ILE A 1 48  ? -1.921  -3.131  -5.952  1.00 27.82 ? 217 ILE A CA  1 
ATOM   345 C  C   . ILE A 1 48  ? -1.210  -4.442  -6.319  1.00 25.68 ? 217 ILE A C   1 
ATOM   346 O  O   . ILE A 1 48  ? -1.453  -5.030  -7.408  1.00 27.29 ? 217 ILE A O   1 
ATOM   347 C  CB  . ILE A 1 48  ? -3.454  -3.310  -5.847  1.00 28.62 ? 217 ILE A CB  1 
ATOM   348 C  CG1 . ILE A 1 48  ? -4.101  -2.053  -5.272  1.00 30.76 ? 217 ILE A CG1 1 
ATOM   349 C  CG2 . ILE A 1 48  ? -3.779  -4.520  -4.998  1.00 27.14 ? 217 ILE A CG2 1 
ATOM   350 C  CD1 . ILE A 1 48  ? -5.605  -2.063  -5.365  1.00 33.10 ? 217 ILE A CD1 1 
ATOM   351 N  N   . LEU A 1 49  ? -0.290  -4.863  -5.440  1.00 24.68 ? 218 LEU A N   1 
ATOM   352 C  CA  . LEU A 1 49  ? 0.679   -5.944  -5.763  1.00 25.39 ? 218 LEU A CA  1 
ATOM   353 C  C   . LEU A 1 49  ? 0.987   -6.712  -4.485  1.00 25.94 ? 218 LEU A C   1 
ATOM   354 O  O   . LEU A 1 49  ? 0.910   -6.123  -3.403  1.00 25.58 ? 218 LEU A O   1 
ATOM   355 C  CB  . LEU A 1 49  ? 1.963   -5.362  -6.363  1.00 26.01 ? 218 LEU A CB  1 
ATOM   356 C  CG  . LEU A 1 49  ? 1.785   -4.581  -7.673  1.00 25.47 ? 218 LEU A CG  1 
ATOM   357 C  CD1 . LEU A 1 49  ? 3.097   -3.866  -8.027  1.00 24.68 ? 218 LEU A CD1 1 
ATOM   358 C  CD2 . LEU A 1 49  ? 1.350   -5.515  -8.815  1.00 25.53 ? 218 LEU A CD2 1 
ATOM   359 N  N   . CYS A 1 50  ? 1.354   -7.998  -4.632  1.00 24.35 ? 219 CYS A N   1 
ATOM   360 C  CA  . CYS A 1 50  ? 1.511   -8.905  -3.490  1.00 24.69 ? 219 CYS A CA  1 
ATOM   361 C  C   . CYS A 1 50  ? 2.838   -8.704  -2.733  1.00 28.73 ? 219 CYS A C   1 
ATOM   362 O  O   . CYS A 1 50  ? 3.855   -8.216  -3.267  1.00 26.31 ? 219 CYS A O   1 
ATOM   363 C  CB  . CYS A 1 50  ? 1.310   -10.337 -3.990  1.00 29.48 ? 219 CYS A CB  1 
ATOM   364 S  SG  . CYS A 1 50  ? 2.508   -10.860 -5.244  1.00 28.90 ? 219 CYS A SG  1 
ATOM   365 N  N   . GLY A 1 51  ? 2.821   -9.099  -1.440  1.00 29.23 ? 220 GLY A N   1 
ATOM   366 C  CA  . GLY A 1 51  ? 3.955   -9.011  -0.533  1.00 31.35 ? 220 GLY A CA  1 
ATOM   367 C  C   . GLY A 1 51  ? 5.059   -10.048 -0.787  1.00 33.41 ? 220 GLY A C   1 
ATOM   368 O  O   . GLY A 1 51  ? 4.958   -10.910 -1.663  1.00 31.88 ? 220 GLY A O   1 
ATOM   369 N  N   . ARG A 1 52  ? 6.141   -9.907  -0.022  1.00 32.22 ? 221 ARG A N   1 
ATOM   370 C  CA  . ARG A 1 52  ? 7.338   -10.706 -0.150  1.00 39.26 ? 221 ARG A CA  1 
ATOM   371 C  C   . ARG A 1 52  ? 6.984   -12.161 0.137   1.00 37.45 ? 221 ARG A C   1 
ATOM   372 O  O   . ARG A 1 52  ? 6.095   -12.436 0.934   1.00 37.48 ? 221 ARG A O   1 
ATOM   373 C  CB  . ARG A 1 52  ? 8.433   -10.238 0.807   1.00 38.93 ? 221 ARG A CB  1 
ATOM   374 C  CG  . ARG A 1 52  ? 9.048   -8.905  0.436   1.00 39.75 ? 221 ARG A CG  1 
ATOM   375 C  CD  . ARG A 1 52  ? 9.772   -8.278  1.602   1.00 45.86 ? 221 ARG A CD  1 
ATOM   376 N  NE  . ARG A 1 52  ? 11.099  -7.818  1.212   1.00 55.11 ? 221 ARG A NE  1 
ATOM   377 C  CZ  . ARG A 1 52  ? 11.568  -6.572  1.327   1.00 54.48 ? 221 ARG A CZ  1 
ATOM   378 N  NH1 . ARG A 1 52  ? 10.860  -5.626  1.926   1.00 45.02 ? 221 ARG A NH1 1 
ATOM   379 N  NH2 . ARG A 1 52  ? 12.769  -6.292  0.838   1.00 52.88 ? 221 ARG A NH2 1 
ATOM   380 N  N   . ARG A 1 53  ? 7.616   -13.063 -0.623  1.00 37.38 ? 222 ARG A N   1 
ATOM   381 C  CA  . ARG A 1 53  ? 7.468   -14.505 -0.455  1.00 36.28 ? 222 ARG A CA  1 
ATOM   382 C  C   . ARG A 1 53  ? 8.136   -14.909 0.861   1.00 32.86 ? 222 ARG A C   1 
ATOM   383 O  O   . ARG A 1 53  ? 9.193   -14.400 1.199   1.00 34.78 ? 222 ARG A O   1 
ATOM   384 C  CB  . ARG A 1 53  ? 8.122   -15.240 -1.626  1.00 40.50 ? 222 ARG A CB  1 
ATOM   385 C  CG  . ARG A 1 53  ? 8.026   -16.758 -1.546  1.00 39.54 ? 222 ARG A CG  1 
ATOM   386 C  CD  . ARG A 1 53  ? 8.540   -17.340 -2.846  1.00 39.09 ? 222 ARG A CD  1 
ATOM   387 N  NE  . ARG A 1 53  ? 7.580   -17.117 -3.920  1.00 39.06 ? 222 ARG A NE  1 
ATOM   388 C  CZ  . ARG A 1 53  ? 7.906   -16.856 -5.181  1.00 43.59 ? 222 ARG A CZ  1 
ATOM   389 N  NH1 . ARG A 1 53  ? 9.176   -16.870 -5.555  1.00 43.53 ? 222 ARG A NH1 1 
ATOM   390 N  NH2 . ARG A 1 53  ? 6.964   -16.577 -6.065  1.00 36.56 ? 222 ARG A NH2 1 
ATOM   391 N  N   . TYR A 1 54  ? 7.482   -15.777 1.628   1.00 34.06 ? 223 TYR A N   1 
ATOM   392 C  CA  . TYR A 1 54  ? 8.040   -16.251 2.910   1.00 34.90 ? 223 TYR A CA  1 
ATOM   393 C  C   . TYR A 1 54  ? 9.146   -17.289 2.632   1.00 35.72 ? 223 TYR A C   1 
ATOM   394 O  O   . TYR A 1 54  ? 9.204   -17.845 1.529   1.00 34.89 ? 223 TYR A O   1 
ATOM   395 C  CB  . TYR A 1 54  ? 6.910   -16.798 3.791   1.00 33.96 ? 223 TYR A CB  1 
ATOM   396 C  CG  . TYR A 1 54  ? 5.948   -15.764 4.329   1.00 32.15 ? 223 TYR A CG  1 
ATOM   397 C  CD1 . TYR A 1 54  ? 6.369   -14.490 4.723   1.00 35.61 ? 223 TYR A CD1 1 
ATOM   398 C  CD2 . TYR A 1 54  ? 4.601   -16.059 4.459   1.00 33.40 ? 223 TYR A CD2 1 
ATOM   399 C  CE1 . TYR A 1 54  ? 5.482   -13.552 5.243   1.00 34.66 ? 223 TYR A CE1 1 
ATOM   400 C  CE2 . TYR A 1 54  ? 3.704   -15.126 4.962   1.00 31.63 ? 223 TYR A CE2 1 
ATOM   401 C  CZ  . TYR A 1 54  ? 4.137   -13.874 5.336   1.00 30.82 ? 223 TYR A CZ  1 
ATOM   402 O  OH  . TYR A 1 54  ? 3.245   -12.989 5.846   1.00 31.22 ? 223 TYR A OH  1 
ATOM   403 N  N   . PHE A 1 55  ? 10.002  -17.548 3.631   1.00 38.17 ? 224 PHE A N   1 
ATOM   404 C  CA  . PHE A 1 55  ? 11.176  -18.448 3.481   1.00 39.23 ? 224 PHE A CA  1 
ATOM   405 C  C   . PHE A 1 55  ? 10.731  -19.867 3.074   1.00 38.87 ? 224 PHE A C   1 
ATOM   406 O  O   . PHE A 1 55  ? 11.508  -20.582 2.456   1.00 39.47 ? 224 PHE A O   1 
ATOM   407 C  CB  . PHE A 1 55  ? 11.991  -18.525 4.771   1.00 37.38 ? 224 PHE A CB  1 
ATOM   408 C  CG  . PHE A 1 55  ? 11.333  -19.415 5.782   1.00 38.15 ? 224 PHE A CG  1 
ATOM   409 C  CD1 . PHE A 1 55  ? 11.517  -20.792 5.741   1.00 41.21 ? 224 PHE A CD1 1 
ATOM   410 C  CD2 . PHE A 1 55  ? 10.456  -18.891 6.708   1.00 38.07 ? 224 PHE A CD2 1 
ATOM   411 C  CE1 . PHE A 1 55  ? 10.851  -21.618 6.634   1.00 41.00 ? 224 PHE A CE1 1 
ATOM   412 C  CE2 . PHE A 1 55  ? 9.793   -19.712 7.602   1.00 39.80 ? 224 PHE A CE2 1 
ATOM   413 C  CZ  . PHE A 1 55  ? 9.979   -21.080 7.554   1.00 42.92 ? 224 PHE A CZ  1 
ATOM   414 N  N   . ASP A 1 56  ? 9.472   -20.235 3.370   1.00 36.25 ? 225 ASP A N   1 
ATOM   415 C  CA  . ASP A 1 56  ? 8.939   -21.568 3.119   1.00 36.98 ? 225 ASP A CA  1 
ATOM   416 C  C   . ASP A 1 56  ? 8.222   -21.590 1.772   1.00 37.82 ? 225 ASP A C   1 
ATOM   417 O  O   . ASP A 1 56  ? 7.616   -22.546 1.438   1.00 38.55 ? 225 ASP A O   1 
ATOM   418 C  CB  . ASP A 1 56  ? 8.048   -22.055 4.277   1.00 38.71 ? 225 ASP A CB  1 
ATOM   419 C  CG  . ASP A 1 56  ? 6.766   -21.281 4.509   1.00 38.63 ? 225 ASP A CG  1 
ATOM   420 O  OD1 . ASP A 1 56  ? 6.050   -21.561 5.515   1.00 35.65 ? 225 ASP A OD1 1 
ATOM   421 O  OD2 . ASP A 1 56  ? 6.495   -20.392 3.705   1.00 38.33 ? 225 ASP A OD2 1 
ATOM   422 N  N   . GLY A 1 57  ? 8.295   -20.497 1.017   1.00 38.24 ? 226 GLY A N   1 
ATOM   423 C  CA  . GLY A 1 57  ? 7.698   -20.407 -0.272  1.00 37.47 ? 226 GLY A CA  1 
ATOM   424 C  C   . GLY A 1 57  ? 6.250   -19.961 -0.217  1.00 36.54 ? 226 GLY A C   1 
ATOM   425 O  O   . GLY A 1 57  ? 5.683   -19.705 -1.252  1.00 40.68 ? 226 GLY A O   1 
ATOM   426 N  N   . SER A 1 58  ? 5.661   -19.820 0.971   1.00 33.93 ? 227 SER A N   1 
ATOM   427 C  CA  . SER A 1 58  ? 4.278   -19.310 1.083   1.00 36.54 ? 227 SER A CA  1 
ATOM   428 C  C   . SER A 1 58  ? 4.265   -17.773 1.021   1.00 33.06 ? 227 SER A C   1 
ATOM   429 O  O   . SER A 1 58  ? 5.293   -17.089 0.863   1.00 35.73 ? 227 SER A O   1 
ATOM   430 C  CB  . SER A 1 58  ? 3.599   -19.839 2.323   1.00 37.44 ? 227 SER A CB  1 
ATOM   431 O  OG  . SER A 1 58  ? 4.202   -19.349 3.516   1.00 39.30 ? 227 SER A OG  1 
ATOM   432 N  N   . GLY A 1 59  ? 3.098   -17.187 1.243   1.00 34.10 ? 228 GLY A N   1 
ATOM   433 C  CA  . GLY A 1 59  ? 2.995   -15.732 1.198   1.00 36.37 ? 228 GLY A CA  1 
ATOM   434 C  C   . GLY A 1 59  ? 2.967   -15.332 -0.261  1.00 38.69 ? 228 GLY A C   1 
ATOM   435 O  O   . GLY A 1 59  ? 2.598   -16.156 -1.093  1.00 48.93 ? 228 GLY A O   1 
ATOM   436 N  N   . GLY A 1 60  ? 3.365   -14.109 -0.583  1.00 36.50 ? 229 GLY A N   1 
ATOM   437 C  CA  . GLY A 1 60  ? 3.216   -13.611 -1.945  1.00 35.11 ? 229 GLY A CA  1 
ATOM   438 C  C   . GLY A 1 60  ? 4.359   -13.966 -2.898  1.00 36.16 ? 229 GLY A C   1 
ATOM   439 O  O   . GLY A 1 60  ? 5.190   -14.846 -2.652  1.00 36.29 ? 229 GLY A O   1 
ATOM   440 N  N   . ASN A 1 61  ? 4.375   -13.234 -4.016  1.00 33.99 ? 230 ASN A N   1 
ATOM   441 C  CA  . ASN A 1 61  ? 5.203   -13.462 -5.179  1.00 33.30 ? 230 ASN A CA  1 
ATOM   442 C  C   . ASN A 1 61  ? 6.159   -12.276 -5.402  1.00 32.52 ? 230 ASN A C   1 
ATOM   443 O  O   . ASN A 1 61  ? 6.697   -12.078 -6.490  1.00 32.69 ? 230 ASN A O   1 
ATOM   444 C  CB  . ASN A 1 61  ? 4.290   -13.807 -6.351  1.00 34.64 ? 230 ASN A CB  1 
ATOM   445 C  CG  . ASN A 1 61  ? 3.704   -15.192 -6.181  1.00 36.65 ? 230 ASN A CG  1 
ATOM   446 O  OD1 . ASN A 1 61  ? 4.396   -16.087 -5.685  1.00 36.92 ? 230 ASN A OD1 1 
ATOM   447 N  ND2 . ASN A 1 61  ? 2.445   -15.370 -6.536  1.00 31.53 ? 230 ASN A ND2 1 
ATOM   448 N  N   . ASN A 1 62  ? 6.389   -11.492 -4.348  1.00 28.09 ? 231 ASN A N   1 
ATOM   449 C  CA  . ASN A 1 62  ? 7.341   -10.379 -4.367  1.00 29.56 ? 231 ASN A CA  1 
ATOM   450 C  C   . ASN A 1 62  ? 6.962   -9.263  -5.348  1.00 25.35 ? 231 ASN A C   1 
ATOM   451 O  O   . ASN A 1 62  ? 7.823   -8.515  -5.715  1.00 24.24 ? 231 ASN A O   1 
ATOM   452 C  CB  . ASN A 1 62  ? 8.746   -10.863 -4.747  1.00 31.19 ? 231 ASN A CB  1 
ATOM   453 C  CG  . ASN A 1 62  ? 9.191   -11.954 -3.824  1.00 35.06 ? 231 ASN A CG  1 
ATOM   454 O  OD1 . ASN A 1 62  ? 9.136   -11.767 -2.618  1.00 33.91 ? 231 ASN A OD1 1 
ATOM   455 N  ND2 . ASN A 1 62  ? 9.534   -13.102 -4.387  1.00 35.45 ? 231 ASN A ND2 1 
ATOM   456 N  N   . HIS A 1 63  ? 5.716   -9.149  -5.788  1.00 23.55 ? 232 HIS A N   1 
ATOM   457 C  CA  . HIS A 1 63  ? 5.421   -8.155  -6.864  1.00 25.63 ? 232 HIS A CA  1 
ATOM   458 C  C   . HIS A 1 63  ? 5.531   -6.697  -6.383  1.00 25.27 ? 232 HIS A C   1 
ATOM   459 O  O   . HIS A 1 63  ? 6.060   -5.867  -7.126  1.00 27.24 ? 232 HIS A O   1 
ATOM   460 C  CB  . HIS A 1 63  ? 4.105   -8.491  -7.561  1.00 28.55 ? 232 HIS A CB  1 
ATOM   461 C  CG  . HIS A 1 63  ? 4.241   -9.731  -8.373  1.00 29.27 ? 232 HIS A CG  1 
ATOM   462 N  ND1 . HIS A 1 63  ? 3.272   -10.693 -8.425  1.00 26.96 ? 232 HIS A ND1 1 
ATOM   463 C  CD2 . HIS A 1 63  ? 5.272   -10.159 -9.157  1.00 31.59 ? 232 HIS A CD2 1 
ATOM   464 C  CE1 . HIS A 1 63  ? 3.655   -11.641 -9.273  1.00 30.75 ? 232 HIS A CE1 1 
ATOM   465 N  NE2 . HIS A 1 63  ? 4.912   -11.354 -9.705  1.00 30.46 ? 232 HIS A NE2 1 
ATOM   466 N  N   . ALA A 1 64  ? 5.168   -6.418  -5.126  1.00 25.67 ? 233 ALA A N   1 
ATOM   467 C  CA  . ALA A 1 64  ? 5.241   -5.057  -4.584  1.00 25.35 ? 233 ALA A CA  1 
ATOM   468 C  C   . ALA A 1 64  ? 6.704   -4.624  -4.401  1.00 26.40 ? 233 ALA A C   1 
ATOM   469 O  O   . ALA A 1 64  ? 7.092   -3.507  -4.725  1.00 24.80 ? 233 ALA A O   1 
ATOM   470 C  CB  . ALA A 1 64  ? 4.498   -5.014  -3.278  1.00 28.14 ? 233 ALA A CB  1 
ATOM   471 N  N   . VAL A 1 65  ? 7.524   -5.530  -3.883  1.00 25.29 ? 234 VAL A N   1 
ATOM   472 C  CA  . VAL A 1 65  ? 8.889   -5.173  -3.599  1.00 27.90 ? 234 VAL A CA  1 
ATOM   473 C  C   . VAL A 1 65  ? 9.641   -5.026  -4.920  1.00 27.13 ? 234 VAL A C   1 
ATOM   474 O  O   . VAL A 1 65  ? 10.419  -4.102  -5.061  1.00 33.78 ? 234 VAL A O   1 
ATOM   475 C  CB  . VAL A 1 65  ? 9.562   -6.168  -2.634  1.00 28.49 ? 234 VAL A CB  1 
ATOM   476 C  CG1 . VAL A 1 65  ? 9.679   -7.570  -3.211  1.00 29.46 ? 234 VAL A CG1 1 
ATOM   477 C  CG2 . VAL A 1 65  ? 10.926  -5.656  -2.189  1.00 30.31 ? 234 VAL A CG2 1 
ATOM   478 N  N   . GLU A 1 66  ? 9.365   -5.898  -5.899  1.00 29.41 ? 235 GLU A N   1 
ATOM   479 C  CA  . GLU A 1 66  ? 9.986   -5.764  -7.216  1.00 29.02 ? 235 GLU A CA  1 
ATOM   480 C  C   . GLU A 1 66  ? 9.603   -4.408  -7.790  1.00 29.74 ? 235 GLU A C   1 
ATOM   481 O  O   . GLU A 1 66  ? 10.443  -3.732  -8.338  1.00 27.22 ? 235 GLU A O   1 
ATOM   482 C  CB  . GLU A 1 66  ? 9.605   -6.902  -8.166  1.00 30.36 ? 235 GLU A CB  1 
ATOM   483 C  CG  . GLU A 1 66  ? 10.196  -8.227  -7.747  1.00 32.94 ? 235 GLU A CG  1 
ATOM   484 C  CD  . GLU A 1 66  ? 9.734   -9.457  -8.497  1.00 35.61 ? 235 GLU A CD  1 
ATOM   485 O  OE1 . GLU A 1 66  ? 8.877   -9.344  -9.395  1.00 37.77 ? 235 GLU A OE1 1 
ATOM   486 O  OE2 . GLU A 1 66  ? 10.201  -10.534 -8.135  1.00 40.87 ? 235 GLU A OE2 1 
ATOM   487 N  N   . HIS A 1 67  ? 8.335   -4.021  -7.633  1.00 28.75 ? 236 HIS A N   1 
ATOM   488 C  CA  . HIS A 1 67  ? 7.837   -2.749  -8.152  1.00 26.98 ? 236 HIS A CA  1 
ATOM   489 C  C   . HIS A 1 67  ? 8.610   -1.580  -7.523  1.00 25.72 ? 236 HIS A C   1 
ATOM   490 O  O   . HIS A 1 67  ? 8.973   -0.642  -8.179  1.00 27.76 ? 236 HIS A O   1 
ATOM   491 C  CB  . HIS A 1 67  ? 6.312   -2.663  -7.930  1.00 28.18 ? 236 HIS A CB  1 
ATOM   492 C  CG  . HIS A 1 67  ? 5.726   -1.468  -8.585  1.00 25.79 ? 236 HIS A CG  1 
ATOM   493 N  ND1 . HIS A 1 67  ? 5.838   -1.271  -9.945  1.00 26.22 ? 236 HIS A ND1 1 
ATOM   494 C  CD2 . HIS A 1 67  ? 5.018   -0.421  -8.095  1.00 26.41 ? 236 HIS A CD2 1 
ATOM   495 C  CE1 . HIS A 1 67  ? 5.254   -0.127  -10.270 1.00 29.65 ? 236 HIS A CE1 1 
ATOM   496 N  NE2 . HIS A 1 67  ? 4.708   0.407   -9.163  1.00 26.20 ? 236 HIS A NE2 1 
ATOM   497 N  N   . TYR A 1 68  ? 8.891   -1.671  -6.218  1.00 24.57 ? 237 TYR A N   1 
ATOM   498 C  CA  . TYR A 1 68  ? 9.627   -0.688  -5.550  1.00 25.02 ? 237 TYR A CA  1 
ATOM   499 C  C   . TYR A 1 68  ? 11.069  -0.610  -6.090  1.00 26.83 ? 237 TYR A C   1 
ATOM   500 O  O   . TYR A 1 68  ? 11.597  0.484   -6.271  1.00 29.52 ? 237 TYR A O   1 
ATOM   501 C  CB  . TYR A 1 68  ? 9.716   -0.981  -4.056  1.00 27.73 ? 237 TYR A CB  1 
ATOM   502 C  CG  . TYR A 1 68  ? 10.838  -0.216  -3.406  1.00 29.48 ? 237 TYR A CG  1 
ATOM   503 C  CD1 . TYR A 1 68  ? 10.756  1.151   -3.257  1.00 28.35 ? 237 TYR A CD1 1 
ATOM   504 C  CD2 . TYR A 1 68  ? 12.001  -0.853  -3.010  1.00 33.15 ? 237 TYR A CD2 1 
ATOM   505 C  CE1 . TYR A 1 68  ? 11.792  1.878   -2.708  1.00 31.21 ? 237 TYR A CE1 1 
ATOM   506 C  CE2 . TYR A 1 68  ? 13.050  -0.142  -2.459  1.00 31.90 ? 237 TYR A CE2 1 
ATOM   507 C  CZ  . TYR A 1 68  ? 12.944  1.227   -2.310  1.00 34.39 ? 237 TYR A CZ  1 
ATOM   508 O  OH  . TYR A 1 68  ? 13.957  1.943   -1.737  1.00 38.90 ? 237 TYR A OH  1 
ATOM   509 N  N   . ARG A 1 69  ? 11.714  -1.767  -6.251  1.00 29.49 ? 238 ARG A N   1 
ATOM   510 C  CA  . ARG A 1 69  ? 13.080  -1.835  -6.763  1.00 32.80 ? 238 ARG A CA  1 
ATOM   511 C  C   . ARG A 1 69  ? 13.160  -1.204  -8.152  1.00 34.04 ? 238 ARG A C   1 
ATOM   512 O  O   . ARG A 1 69  ? 14.136  -0.582  -8.451  1.00 36.84 ? 238 ARG A O   1 
ATOM   513 C  CB  . ARG A 1 69  ? 13.554  -3.280  -6.847  1.00 32.81 ? 238 ARG A CB  1 
ATOM   514 C  CG  . ARG A 1 69  ? 13.901  -3.822  -5.480  1.00 36.49 ? 238 ARG A CG  1 
ATOM   515 C  CD  . ARG A 1 69  ? 14.117  -5.305  -5.586  1.00 38.27 ? 238 ARG A CD  1 
ATOM   516 N  NE  . ARG A 1 69  ? 14.441  -5.801  -4.271  1.00 41.36 ? 238 ARG A NE  1 
ATOM   517 C  CZ  . ARG A 1 69  ? 14.146  -7.002  -3.855  1.00 43.94 ? 238 ARG A CZ  1 
ATOM   518 N  NH1 . ARG A 1 69  ? 13.566  -7.842  -4.698  1.00 50.63 ? 238 ARG A NH1 1 
ATOM   519 N  NH2 . ARG A 1 69  ? 14.383  -7.324  -2.596  1.00 45.64 ? 238 ARG A NH2 1 
ATOM   520 N  N   . GLU A 1 70  ? 12.093  -1.314  -8.947  1.00 32.03 ? 239 GLU A N   1 
ATOM   521 C  CA  . GLU A 1 70  ? 12.095  -0.765  -10.286 1.00 35.64 ? 239 GLU A CA  1 
ATOM   522 C  C   . GLU A 1 70  ? 11.809  0.736   -10.282 1.00 35.65 ? 239 GLU A C   1 
ATOM   523 O  O   . GLU A 1 70  ? 12.206  1.397   -11.186 1.00 38.34 ? 239 GLU A O   1 
ATOM   524 C  CB  . GLU A 1 70  ? 11.099  -1.541  -11.144 1.00 43.67 ? 239 GLU A CB  1 
ATOM   525 C  CG  . GLU A 1 70  ? 11.700  -2.827  -11.697 1.00 54.06 ? 239 GLU A CG  1 
ATOM   526 C  CD  . GLU A 1 70  ? 13.033  -2.574  -12.401 1.00 61.48 ? 239 GLU A CD  1 
ATOM   527 O  OE1 . GLU A 1 70  ? 13.032  -2.181  -13.589 1.00 70.42 ? 239 GLU A OE1 1 
ATOM   528 O  OE2 . GLU A 1 70  ? 14.080  -2.694  -11.735 1.00 77.43 ? 239 GLU A OE2 1 
ATOM   529 N  N   . THR A 1 71  ? 11.108  1.270   -9.276  1.00 32.51 ? 240 THR A N   1 
ATOM   530 C  CA  . THR A 1 71  ? 10.536  2.621   -9.376  1.00 26.64 ? 240 THR A CA  1 
ATOM   531 C  C   . THR A 1 71  ? 11.126  3.590   -8.362  1.00 24.92 ? 240 THR A C   1 
ATOM   532 O  O   . THR A 1 71  ? 11.135  4.781   -8.598  1.00 25.97 ? 240 THR A O   1 
ATOM   533 C  CB  . THR A 1 71  ? 9.014   2.597   -9.150  1.00 26.54 ? 240 THR A CB  1 
ATOM   534 O  OG1 . THR A 1 71  ? 8.743   2.036   -7.863  1.00 23.61 ? 240 THR A OG1 1 
ATOM   535 C  CG2 . THR A 1 71  ? 8.295   1.804   -10.205 1.00 27.62 ? 240 THR A CG2 1 
ATOM   536 N  N   . GLY A 1 72  ? 11.476  3.088   -7.184  1.00 25.60 ? 241 GLY A N   1 
ATOM   537 C  CA  . GLY A 1 72  ? 11.834  3.952   -6.041  1.00 26.82 ? 241 GLY A CA  1 
ATOM   538 C  C   . GLY A 1 72  ? 10.637  4.419   -5.227  1.00 28.06 ? 241 GLY A C   1 
ATOM   539 O  O   . GLY A 1 72  ? 10.776  5.168   -4.280  1.00 29.43 ? 241 GLY A O   1 
ATOM   540 N  N   . TYR A 1 73  ? 9.434   3.989   -5.595  1.00 27.00 ? 242 TYR A N   1 
ATOM   541 C  CA  . TYR A 1 73  ? 8.239   4.505   -4.935  1.00 24.27 ? 242 TYR A CA  1 
ATOM   542 C  C   . TYR A 1 73  ? 8.149   3.876   -3.550  1.00 24.41 ? 242 TYR A C   1 
ATOM   543 O  O   . TYR A 1 73  ? 7.843   2.686   -3.412  1.00 26.69 ? 242 TYR A O   1 
ATOM   544 C  CB  . TYR A 1 73  ? 7.005   4.173   -5.773  1.00 24.09 ? 242 TYR A CB  1 
ATOM   545 C  CG  . TYR A 1 73  ? 6.957   4.789   -7.156  1.00 25.03 ? 242 TYR A CG  1 
ATOM   546 C  CD1 . TYR A 1 73  ? 7.769   5.847   -7.553  1.00 27.44 ? 242 TYR A CD1 1 
ATOM   547 C  CD2 . TYR A 1 73  ? 6.057   4.300   -8.073  1.00 26.29 ? 242 TYR A CD2 1 
ATOM   548 C  CE1 . TYR A 1 73  ? 7.647   6.414   -8.822  1.00 28.28 ? 242 TYR A CE1 1 
ATOM   549 C  CE2 . TYR A 1 73  ? 5.959   4.811   -9.351  1.00 27.97 ? 242 TYR A CE2 1 
ATOM   550 C  CZ  . TYR A 1 73  ? 6.741   5.883   -9.719  1.00 28.01 ? 242 TYR A CZ  1 
ATOM   551 O  OH  . TYR A 1 73  ? 6.515   6.393   -10.955 1.00 30.32 ? 242 TYR A OH  1 
ATOM   552 N  N   . PRO A 1 74  ? 8.373   4.652   -2.476  1.00 25.51 ? 243 PRO A N   1 
ATOM   553 C  CA  . PRO A 1 74  ? 8.703   4.063   -1.185  1.00 25.38 ? 243 PRO A CA  1 
ATOM   554 C  C   . PRO A 1 74  ? 7.586   3.605   -0.241  1.00 29.18 ? 243 PRO A C   1 
ATOM   555 O  O   . PRO A 1 74  ? 7.837   2.663   0.539   1.00 28.88 ? 243 PRO A O   1 
ATOM   556 C  CB  . PRO A 1 74  ? 9.386   5.206   -0.446  1.00 27.32 ? 243 PRO A CB  1 
ATOM   557 C  CG  . PRO A 1 74  ? 8.841   6.483   -1.062  1.00 25.21 ? 243 PRO A CG  1 
ATOM   558 C  CD  . PRO A 1 74  ? 8.365   6.125   -2.454  1.00 25.28 ? 243 PRO A CD  1 
ATOM   559 N  N   . LEU A 1 75  ? 6.405   4.236   -0.307  1.00 25.61 ? 244 LEU A N   1 
ATOM   560 C  CA  . LEU A 1 75  ? 5.354   4.001   0.696   1.00 26.98 ? 244 LEU A CA  1 
ATOM   561 C  C   . LEU A 1 75  ? 4.281   3.079   0.134   1.00 28.59 ? 244 LEU A C   1 
ATOM   562 O  O   . LEU A 1 75  ? 3.799   3.295   -0.974  1.00 29.93 ? 244 LEU A O   1 
ATOM   563 C  CB  . LEU A 1 75  ? 4.715   5.321   1.128   1.00 28.45 ? 244 LEU A CB  1 
ATOM   564 C  CG  . LEU A 1 75  ? 5.587   6.196   2.025   1.00 29.14 ? 244 LEU A CG  1 
ATOM   565 C  CD1 . LEU A 1 75  ? 4.810   7.363   2.594   1.00 27.99 ? 244 LEU A CD1 1 
ATOM   566 C  CD2 . LEU A 1 75  ? 6.192   5.363   3.138   1.00 31.82 ? 244 LEU A CD2 1 
ATOM   567 N  N   . ALA A 1 76  ? 3.881   2.091   0.945   1.00 25.14 ? 245 ALA A N   1 
ATOM   568 C  CA  . ALA A 1 76  ? 2.777   1.230   0.619   1.00 25.61 ? 245 ALA A CA  1 
ATOM   569 C  C   . ALA A 1 76  ? 1.928   0.939   1.865   1.00 27.21 ? 245 ALA A C   1 
ATOM   570 O  O   . ALA A 1 76  ? 2.455   0.828   2.965   1.00 28.23 ? 245 ALA A O   1 
ATOM   571 C  CB  . ALA A 1 76  ? 3.316   -0.042  0.021   1.00 27.37 ? 245 ALA A CB  1 
ATOM   572 N  N   . VAL A 1 77  ? 0.625   0.753   1.636   1.00 27.11 ? 246 VAL A N   1 
ATOM   573 C  CA  . VAL A 1 77  ? -0.342  0.465   2.673   1.00 27.65 ? 246 VAL A CA  1 
ATOM   574 C  C   . VAL A 1 77  ? -0.928  -0.924  2.416   1.00 28.21 ? 246 VAL A C   1 
ATOM   575 O  O   . VAL A 1 77  ? -1.214  -1.315  1.269   1.00 28.02 ? 246 VAL A O   1 
ATOM   576 C  CB  . VAL A 1 77  ? -1.451  1.532   2.761   1.00 31.17 ? 246 VAL A CB  1 
ATOM   577 C  CG1 . VAL A 1 77  ? -2.221  1.671   1.473   1.00 36.73 ? 246 VAL A CG1 1 
ATOM   578 C  CG2 . VAL A 1 77  ? -2.411  1.217   3.890   1.00 35.03 ? 246 VAL A CG2 1 
ATOM   579 N  N   . LYS A 1 78  ? -1.048  -1.687  3.505   1.00 27.77 ? 247 LYS A N   1 
ATOM   580 C  CA  . LYS A 1 78  ? -1.466  -3.044  3.411   1.00 30.63 ? 247 LYS A CA  1 
ATOM   581 C  C   . LYS A 1 78  ? -2.992  -3.083  3.364   1.00 30.42 ? 247 LYS A C   1 
ATOM   582 O  O   . LYS A 1 78  ? -3.660  -2.610  4.298   1.00 30.30 ? 247 LYS A O   1 
ATOM   583 C  CB  . LYS A 1 78  ? -0.980  -3.828  4.612   1.00 32.49 ? 247 LYS A CB  1 
ATOM   584 C  CG  . LYS A 1 78  ? -1.197  -5.323  4.524   1.00 37.94 ? 247 LYS A CG  1 
ATOM   585 C  CD  . LYS A 1 78  ? -0.683  -5.968  5.796   1.00 44.64 ? 247 LYS A CD  1 
ATOM   586 C  CE  . LYS A 1 78  ? -0.592  -7.475  5.732   1.00 52.07 ? 247 LYS A CE  1 
ATOM   587 N  NZ  . LYS A 1 78  ? 0.237   -7.971  6.854   1.00 56.85 ? 247 LYS A NZ  1 
ATOM   588 N  N   . LEU A 1 79  ? -3.534  -3.635  2.284   1.00 28.39 ? 248 LEU A N   1 
ATOM   589 C  CA  . LEU A 1 79  ? -4.963  -3.621  2.102   1.00 32.38 ? 248 LEU A CA  1 
ATOM   590 C  C   . LEU A 1 79  ? -5.582  -4.585  3.122   1.00 34.15 ? 248 LEU A C   1 
ATOM   591 O  O   . LEU A 1 79  ? -5.005  -5.629  3.434   1.00 32.65 ? 248 LEU A O   1 
ATOM   592 C  CB  . LEU A 1 79  ? -5.275  -4.018  0.661   1.00 34.87 ? 248 LEU A CB  1 
ATOM   593 C  CG  . LEU A 1 79  ? -4.862  -2.994  -0.397  1.00 35.93 ? 248 LEU A CG  1 
ATOM   594 C  CD1 . LEU A 1 79  ? -4.712  -3.644  -1.742  1.00 36.07 ? 248 LEU A CD1 1 
ATOM   595 C  CD2 . LEU A 1 79  ? -5.851  -1.835  -0.503  1.00 38.02 ? 248 LEU A CD2 1 
ATOM   596 N  N   . GLY A 1 80  ? -6.735  -4.197  3.673   1.00 44.14 ? 249 GLY A N   1 
ATOM   597 C  CA  . GLY A 1 80  ? -7.391  -4.960  4.737   1.00 43.03 ? 249 GLY A CA  1 
ATOM   598 C  C   . GLY A 1 80  ? -7.042  -4.430  6.122   1.00 46.76 ? 249 GLY A C   1 
ATOM   599 O  O   . GLY A 1 80  ? -7.663  -4.869  7.101   1.00 46.90 ? 249 GLY A O   1 
ATOM   600 N  N   . THR A 1 81  ? -6.070  -3.497  6.214   1.00 37.13 ? 250 THR A N   1 
ATOM   601 C  CA  . THR A 1 81  ? -5.660  -2.899  7.486   1.00 34.86 ? 250 THR A CA  1 
ATOM   602 C  C   . THR A 1 81  ? -6.189  -1.474  7.610   1.00 33.76 ? 250 THR A C   1 
ATOM   603 O  O   . THR A 1 81  ? -6.035  -0.859  8.632   1.00 39.52 ? 250 THR A O   1 
ATOM   604 C  CB  . THR A 1 81  ? -4.141  -2.923  7.670   1.00 37.48 ? 250 THR A CB  1 
ATOM   605 O  OG1 . THR A 1 81  ? -3.517  -1.882  6.904   1.00 34.05 ? 250 THR A OG1 1 
ATOM   606 C  CG2 . THR A 1 81  ? -3.545  -4.269  7.322   1.00 37.47 ? 250 THR A CG2 1 
ATOM   607 N  N   . ILE A 1 82  ? -6.790  -0.944  6.542   1.00 36.86 ? 251 ILE A N   1 
ATOM   608 C  CA  . ILE A 1 82  ? -7.314  0.405   6.539   1.00 36.19 ? 251 ILE A CA  1 
ATOM   609 C  C   . ILE A 1 82  ? -8.630  0.427   7.341   1.00 39.38 ? 251 ILE A C   1 
ATOM   610 O  O   . ILE A 1 82  ? -9.589  -0.284  7.006   1.00 35.68 ? 251 ILE A O   1 
ATOM   611 C  CB  . ILE A 1 82  ? -7.539  0.903   5.100   1.00 35.39 ? 251 ILE A CB  1 
ATOM   612 C  CG1 . ILE A 1 82  ? -6.239  0.886   4.292   1.00 35.52 ? 251 ILE A CG1 1 
ATOM   613 C  CG2 . ILE A 1 82  ? -8.189  2.273   5.087   1.00 35.05 ? 251 ILE A CG2 1 
ATOM   614 C  CD1 . ILE A 1 82  ? -6.422  1.311   2.863   1.00 35.35 ? 251 ILE A CD1 1 
ATOM   615 N  N   . THR A 1 83  ? -8.662  1.271   8.373   1.00 41.12 ? 252 THR A N   1 
ATOM   616 C  CA  . THR A 1 83  ? -9.837  1.486   9.222   1.00 43.85 ? 252 THR A CA  1 
ATOM   617 C  C   . THR A 1 83  ? -10.051 2.993   9.330   1.00 49.31 ? 252 THR A C   1 
ATOM   618 O  O   . THR A 1 83  ? -9.229  3.768   8.838   1.00 46.66 ? 252 THR A O   1 
ATOM   619 C  CB  . THR A 1 83  ? -9.639  0.850   10.606  1.00 39.35 ? 252 THR A CB  1 
ATOM   620 O  OG1 . THR A 1 83  ? -8.825  1.741   11.361  1.00 40.99 ? 252 THR A OG1 1 
ATOM   621 C  CG2 . THR A 1 83  ? -8.990  -0.519  10.604  1.00 38.76 ? 252 THR A CG2 1 
ATOM   622 N  N   . PRO A 1 84  ? -11.130 3.476   9.993   1.00 53.27 ? 253 PRO A N   1 
ATOM   623 C  CA  . PRO A 1 84  ? -11.227 4.896   10.347  1.00 51.22 ? 253 PRO A CA  1 
ATOM   624 C  C   . PRO A 1 84  ? -9.999  5.456   11.091  1.00 46.71 ? 253 PRO A C   1 
ATOM   625 O  O   . PRO A 1 84  ? -9.650  6.620   10.918  1.00 47.94 ? 253 PRO A O   1 
ATOM   626 C  CB  . PRO A 1 84  ? -12.472 4.933   11.251  1.00 55.01 ? 253 PRO A CB  1 
ATOM   627 C  CG  . PRO A 1 84  ? -13.332 3.778   10.749  1.00 52.46 ? 253 PRO A CG  1 
ATOM   628 C  CD  . PRO A 1 84  ? -12.334 2.708   10.371  1.00 53.47 ? 253 PRO A CD  1 
ATOM   629 N  N   . ASP A 1 85  ? -9.341  4.622   11.901  1.00 46.00 ? 254 ASP A N   1 
ATOM   630 C  CA  . ASP A 1 85  ? -8.310  5.097   12.833  1.00 51.14 ? 254 ASP A CA  1 
ATOM   631 C  C   . ASP A 1 85  ? -6.912  5.013   12.198  1.00 51.66 ? 254 ASP A C   1 
ATOM   632 O  O   . ASP A 1 85  ? -5.946  5.490   12.786  1.00 51.59 ? 254 ASP A O   1 
ATOM   633 C  CB  . ASP A 1 85  ? -8.359  4.336   14.168  1.00 53.69 ? 254 ASP A CB  1 
ATOM   634 C  CG  . ASP A 1 85  ? -9.747  4.231   14.786  1.00 55.75 ? 254 ASP A CG  1 
ATOM   635 O  OD1 . ASP A 1 85  ? -10.532 5.186   14.659  1.00 50.63 ? 254 ASP A OD1 1 
ATOM   636 O  OD2 . ASP A 1 85  ? -10.043 3.176   15.355  1.00 63.91 ? 254 ASP A OD2 1 
ATOM   637 N  N   . GLY A 1 86  ? -6.794  4.409   11.009  1.00 46.53 ? 255 GLY A N   1 
ATOM   638 C  CA  . GLY A 1 86  ? -5.527  4.394   10.282  1.00 43.20 ? 255 GLY A CA  1 
ATOM   639 C  C   . GLY A 1 86  ? -5.355  3.115   9.483   1.00 40.72 ? 255 GLY A C   1 
ATOM   640 O  O   . GLY A 1 86  ? -6.331  2.581   8.946   1.00 34.94 ? 255 GLY A O   1 
ATOM   641 N  N   . ALA A 1 87  ? -4.110  2.623   9.438   1.00 34.27 ? 256 ALA A N   1 
ATOM   642 C  CA  . ALA A 1 87  ? -3.732  1.490   8.608   1.00 35.93 ? 256 ALA A CA  1 
ATOM   643 C  C   . ALA A 1 87  ? -2.254  1.189   8.812   1.00 34.11 ? 256 ALA A C   1 
ATOM   644 O  O   . ALA A 1 87  ? -1.513  2.014   9.317   1.00 33.64 ? 256 ALA A O   1 
ATOM   645 C  CB  . ALA A 1 87  ? -3.973  1.813   7.152   1.00 35.23 ? 256 ALA A CB  1 
ATOM   646 N  N   . ASP A 1 88  ? -1.846  0.012   8.352   1.00 32.71 ? 257 ASP A N   1 
ATOM   647 C  CA  . ASP A 1 88  ? -0.458  -0.357  8.321   1.00 30.95 ? 257 ASP A CA  1 
ATOM   648 C  C   . ASP A 1 88  ? 0.221   0.169   7.040   1.00 29.70 ? 257 ASP A C   1 
ATOM   649 O  O   . ASP A 1 88  ? -0.117  -0.274  5.933   1.00 29.17 ? 257 ASP A O   1 
ATOM   650 C  CB  . ASP A 1 88  ? -0.311  -1.873  8.382   1.00 32.75 ? 257 ASP A CB  1 
ATOM   651 C  CG  . ASP A 1 88  ? -0.579  -2.472  9.761   1.00 38.36 ? 257 ASP A CG  1 
ATOM   652 O  OD1 . ASP A 1 88  ? -0.392  -1.746  10.795  1.00 40.25 ? 257 ASP A OD1 1 
ATOM   653 O  OD2 . ASP A 1 88  ? -0.917  -3.663  9.792   1.00 35.58 ? 257 ASP A OD2 1 
ATOM   654 N  N   . VAL A 1 89  ? 1.241   1.014   7.237   1.00 26.66 ? 258 VAL A N   1 
ATOM   655 C  CA  . VAL A 1 89  ? 2.026   1.615   6.205   1.00 28.90 ? 258 VAL A CA  1 
ATOM   656 C  C   . VAL A 1 89  ? 3.490   1.210   6.377   1.00 26.85 ? 258 VAL A C   1 
ATOM   657 O  O   . VAL A 1 89  ? 4.084   1.414   7.450   1.00 29.50 ? 258 VAL A O   1 
ATOM   658 C  CB  . VAL A 1 89  ? 1.902   3.149   6.216   1.00 26.52 ? 258 VAL A CB  1 
ATOM   659 C  CG1 . VAL A 1 89  ? 2.633   3.740   5.053   1.00 27.70 ? 258 VAL A CG1 1 
ATOM   660 C  CG2 . VAL A 1 89  ? 0.449   3.606   6.226   1.00 30.40 ? 258 VAL A CG2 1 
ATOM   661 N  N   . TYR A 1 90  ? 4.033   0.616   5.316   1.00 25.63 ? 259 TYR A N   1 
ATOM   662 C  CA  . TYR A 1 90  ? 5.424   0.217   5.260   1.00 25.82 ? 259 TYR A CA  1 
ATOM   663 C  C   . TYR A 1 90  ? 6.190   1.140   4.338   1.00 25.32 ? 259 TYR A C   1 
ATOM   664 O  O   . TYR A 1 90  ? 5.663   1.539   3.289   1.00 28.50 ? 259 TYR A O   1 
ATOM   665 C  CB  . TYR A 1 90  ? 5.553   -1.241  4.810   1.00 27.05 ? 259 TYR A CB  1 
ATOM   666 C  CG  . TYR A 1 90  ? 6.979   -1.712  4.688   1.00 29.11 ? 259 TYR A CG  1 
ATOM   667 C  CD1 . TYR A 1 90  ? 7.773   -1.962  5.802   1.00 32.28 ? 259 TYR A CD1 1 
ATOM   668 C  CD2 . TYR A 1 90  ? 7.546   -1.894  3.437   1.00 32.99 ? 259 TYR A CD2 1 
ATOM   669 C  CE1 . TYR A 1 90  ? 9.089   -2.393  5.659   1.00 36.10 ? 259 TYR A CE1 1 
ATOM   670 C  CE2 . TYR A 1 90  ? 8.855   -2.310  3.277   1.00 33.32 ? 259 TYR A CE2 1 
ATOM   671 C  CZ  . TYR A 1 90  ? 9.631   -2.563  4.387   1.00 38.56 ? 259 TYR A CZ  1 
ATOM   672 O  OH  . TYR A 1 90  ? 10.916  -2.955  4.138   1.00 42.37 ? 259 TYR A OH  1 
ATOM   673 N  N   . SER A 1 91  ? 7.423   1.471   4.740   1.00 26.05 ? 260 SER A N   1 
ATOM   674 C  CA  . SER A 1 91  ? 8.398   2.231   3.915   1.00 26.88 ? 260 SER A CA  1 
ATOM   675 C  C   . SER A 1 91  ? 9.524   1.282   3.470   1.00 29.94 ? 260 SER A C   1 
ATOM   676 O  O   . SER A 1 91  ? 10.190  0.670   4.322   1.00 28.47 ? 260 SER A O   1 
ATOM   677 C  CB  . SER A 1 91  ? 8.957   3.380   4.664   1.00 24.61 ? 260 SER A CB  1 
ATOM   678 O  OG  . SER A 1 91  ? 9.908   4.084   3.888   1.00 26.76 ? 260 SER A OG  1 
ATOM   679 N  N   . TYR A 1 92  ? 9.653   1.103   2.153   1.00 26.27 ? 261 TYR A N   1 
ATOM   680 C  CA  . TYR A 1 92  ? 10.652  0.223   1.534   1.00 30.07 ? 261 TYR A CA  1 
ATOM   681 C  C   . TYR A 1 92  ? 12.019  0.880   1.739   1.00 30.71 ? 261 TYR A C   1 
ATOM   682 O  O   . TYR A 1 92  ? 13.024  0.250   1.927   1.00 33.18 ? 261 TYR A O   1 
ATOM   683 C  CB  . TYR A 1 92  ? 10.362  0.056   0.036   1.00 27.71 ? 261 TYR A CB  1 
ATOM   684 C  CG  . TYR A 1 92  ? 9.275   -0.941  -0.309  1.00 27.53 ? 261 TYR A CG  1 
ATOM   685 C  CD1 . TYR A 1 92  ? 9.499   -2.308  -0.217  1.00 24.89 ? 261 TYR A CD1 1 
ATOM   686 C  CD2 . TYR A 1 92  ? 8.013   -0.521  -0.694  1.00 26.22 ? 261 TYR A CD2 1 
ATOM   687 C  CE1 . TYR A 1 92  ? 8.506   -3.222  -0.531  1.00 27.49 ? 261 TYR A CE1 1 
ATOM   688 C  CE2 . TYR A 1 92  ? 7.003   -1.423  -1.011  1.00 27.55 ? 261 TYR A CE2 1 
ATOM   689 C  CZ  . TYR A 1 92  ? 7.250   -2.785  -0.926  1.00 26.77 ? 261 TYR A CZ  1 
ATOM   690 O  OH  . TYR A 1 92  ? 6.263   -3.668  -1.219  1.00 24.55 ? 261 TYR A OH  1 
ATOM   691 N  N   . ASP A 1 93  ? 11.963  2.198   1.667   1.00 32.14 ? 262 ASP A N   1 
ATOM   692 C  CA  . ASP A 1 93  ? 13.037  3.137   1.725   1.00 37.30 ? 262 ASP A CA  1 
ATOM   693 C  C   . ASP A 1 93  ? 13.670  3.128   3.115   1.00 38.37 ? 262 ASP A C   1 
ATOM   694 O  O   . ASP A 1 93  ? 14.864  3.110   3.249   1.00 41.71 ? 262 ASP A O   1 
ATOM   695 C  CB  . ASP A 1 93  ? 12.453  4.540   1.497   1.00 37.98 ? 262 ASP A CB  1 
ATOM   696 C  CG  . ASP A 1 93  ? 13.525  5.555   1.268   1.00 45.08 ? 262 ASP A CG  1 
ATOM   697 O  OD1 . ASP A 1 93  ? 14.609  5.137   0.874   1.00 58.97 ? 262 ASP A OD1 1 
ATOM   698 O  OD2 . ASP A 1 93  ? 13.291  6.721   1.545   1.00 59.07 ? 262 ASP A OD2 1 
ATOM   699 N  N   . GLU A 1 94  ? 12.825  3.224   4.140   1.00 34.49 ? 263 GLU A N   1 
ATOM   700 C  CA  . GLU A 1 94  ? 13.263  3.351   5.524   1.00 36.40 ? 263 GLU A CA  1 
ATOM   701 C  C   . GLU A 1 94  ? 13.261  1.972   6.182   1.00 37.64 ? 263 GLU A C   1 
ATOM   702 O  O   . GLU A 1 94  ? 13.633  1.827   7.333   1.00 39.01 ? 263 GLU A O   1 
ATOM   703 C  CB  . GLU A 1 94  ? 12.354  4.331   6.265   1.00 33.20 ? 263 GLU A CB  1 
ATOM   704 C  CG  . GLU A 1 94  ? 12.420  5.732   5.691   1.00 32.27 ? 263 GLU A CG  1 
ATOM   705 C  CD  . GLU A 1 94  ? 11.165  6.557   5.900   1.00 35.20 ? 263 GLU A CD  1 
ATOM   706 O  OE1 . GLU A 1 94  ? 11.256  7.563   6.670   1.00 32.64 ? 263 GLU A OE1 1 
ATOM   707 O  OE2 . GLU A 1 94  ? 10.096  6.206   5.288   1.00 30.95 ? 263 GLU A OE2 1 
ATOM   708 N  N   . ASP A 1 95  ? 12.782  0.972   5.447   1.00 39.44 ? 264 ASP A N   1 
ATOM   709 C  CA  . ASP A 1 95  ? 12.662  -0.408  5.898   1.00 39.88 ? 264 ASP A CA  1 
ATOM   710 C  C   . ASP A 1 95  ? 12.014  -0.475  7.287   1.00 40.70 ? 264 ASP A C   1 
ATOM   711 O  O   . ASP A 1 95  ? 12.517  -1.158  8.174   1.00 39.54 ? 264 ASP A O   1 
ATOM   712 C  CB  . ASP A 1 95  ? 14.002  -1.159  5.834   1.00 42.83 ? 264 ASP A CB  1 
ATOM   713 C  CG  . ASP A 1 95  ? 13.875  -2.659  6.106   1.00 48.41 ? 264 ASP A CG  1 
ATOM   714 O  OD1 . ASP A 1 95  ? 12.709  -3.208  6.110   1.00 42.72 ? 264 ASP A OD1 1 
ATOM   715 O  OD2 . ASP A 1 95  ? 14.927  -3.274  6.378   1.00 52.00 ? 264 ASP A OD2 1 
ATOM   716 N  N   . ASP A 1 96  ? 10.832  0.128   7.441   1.00 37.45 ? 265 ASP A N   1 
ATOM   717 C  CA  . ASP A 1 96  ? 10.070  0.033   8.701   1.00 35.55 ? 265 ASP A CA  1 
ATOM   718 C  C   . ASP A 1 96  ? 8.583   0.232   8.446   1.00 33.10 ? 265 ASP A C   1 
ATOM   719 O  O   . ASP A 1 96  ? 8.195   0.806   7.422   1.00 34.48 ? 265 ASP A O   1 
ATOM   720 C  CB  . ASP A 1 96  ? 10.469  1.148   9.669   1.00 44.92 ? 265 ASP A CB  1 
ATOM   721 C  CG  . ASP A 1 96  ? 11.442  0.698   10.730  1.00 53.00 ? 265 ASP A CG  1 
ATOM   722 O  OD1 . ASP A 1 96  ? 11.078  -0.260  11.451  1.00 53.17 ? 265 ASP A OD1 1 
ATOM   723 O  OD2 . ASP A 1 96  ? 12.549  1.289   10.792  1.00 56.96 ? 265 ASP A OD2 1 
ATOM   724 N  N   . MET A 1 97  ? 7.773   -0.168  9.420   1.00 31.08 ? 266 MET A N   1 
ATOM   725 C  CA  . MET A 1 97  ? 6.431   0.322   9.510   1.00 32.54 ? 266 MET A CA  1 
ATOM   726 C  C   . MET A 1 97  ? 6.520   1.788   9.944   1.00 35.93 ? 266 MET A C   1 
ATOM   727 O  O   . MET A 1 97  ? 7.312   2.127   10.825  1.00 37.56 ? 266 MET A O   1 
ATOM   728 C  CB  . MET A 1 97  ? 5.586   -0.451  10.505  1.00 33.66 ? 266 MET A CB  1 
ATOM   729 C  CG  . MET A 1 97  ? 5.555   -1.939  10.241  1.00 34.62 ? 266 MET A CG  1 
ATOM   730 S  SD  . MET A 1 97  ? 5.041   -2.323  8.556   1.00 35.47 ? 266 MET A SD  1 
ATOM   731 C  CE  . MET A 1 97  ? 3.268   -2.084  8.661   1.00 31.36 ? 266 MET A CE  1 
ATOM   732 N  N   . VAL A 1 98  ? 5.746   2.649   9.279   1.00 31.61 ? 267 VAL A N   1 
ATOM   733 C  CA  . VAL A 1 98  ? 5.873   4.077   9.461   1.00 30.09 ? 267 VAL A CA  1 
ATOM   734 C  C   . VAL A 1 98  ? 4.515   4.709   9.708   1.00 28.86 ? 267 VAL A C   1 
ATOM   735 O  O   . VAL A 1 98  ? 3.478   4.113   9.484   1.00 27.57 ? 267 VAL A O   1 
ATOM   736 C  CB  . VAL A 1 98  ? 6.585   4.723   8.265   1.00 31.70 ? 267 VAL A CB  1 
ATOM   737 C  CG1 . VAL A 1 98  ? 8.064   4.350   8.224   1.00 31.28 ? 267 VAL A CG1 1 
ATOM   738 C  CG2 . VAL A 1 98  ? 5.910   4.408   6.948   1.00 33.44 ? 267 VAL A CG2 1 
ATOM   739 N  N   . LEU A 1 99  ? 4.565   5.971   10.132  1.00 28.87 ? 268 LEU A N   1 
ATOM   740 C  CA  . LEU A 1 99  ? 3.395   6.765   10.184  1.00 30.39 ? 268 LEU A CA  1 
ATOM   741 C  C   . LEU A 1 99  ? 3.338   7.616   8.910   1.00 28.46 ? 268 LEU A C   1 
ATOM   742 O  O   . LEU A 1 99  ? 4.350   8.157   8.478   1.00 25.79 ? 268 LEU A O   1 
ATOM   743 C  CB  . LEU A 1 99  ? 3.480   7.650   11.424  1.00 31.29 ? 268 LEU A CB  1 
ATOM   744 C  CG  . LEU A 1 99  ? 2.638   7.291   12.646  1.00 34.06 ? 268 LEU A CG  1 
ATOM   745 C  CD1 . LEU A 1 99  ? 2.440   5.816   12.840  1.00 34.43 ? 268 LEU A CD1 1 
ATOM   746 C  CD2 . LEU A 1 99  ? 3.254   7.948   13.891  1.00 35.51 ? 268 LEU A CD2 1 
ATOM   747 N  N   . ASP A 1 100 ? 2.138   7.726   8.345   1.00 25.07 ? 269 ASP A N   1 
ATOM   748 C  CA  . ASP A 1 100 ? 1.831   8.663   7.255   1.00 26.50 ? 269 ASP A CA  1 
ATOM   749 C  C   . ASP A 1 100 ? 0.640   9.515   7.687   1.00 27.61 ? 269 ASP A C   1 
ATOM   750 O  O   . ASP A 1 100 ? -0.506  9.105   7.531   1.00 27.70 ? 269 ASP A O   1 
ATOM   751 C  CB  . ASP A 1 100 ? 1.515   7.947   5.951   1.00 24.67 ? 269 ASP A CB  1 
ATOM   752 C  CG  . ASP A 1 100 ? 1.055   8.896   4.868   1.00 31.51 ? 269 ASP A CG  1 
ATOM   753 O  OD1 . ASP A 1 100 ? 1.210   10.140  5.070   1.00 27.13 ? 269 ASP A OD1 1 
ATOM   754 O  OD2 . ASP A 1 100 ? 0.541   8.395   3.856   1.00 28.80 ? 269 ASP A OD2 1 
ATOM   755 N  N   . PRO A 1 101 ? 0.864   10.663  8.347   1.00 28.30 ? 270 PRO A N   1 
ATOM   756 C  CA  . PRO A 1 101 ? -0.246  11.444  8.882   1.00 30.81 ? 270 PRO A CA  1 
ATOM   757 C  C   . PRO A 1 101 ? -1.032  12.103  7.748   1.00 34.55 ? 270 PRO A C   1 
ATOM   758 O  O   . PRO A 1 101 ? -2.171  12.504  7.997   1.00 37.21 ? 270 PRO A O   1 
ATOM   759 C  CB  . PRO A 1 101 ? 0.373   12.481  9.830   1.00 31.16 ? 270 PRO A CB  1 
ATOM   760 C  CG  . PRO A 1 101 ? 1.829   12.012  9.998   1.00 31.82 ? 270 PRO A CG  1 
ATOM   761 C  CD  . PRO A 1 101 ? 2.170   11.172  8.786   1.00 30.80 ? 270 PRO A CD  1 
ATOM   762 N  N   . SER A 1 102 ? -0.502  12.100  6.514   1.00 30.68 ? 271 SER A N   1 
ATOM   763 C  CA  . SER A 1 102 ? -1.325  12.490  5.354   1.00 33.27 ? 271 SER A CA  1 
ATOM   764 C  C   . SER A 1 102 ? -2.047  11.279  4.717   1.00 33.15 ? 271 SER A C   1 
ATOM   765 O  O   . SER A 1 102 ? -2.512  11.370  3.568   1.00 34.58 ? 271 SER A O   1 
ATOM   766 C  CB  . SER A 1 102 ? -0.506  13.258  4.337   1.00 36.09 ? 271 SER A CB  1 
ATOM   767 O  OG  . SER A 1 102 ? 0.066   14.452  4.880   1.00 39.69 ? 271 SER A OG  1 
ATOM   768 N  N   . LEU A 1 103 ? -2.171  10.144  5.424   1.00 34.40 ? 272 LEU A N   1 
ATOM   769 C  CA  . LEU A 1 103 ? -2.706  8.891   4.805   1.00 33.42 ? 272 LEU A CA  1 
ATOM   770 C  C   . LEU A 1 103 ? -4.100  9.080   4.182   1.00 35.97 ? 272 LEU A C   1 
ATOM   771 O  O   . LEU A 1 103 ? -4.423  8.486   3.096   1.00 28.96 ? 272 LEU A O   1 
ATOM   772 C  CB  . LEU A 1 103 ? -2.778  7.776   5.847   1.00 36.26 ? 272 LEU A CB  1 
ATOM   773 C  CG  . LEU A 1 103 ? -3.208  6.420   5.285   1.00 34.59 ? 272 LEU A CG  1 
ATOM   774 C  CD1 . LEU A 1 103 ? -2.237  5.936   4.213   1.00 36.46 ? 272 LEU A CD1 1 
ATOM   775 C  CD2 . LEU A 1 103 ? -3.382  5.393   6.388   1.00 34.35 ? 272 LEU A CD2 1 
ATOM   776 N  N   . ALA A 1 104 ? -4.948  9.874   4.849   1.00 34.95 ? 273 ALA A N   1 
ATOM   777 C  CA  . ALA A 1 104 ? -6.341  10.032  4.410   1.00 38.54 ? 273 ALA A CA  1 
ATOM   778 C  C   . ALA A 1 104 ? -6.340  10.769  3.071   1.00 35.82 ? 273 ALA A C   1 
ATOM   779 O  O   . ALA A 1 104 ? -7.054  10.375  2.164   1.00 35.84 ? 273 ALA A O   1 
ATOM   780 C  CB  . ALA A 1 104 ? -7.169  10.755  5.456   1.00 41.79 ? 273 ALA A CB  1 
ATOM   781 N  N   . GLU A 1 105 ? -5.434  11.738  2.938   1.00 37.09 ? 274 GLU A N   1 
ATOM   782 C  CA  . GLU A 1 105 ? -5.287  12.522  1.726   1.00 38.91 ? 274 GLU A CA  1 
ATOM   783 C  C   . GLU A 1 105 ? -4.748  11.607  0.617   1.00 39.94 ? 274 GLU A C   1 
ATOM   784 O  O   . GLU A 1 105 ? -5.307  11.564  -0.477  1.00 38.95 ? 274 GLU A O   1 
ATOM   785 C  CB  . GLU A 1 105 ? -4.344  13.711  1.916   1.00 37.40 ? 274 GLU A CB  1 
ATOM   786 C  CG  . GLU A 1 105 ? -4.302  14.640  0.713   1.00 40.45 ? 274 GLU A CG  1 
ATOM   787 N  N   . HIS A 1 106 ? -3.663  10.886  0.939   1.00 32.68 ? 275 HIS A N   1 
ATOM   788 C  CA  . HIS A 1 106 ? -2.997  9.953   0.000   1.00 29.93 ? 275 HIS A CA  1 
ATOM   789 C  C   . HIS A 1 106 ? -4.001  8.948   -0.578  1.00 27.71 ? 275 HIS A C   1 
ATOM   790 O  O   . HIS A 1 106 ? -3.949  8.600   -1.758  1.00 30.37 ? 275 HIS A O   1 
ATOM   791 C  CB  . HIS A 1 106 ? -1.819  9.265   0.679   1.00 28.95 ? 275 HIS A CB  1 
ATOM   792 C  CG  . HIS A 1 106 ? -0.687  10.188  0.947   1.00 26.88 ? 275 HIS A CG  1 
ATOM   793 N  ND1 . HIS A 1 106 ? 0.133   10.048  2.039   1.00 27.13 ? 275 HIS A ND1 1 
ATOM   794 C  CD2 . HIS A 1 106 ? -0.274  11.295  0.304   1.00 29.64 ? 275 HIS A CD2 1 
ATOM   795 C  CE1 . HIS A 1 106 ? 1.039   11.004  2.016   1.00 26.64 ? 275 HIS A CE1 1 
ATOM   796 N  NE2 . HIS A 1 106 ? 0.815   11.774  0.967   1.00 29.05 ? 275 HIS A NE2 1 
ATOM   797 N  N   . LEU A 1 107 ? -4.916  8.492   0.268   1.00 32.55 ? 276 LEU A N   1 
ATOM   798 C  CA  . LEU A 1 107 ? -5.860  7.484   -0.099  1.00 34.28 ? 276 LEU A CA  1 
ATOM   799 C  C   . LEU A 1 107 ? -7.034  8.068   -0.887  1.00 41.90 ? 276 LEU A C   1 
ATOM   800 O  O   . LEU A 1 107 ? -7.542  7.403   -1.809  1.00 34.35 ? 276 LEU A O   1 
ATOM   801 C  CB  . LEU A 1 107 ? -6.348  6.780   1.161   1.00 35.71 ? 276 LEU A CB  1 
ATOM   802 C  CG  . LEU A 1 107 ? -5.317  5.842   1.778   1.00 36.57 ? 276 LEU A CG  1 
ATOM   803 C  CD1 . LEU A 1 107 ? -5.857  5.199   3.035   1.00 37.27 ? 276 LEU A CD1 1 
ATOM   804 C  CD2 . LEU A 1 107 ? -4.885  4.776   0.782   1.00 37.29 ? 276 LEU A CD2 1 
ATOM   805 N  N   . SER A 1 108 ? -7.498  9.266   -0.502  1.00 42.35 ? 277 SER A N   1 
ATOM   806 C  CA  . SER A 1 108 ? -8.616  9.872   -1.188  1.00 41.04 ? 277 SER A CA  1 
ATOM   807 C  C   . SER A 1 108 ? -8.136  10.251  -2.581  1.00 37.30 ? 277 SER A C   1 
ATOM   808 O  O   . SER A 1 108 ? -8.945  10.305  -3.480  1.00 35.43 ? 277 SER A O   1 
ATOM   809 C  CB  . SER A 1 108 ? -9.208  11.039  -0.447  1.00 41.70 ? 277 SER A CB  1 
ATOM   810 O  OG  . SER A 1 108 ? -8.183  11.923  -0.069  1.00 48.73 ? 277 SER A OG  1 
ATOM   811 N  N   . HIS A 1 109 ? -6.813  10.429  -2.760  1.00 33.49 ? 278 HIS A N   1 
ATOM   812 C  CA  . HIS A 1 109 ? -6.237  10.781  -4.084  1.00 31.49 ? 278 HIS A CA  1 
ATOM   813 C  C   . HIS A 1 109 ? -6.553  9.708   -5.133  1.00 30.47 ? 278 HIS A C   1 
ATOM   814 O  O   . HIS A 1 109 ? -6.631  9.988   -6.322  1.00 30.67 ? 278 HIS A O   1 
ATOM   815 C  CB  . HIS A 1 109 ? -4.721  11.048  -3.982  1.00 33.77 ? 278 HIS A CB  1 
ATOM   816 C  CG  . HIS A 1 109 ? -4.057  11.161  -5.310  1.00 34.28 ? 278 HIS A CG  1 
ATOM   817 N  ND1 . HIS A 1 109 ? -3.913  12.368  -5.972  1.00 39.08 ? 278 HIS A ND1 1 
ATOM   818 C  CD2 . HIS A 1 109 ? -3.505  10.228  -6.119  1.00 34.63 ? 278 HIS A CD2 1 
ATOM   819 C  CE1 . HIS A 1 109 ? -3.326  12.163  -7.145  1.00 34.82 ? 278 HIS A CE1 1 
ATOM   820 N  NE2 . HIS A 1 109 ? -3.058  10.863  -7.250  1.00 36.57 ? 278 HIS A NE2 1 
ATOM   821 N  N   . PHE A 1 110 ? -6.673  8.462   -4.688  1.00 32.12 ? 279 PHE A N   1 
ATOM   822 C  CA  . PHE A 1 110 ? -7.100  7.338   -5.503  1.00 30.76 ? 279 PHE A CA  1 
ATOM   823 C  C   . PHE A 1 110 ? -8.585  6.994   -5.236  1.00 32.72 ? 279 PHE A C   1 
ATOM   824 O  O   . PHE A 1 110 ? -8.996  5.861   -5.494  1.00 32.58 ? 279 PHE A O   1 
ATOM   825 C  CB  . PHE A 1 110 ? -6.185  6.125   -5.249  1.00 28.73 ? 279 PHE A CB  1 
ATOM   826 C  CG  . PHE A 1 110 ? -4.727  6.392   -5.576  1.00 30.47 ? 279 PHE A CG  1 
ATOM   827 C  CD1 . PHE A 1 110 ? -4.359  6.837   -6.834  1.00 29.67 ? 279 PHE A CD1 1 
ATOM   828 C  CD2 . PHE A 1 110 ? -3.733  6.213   -4.637  1.00 27.68 ? 279 PHE A CD2 1 
ATOM   829 C  CE1 . PHE A 1 110 ? -3.029  7.065   -7.143  1.00 31.60 ? 279 PHE A CE1 1 
ATOM   830 C  CE2 . PHE A 1 110 ? -2.406  6.468   -4.941  1.00 29.00 ? 279 PHE A CE2 1 
ATOM   831 C  CZ  . PHE A 1 110 ? -2.054  6.889   -6.187  1.00 27.38 ? 279 PHE A CZ  1 
ATOM   832 N  N   . GLY A 1 111 ? -9.374  7.953   -4.727  1.00 37.56 ? 280 GLY A N   1 
ATOM   833 C  CA  . GLY A 1 111 ? -10.828 7.780   -4.521  1.00 35.34 ? 280 GLY A CA  1 
ATOM   834 C  C   . GLY A 1 111 ? -11.175 6.833   -3.389  1.00 39.66 ? 280 GLY A C   1 
ATOM   835 O  O   . GLY A 1 111 ? -12.263 6.295   -3.366  1.00 40.76 ? 280 GLY A O   1 
ATOM   836 N  N   . ILE A 1 112 ? -10.269 6.633   -2.419  1.00 39.55 ? 281 ILE A N   1 
ATOM   837 C  CA  . ILE A 1 112 ? -10.568 5.771   -1.290  1.00 41.26 ? 281 ILE A CA  1 
ATOM   838 C  C   . ILE A 1 112 ? -11.090 6.609   -0.107  1.00 42.21 ? 281 ILE A C   1 
ATOM   839 O  O   . ILE A 1 112 ? -10.484 7.602   0.297   1.00 41.30 ? 281 ILE A O   1 
ATOM   840 C  CB  . ILE A 1 112 ? -9.356  4.924   -0.865  1.00 43.40 ? 281 ILE A CB  1 
ATOM   841 C  CG1 . ILE A 1 112 ? -8.963  3.907   -1.942  1.00 46.70 ? 281 ILE A CG1 1 
ATOM   842 C  CG2 . ILE A 1 112 ? -9.625  4.241   0.470   1.00 43.30 ? 281 ILE A CG2 1 
ATOM   843 C  CD1 . ILE A 1 112 ? -7.638  3.203   -1.674  1.00 41.83 ? 281 ILE A CD1 1 
ATOM   844 N  N   . ASP A 1 113 ? -12.218 6.136   0.433   1.00 43.26 ? 282 ASP A N   1 
ATOM   845 C  CA  . ASP A 1 113 ? -12.844 6.587   1.658   1.00 43.51 ? 282 ASP A CA  1 
ATOM   846 C  C   . ASP A 1 113 ? -12.479 5.592   2.751   1.00 39.80 ? 282 ASP A C   1 
ATOM   847 O  O   . ASP A 1 113 ? -12.942 4.439   2.702   1.00 42.70 ? 282 ASP A O   1 
ATOM   848 C  CB  . ASP A 1 113 ? -14.366 6.619   1.502   1.00 47.31 ? 282 ASP A CB  1 
ATOM   849 C  CG  . ASP A 1 113 ? -15.146 7.047   2.743   1.00 51.21 ? 282 ASP A CG  1 
ATOM   850 O  OD1 . ASP A 1 113 ? -14.524 7.217   3.824   1.00 44.96 ? 282 ASP A OD1 1 
ATOM   851 O  OD2 . ASP A 1 113 ? -16.386 7.183   2.614   1.00 53.65 ? 282 ASP A OD2 1 
ATOM   852 N  N   . MET A 1 114 ? -11.674 6.039   3.730   1.00 41.69 ? 283 MET A N   1 
ATOM   853 C  CA  . MET A 1 114 ? -11.159 5.152   4.799   1.00 45.79 ? 283 MET A CA  1 
ATOM   854 C  C   . MET A 1 114 ? -12.305 4.579   5.638   1.00 47.70 ? 283 MET A C   1 
ATOM   855 O  O   . MET A 1 114 ? -12.137 3.545   6.307   1.00 50.44 ? 283 MET A O   1 
ATOM   856 C  CB  . MET A 1 114 ? -10.187 5.880   5.734   1.00 42.03 ? 283 MET A CB  1 
ATOM   857 C  CG  . MET A 1 114 ? -8.928  6.370   5.042   1.00 41.28 ? 283 MET A CG  1 
ATOM   858 S  SD  . MET A 1 114 ? -7.679  7.031   6.181   1.00 41.64 ? 283 MET A SD  1 
ATOM   859 C  CE  . MET A 1 114 ? -7.203  5.558   7.077   1.00 40.16 ? 283 MET A CE  1 
ATOM   860 N  N   . LEU A 1 115 ? -13.456 5.260   5.609   1.00 53.66 ? 284 LEU A N   1 
ATOM   861 C  CA  . LEU A 1 115 ? -14.610 4.858   6.417   1.00 59.04 ? 284 LEU A CA  1 
ATOM   862 C  C   . LEU A 1 115 ? -15.291 3.646   5.765   1.00 55.24 ? 284 LEU A C   1 
ATOM   863 O  O   . LEU A 1 115 ? -15.966 2.908   6.455   1.00 64.74 ? 284 LEU A O   1 
ATOM   864 C  CB  . LEU A 1 115 ? -15.576 6.045   6.567   1.00 61.08 ? 284 LEU A CB  1 
ATOM   865 C  CG  . LEU A 1 115 ? -14.943 7.381   6.980   1.00 64.79 ? 284 LEU A CG  1 
ATOM   866 C  CD1 . LEU A 1 115 ? -15.871 8.554   6.678   1.00 67.20 ? 284 LEU A CD1 1 
ATOM   867 C  CD2 . LEU A 1 115 ? -14.540 7.369   8.446   1.00 63.49 ? 284 LEU A CD2 1 
ATOM   868 N  N   . LYS A 1 116 ? -15.064 3.429   4.457   1.00 55.95 ? 285 LYS A N   1 
ATOM   869 C  CA  . LYS A 1 116 ? -15.760 2.413   3.657   1.00 52.45 ? 285 LYS A CA  1 
ATOM   870 C  C   . LYS A 1 116 ? -14.918 1.140   3.418   1.00 54.72 ? 285 LYS A C   1 
ATOM   871 O  O   . LYS A 1 116 ? -15.446 0.184   2.867   1.00 58.91 ? 285 LYS A O   1 
ATOM   872 C  CB  . LYS A 1 116 ? -16.184 3.035   2.323   1.00 52.89 ? 285 LYS A CB  1 
ATOM   873 C  CG  . LYS A 1 116 ? -17.330 4.041   2.400   1.00 53.97 ? 285 LYS A CG  1 
ATOM   874 C  CD  . LYS A 1 116 ? -18.710 3.451   2.158   1.00 51.51 ? 285 LYS A CD  1 
ATOM   875 N  N   . MET A 1 117 ? -13.644 1.082   3.843   1.00 55.16 ? 286 MET A N   1 
ATOM   876 C  CA  . MET A 1 117 ? -12.774 -0.098  3.547   1.00 53.70 ? 286 MET A CA  1 
ATOM   877 C  C   . MET A 1 117 ? -13.039 -1.251  4.536   1.00 55.35 ? 286 MET A C   1 
ATOM   878 O  O   . MET A 1 117 ? -13.140 -1.011  5.729   1.00 52.02 ? 286 MET A O   1 
ATOM   879 C  CB  . MET A 1 117 ? -11.295 0.291   3.634   1.00 54.69 ? 286 MET A CB  1 
ATOM   880 C  CG  . MET A 1 117 ? -10.836 1.152   2.495   1.00 57.12 ? 286 MET A CG  1 
ATOM   881 S  SD  . MET A 1 117 ? -10.514 0.189   0.994   1.00 54.55 ? 286 MET A SD  1 
ATOM   882 C  CE  . MET A 1 117 ? -11.517 1.121   -0.162  1.00 62.76 ? 286 MET A CE  1 
ATOM   883 N  N   . GLN A 1 118 ? -13.093 -2.507  4.057   1.00 51.04 ? 287 GLN A N   1 
ATOM   884 C  CA  . GLN A 1 118 ? -13.327 -3.672  4.954   1.00 52.57 ? 287 GLN A CA  1 
ATOM   885 C  C   . GLN A 1 118 ? -12.007 -4.047  5.641   1.00 52.81 ? 287 GLN A C   1 
ATOM   886 O  O   . GLN A 1 118 ? -10.959 -4.067  4.991   1.00 50.00 ? 287 GLN A O   1 
ATOM   887 C  CB  . GLN A 1 118 ? -13.908 -4.878  4.197   1.00 52.62 ? 287 GLN A CB  1 
ATOM   888 N  N   . LYS A 1 119 ? -12.063 -4.348  6.944   1.00 51.32 ? 288 LYS A N   1 
ATOM   889 C  CA  . LYS A 1 119 ? -10.912 -4.904  7.692   1.00 55.29 ? 288 LYS A CA  1 
ATOM   890 C  C   . LYS A 1 119 ? -10.839 -6.412  7.386   1.00 57.81 ? 288 LYS A C   1 
ATOM   891 O  O   . LYS A 1 119 ? -11.865 -7.012  7.206   1.00 60.73 ? 288 LYS A O   1 
ATOM   892 C  CB  . LYS A 1 119 ? -11.068 -4.578  9.187   1.00 55.58 ? 288 LYS A CB  1 
ATOM   893 C  CG  . LYS A 1 119 ? -9.808  -4.737  10.041  1.00 60.10 ? 288 LYS A CG  1 
ATOM   894 C  CD  . LYS A 1 119 ? -9.922  -4.165  11.463  1.00 66.71 ? 288 LYS A CD  1 
ATOM   895 C  CE  . LYS A 1 119 ? -8.925  -4.741  12.453  1.00 62.59 ? 288 LYS A CE  1 
ATOM   896 N  N   . THR A 1 120 ? -9.641  -7.015  7.299   1.00 61.47 ? 289 THR A N   1 
ATOM   897 C  CA  . THR A 1 120 ? -9.510  -8.483  7.053   1.00 61.96 ? 289 THR A CA  1 
ATOM   898 C  C   . THR A 1 120 ? -8.848  -9.187  8.239   1.00 62.66 ? 289 THR A C   1 
ATOM   899 O  O   . THR A 1 120 ? -8.531  -8.550  9.226   1.00 71.16 ? 289 THR A O   1 
ATOM   900 C  CB  . THR A 1 120 ? -8.667  -8.807  5.819   1.00 64.42 ? 289 THR A CB  1 
ATOM   901 O  OG1 . THR A 1 120 ? -7.349  -8.395  6.183   1.00 63.87 ? 289 THR A OG1 1 
ATOM   902 C  CG2 . THR A 1 120 ? -9.177  -8.142  4.557   1.00 60.08 ? 289 THR A CG2 1 
HETATM 903 X  UNK . UNX B 2 .   ? -0.246  6.309   9.577   1.00 25.53 ? 301 UNX A UNK 1 
HETATM 904 X  UNK . UNX C 2 .   ? 10.109  -15.238 5.866   0.50 12.71 ? 302 UNX A UNK 1 
HETATM 905 X  UNK . UNX D 2 .   ? 10.934  6.544   10.301  1.00 30.87 ? 303 UNX A UNK 1 
HETATM 906 X  UNK . UNX E 2 .   ? 14.587  -3.902  -1.390  1.00 44.46 ? 304 UNX A UNK 1 
HETATM 907 X  UNK . UNX F 2 .   ? -4.557  -7.830  1.518   1.00 32.72 ? 305 UNX A UNK 1 
HETATM 908 X  UNK . UNX G 2 .   ? -4.455  13.133  5.526   1.00 29.21 ? 306 UNX A UNK 1 
HETATM 909 X  UNK . UNX H 2 .   ? 7.860   -1.560  -12.280 1.00 33.21 ? 307 UNX A UNK 1 
HETATM 910 ZN ZN  . ZN  I 3 .   ? 1.519   -10.849 -7.269  1.00 31.75 ? 308 ZN  A ZN  1 
HETATM 911 C  C4  . HH4 J 4 .   ? 8.388   -5.552  7.780   1.00 37.55 ? 309 HH4 A C4  1 
HETATM 912 C  C2  . HH4 J 4 .   ? 7.710   -5.455  10.237  1.00 41.81 ? 309 HH4 A C2  1 
HETATM 913 C  C3  . HH4 J 4 .   ? 9.945   -6.308  9.576   1.00 43.99 ? 309 HH4 A C3  1 
HETATM 914 C  C1  . HH4 J 4 .   ? 8.842   -5.311  9.224   1.00 42.28 ? 309 HH4 A C1  1 
HETATM 915 C  C7  . HH4 J 4 .   ? 7.689   -5.610  5.065   1.00 34.42 ? 309 HH4 A C7  1 
HETATM 916 C  C6  . HH4 J 4 .   ? 9.019   -5.691  5.455   1.00 36.34 ? 309 HH4 A C6  1 
HETATM 917 C  C8  . HH4 J 4 .   ? 6.704   -5.571  6.048   1.00 35.44 ? 309 HH4 A C8  1 
HETATM 918 C  C12 . HH4 J 4 .   ? 5.881   -5.178  1.638   1.00 31.07 ? 309 HH4 A C12 1 
HETATM 919 C  C13 . HH4 J 4 .   ? 6.180   -6.443  0.864   1.00 30.96 ? 309 HH4 A C13 1 
HETATM 920 C  C9  . HH4 J 4 .   ? 7.050   -5.557  7.391   1.00 35.61 ? 309 HH4 A C9  1 
HETATM 921 C  C5  . HH4 J 4 .   ? 9.362   -5.647  6.790   1.00 36.23 ? 309 HH4 A C5  1 
HETATM 922 C  C11 . HH4 J 4 .   ? 5.986   -5.344  3.148   1.00 31.35 ? 309 HH4 A C11 1 
HETATM 923 O  O1  . HH4 J 4 .   ? 6.049   -7.585  1.426   1.00 33.34 ? 309 HH4 A O1  1 
HETATM 924 O  O2  . HH4 J 4 .   ? 8.307   -5.627  2.793   1.00 34.68 ? 309 HH4 A O2  1 
HETATM 925 C  C10 . HH4 J 4 .   ? 7.406   -5.522  3.605   1.00 34.90 ? 309 HH4 A C10 1 
HETATM 926 O  O   . HH4 J 4 .   ? 6.532   -6.271  -0.316  1.00 29.00 ? 309 HH4 A O   1 
HETATM 927 C  C   . HH4 J 4 .   ? 9.451   -3.900  9.311   1.00 44.23 ? 309 HH4 A C   1 
HETATM 928 O  O   . HOH K 5 .   ? 7.577   -8.173  -10.887 1.00 43.99 ? 401 HOH A O   1 
HETATM 929 O  O   . HOH K 5 .   ? 6.095   -6.161  -9.613  1.00 31.56 ? 402 HOH A O   1 
HETATM 930 O  O   . HOH K 5 .   ? -7.853  -9.792  -1.162  1.00 44.15 ? 403 HOH A O   1 
HETATM 931 O  O   . HOH K 5 .   ? -9.079  -2.329  5.209   1.00 37.74 ? 404 HOH A O   1 
HETATM 932 O  O   . HOH K 5 .   ? 10.897  5.681   -10.993 1.00 36.58 ? 405 HOH A O   1 
HETATM 933 O  O   . HOH K 5 .   ? -5.435  -5.254  -8.397  1.00 42.58 ? 406 HOH A O   1 
HETATM 934 O  O   . HOH K 5 .   ? 4.232   -11.212 2.248   1.00 36.07 ? 407 HOH A O   1 
HETATM 935 O  O   . HOH K 5 .   ? -11.474 8.585   4.260   1.00 48.04 ? 408 HOH A O   1 
HETATM 936 O  O   . HOH K 5 .   ? -11.074 4.303   -5.802  1.00 41.36 ? 409 HOH A O   1 
HETATM 937 O  O   . HOH K 5 .   ? 11.299  7.153   -7.504  1.00 47.97 ? 410 HOH A O   1 
HETATM 938 O  O   . HOH K 5 .   ? 13.360  8.430   7.979   1.00 41.88 ? 411 HOH A O   1 
HETATM 939 O  O   . HOH K 5 .   ? 10.282  11.805  9.212   1.00 31.20 ? 412 HOH A O   1 
HETATM 940 O  O   . HOH K 5 .   ? -9.257  8.564   2.448   1.00 40.34 ? 413 HOH A O   1 
HETATM 941 O  O   . HOH K 5 .   ? 8.691   3.972   12.156  1.00 35.89 ? 414 HOH A O   1 
HETATM 942 O  O   . HOH K 5 .   ? 6.509   -7.808  -2.498  1.00 29.79 ? 415 HOH A O   1 
HETATM 943 O  O   . HOH K 5 .   ? -5.930  13.890  -1.627  1.00 58.12 ? 416 HOH A O   1 
HETATM 944 O  O   . HOH K 5 .   ? 15.658  0.038   1.520   1.00 52.78 ? 417 HOH A O   1 
HETATM 945 O  O   . HOH K 5 .   ? 6.413   -23.838 6.900   1.00 32.18 ? 418 HOH A O   1 
HETATM 946 O  O   . HOH K 5 .   ? -8.703  6.836   -8.476  1.00 40.74 ? 419 HOH A O   1 
HETATM 947 O  O   . HOH K 5 .   ? -3.049  -2.041  -9.357  1.00 35.07 ? 420 HOH A O   1 
HETATM 948 O  O   . HOH K 5 .   ? -8.051  -1.959  2.827   1.00 33.03 ? 421 HOH A O   1 
HETATM 949 O  O   . HOH K 5 .   ? 1.927   1.893   9.881   1.00 31.46 ? 422 HOH A O   1 
HETATM 950 O  O   . HOH K 5 .   ? 2.262   13.938  0.091   1.00 40.55 ? 423 HOH A O   1 
HETATM 951 O  O   . HOH K 5 .   ? -4.636  11.425  7.443   1.00 40.04 ? 424 HOH A O   1 
HETATM 952 O  O   . HOH K 5 .   ? 3.997   -8.607  2.943   1.00 29.18 ? 425 HOH A O   1 
HETATM 953 O  O   . HOH K 5 .   ? -0.263  11.912  -12.865 1.00 38.02 ? 426 HOH A O   1 
HETATM 954 O  O   . HOH K 5 .   ? -6.573  -5.922  9.425   1.00 57.70 ? 427 HOH A O   1 
HETATM 955 O  O   . HOH K 5 .   ? 5.030   5.637   -2.272  1.00 24.12 ? 428 HOH A O   1 
HETATM 956 O  O   . HOH K 5 .   ? -6.439  4.171   -8.476  1.00 25.85 ? 429 HOH A O   1 
HETATM 957 O  O   . HOH K 5 .   ? 4.440   -17.554 -2.654  1.00 37.66 ? 430 HOH A O   1 
HETATM 958 O  O   . HOH K 5 .   ? 6.507   9.227   -4.734  1.00 42.06 ? 431 HOH A O   1 
HETATM 959 O  O   . HOH K 5 .   ? 7.802   14.407  4.190   1.00 38.31 ? 432 HOH A O   1 
HETATM 960 O  O   . HOH K 5 .   ? -11.386 -8.533  1.244   1.00 51.68 ? 433 HOH A O   1 
HETATM 961 O  O   . HOH K 5 .   ? 11.282  14.833  1.300   1.00 53.38 ? 434 HOH A O   1 
HETATM 962 O  O   . HOH K 5 .   ? 8.464   8.322   -11.781 1.00 49.51 ? 435 HOH A O   1 
HETATM 963 O  O   . HOH K 5 .   ? -3.757  -15.343 -1.430  1.00 54.14 ? 436 HOH A O   1 
HETATM 964 O  O   . HOH K 5 .   ? 6.009   -12.856 -11.913 1.00 46.83 ? 437 HOH A O   1 
HETATM 965 O  O   . HOH K 5 .   ? 16.135  0.131   -1.158  1.00 55.37 ? 438 HOH A O   1 
HETATM 966 O  O   . HOH K 5 .   ? 1.209   -10.424 8.049   1.00 46.27 ? 439 HOH A O   1 
HETATM 967 O  O   . HOH K 5 .   ? -5.450  9.878   -8.980  1.00 28.07 ? 440 HOH A O   1 
HETATM 968 O  O   . HOH K 5 .   ? 1.901   -19.312 5.315   1.00 43.49 ? 441 HOH A O   1 
HETATM 969 O  O   . HOH K 5 .   ? 9.209   11.782  -0.925  1.00 37.21 ? 442 HOH A O   1 
HETATM 970 O  O   . HOH K 5 .   ? 7.686   11.453  -3.891  1.00 37.51 ? 443 HOH A O   1 
HETATM 971 O  O   . HOH K 5 .   ? 2.337   -1.948  -5.007  1.00 22.99 ? 444 HOH A O   1 
HETATM 972 O  O   . HOH K 5 .   ? -11.736 1.342   -12.737 1.00 43.92 ? 445 HOH A O   1 
HETATM 973 O  O   . HOH K 5 .   ? -5.526  1.842   -8.629  1.00 37.47 ? 446 HOH A O   1 
HETATM 974 O  O   . HOH K 5 .   ? 6.481   -20.571 -4.001  1.00 49.46 ? 447 HOH A O   1 
HETATM 975 O  O   . HOH K 5 .   ? 4.923   -1.372  -4.627  1.00 24.38 ? 448 HOH A O   1 
HETATM 976 O  O   . HOH K 5 .   ? -0.803  -16.545 -9.959  1.00 51.15 ? 449 HOH A O   1 
HETATM 977 O  O   . HOH K 5 .   ? 6.644   17.305  -3.586  1.00 54.06 ? 450 HOH A O   1 
HETATM 978 O  O   . HOH K 5 .   ? -7.691  -5.341  -6.535  1.00 46.00 ? 451 HOH A O   1 
HETATM 979 O  O   . HOH K 5 .   ? -8.182  3.348   -15.263 1.00 31.50 ? 452 HOH A O   1 
HETATM 980 O  O   . HOH K 5 .   ? -4.688  -4.395  10.832  1.00 60.06 ? 453 HOH A O   1 
HETATM 981 O  O   . HOH K 5 .   ? -13.003 5.950   -7.579  1.00 54.36 ? 454 HOH A O   1 
# 
